data_8G6I
#
_entry.id   8G6I
#
_cell.length_a   1.00
_cell.length_b   1.00
_cell.length_c   1.00
_cell.angle_alpha   90.00
_cell.angle_beta   90.00
_cell.angle_gamma   90.00
#
_symmetry.space_group_name_H-M   'P 1'
#
loop_
_entity.id
_entity.type
_entity.pdbx_description
1 polymer 'Coagulation factor VIII chimera from human and pig'
2 polymer 'NB33 light chain'
3 polymer 'NB33 heavy chain'
4 branched 2-acetamido-2-deoxy-beta-D-glucopyranose-(1-4)-2-acetamido-2-deoxy-beta-D-glucopyranose
#
loop_
_entity_poly.entity_id
_entity_poly.type
_entity_poly.pdbx_seq_one_letter_code
_entity_poly.pdbx_strand_id
1 'polypeptide(L)'
;MQLELSTCVFLCLLPLGFSAIRRYYLGAVELSWDYRQSELLRELHVDTRFPATAPGALPLGPSVLYKKTVFVEFTDQLFS
VARPRPPWMGLLGPTIQAEVYDTVVVTLKNMASHPVSLHAVGVSFWKSSEGAEYEDHTSQREKEDDKVLPGKSQTYVWQV
LKENGPTASDPPCLTYSYLSHVDLVKDLNSGLIGALLVCREGSLTRERTQNLHEFVLLFAVFDEGKSWHSARNDSWTRAM
DPAPARAQPAMHTVNGYVNRSLPGLIGCHKKSVYWHVIGMGTSPEVHSIFLEGHTFLVRHHRQASLEISPLTFLTAQTFL
MDLGQFLLFCHISSHHHGGMEAHVRVESCAEEPQLRRKADEEEDYDDNLYDSDMDVVRLDGDDVSPFIQIRSVAKKHPKT
WVHYIAAEEEDWDYAPLVLAPDDRSYKSQYLNNGPQRIGRKYKKVRFMAYTDETFKTREAIQHESGILGPLLYGEVGDTL
LIIFKNQASRPYNIYPHGITDVRPLYSRRLPKGVKHLKDFPILPGEIFKYKWTVTVEDGPTKSDPRCLTRYYSSFVNMER
DLASGLIGPLLICYKESVDQRGNQIMSDKRNVILFSVFDENRSWYLTENIQRFLPNPAGVQLEDPEFQASNIMHSINGYV
FDSLQLSVCLHEVAYWYILSIGAQTDFLSVFFSGYTFKHKMVYEDTLTLFPFSGETVFMSMENPGLWILGCHNSDFRNRG
MTALLKVSSCDKNTGDYYEDSYEDISAYLLSKNNAIEPRSFAQNSRPPSASAPKPPVLRRHQRDISLPTFQPEEDKMDYD
DIFSTETKGEDFDIYGEDENQDPRSFQKRTRHYFIAAVEQLWDYGMSESPRALRNRAQNGEVPRFKKVVFREFADGSFTQ
PSYRGELNKHLGLLGPYIRAEVEDNIMVTFKNQASRPYSFYSSLISYPDDQEQGAEPRHNFVQPNETRTYFWKVQHHMAP
TEDEFDCKAWAYFSDVDLEKDVHSGLIGPLLICRANTLNAAHGRQVTVQEFALFFTIFDETKSWYFTENVERNCRAPCHL
QMEDPTLKENYRFHAINGYVMDTLPGLVMAQNQRIRWYLLSMGSNENIHSIHFSGHVFSVRKKEEYKMAVYNLYPGVFET
VEMLPSKVGIWRIECLIGEHLQAGMSTTFLVYSKKCQTPLGMASGHIRDFQITASGQYGQWAPKLARLHYSGSINAWSTK
EPFSWIKVDLLAPMIIHGIKTQGARQKFSSLYISQFIIMYSLDGKKWQTYRGNSTGTLMVFFGNVDSSGIKHNIFNPPII
ARYIRLHPTHYSIRSTLRMELMGCDLNSCSMPLGMESKAISDAQITASSYFTNMFATWSPSKARLHLQGRSNAWRPQVNN
PKEWLQVDFQKTMKVTGVTTQGVKSLLTSMYVKEFLISSSQDGHQWTLFFQNGKVKVFQGNQDSFTPVVNSLDPPLLTRY
LRIHPQSWVHQIALRMEVLGCEAQDLY
;
A
2 'polypeptide(L)'
;DIQMTQSPSSLSASVGDTVTIACRASRDIRNDLAWYQQKPGKAPKLLIYATSRLQSGVPSRFSGSGSFTDFTLTINSLQP
DDSATYYCLQDSDYPLTFGGGTKVDIKGTVAAPSVFIFPPSDEQLKSGTASVVCLLNNFYPREAKVQWKVDNALQSGNSQ
ESVTEQDSKDSTYSLSSTLTLSKADYEKHKVYACEVTHQGLSSPVTKSFNR
;
B
3 'polypeptide(L)'
;EVQLVESGGGVVQPGRSLRLSCVDSGLTFSSYGMHWVRQAPGAGLEWVAVISYDGNDKYYADSVKGRFAISRDNAKNTLY
LQMNSLTIEDTAVYYCAKDLIESNIAEAFWGQGTLVTVSSKGPSVFPLAPCSRSTSESTAALGCLVKDYFPEPVTVSWNS
GALTSGVHTFPAVLQSSGLYSLSSVVTVPSSSLGTATYTCNVDHKPSNTKVDKRV
;
C
#
loop_
_chem_comp.id
_chem_comp.type
_chem_comp.name
_chem_comp.formula
NAG D-saccharide, beta linking 2-acetamido-2-deoxy-beta-D-glucopyranose 'C8 H15 N O6'
#
# COMPACT_ATOMS: atom_id res chain seq x y z
N ALA A 20 22.56 34.02 -20.69
CA ALA A 20 24.01 33.99 -20.59
C ALA A 20 24.53 32.55 -20.56
N ILE A 21 25.08 32.12 -21.68
CA ILE A 21 25.63 30.77 -21.79
C ILE A 21 27.04 30.76 -21.23
N ARG A 22 27.29 29.85 -20.28
CA ARG A 22 28.56 29.77 -19.57
C ARG A 22 29.35 28.57 -20.10
N ARG A 23 30.44 28.85 -20.79
CA ARG A 23 31.35 27.83 -21.31
C ARG A 23 32.38 27.53 -20.22
N TYR A 24 32.05 26.63 -19.31
CA TYR A 24 32.95 26.30 -18.21
C TYR A 24 33.27 24.81 -18.26
N TYR A 25 34.57 24.50 -18.20
CA TYR A 25 35.05 23.14 -18.35
C TYR A 25 35.73 22.69 -17.06
N LEU A 26 35.88 21.38 -16.91
CA LEU A 26 36.47 20.79 -15.72
C LEU A 26 37.37 19.63 -16.11
N GLY A 27 38.39 19.37 -15.28
CA GLY A 27 39.23 18.21 -15.44
C GLY A 27 39.61 17.61 -14.11
N ALA A 28 40.05 16.36 -14.14
CA ALA A 28 40.48 15.63 -12.96
C ALA A 28 41.80 14.94 -13.23
N VAL A 29 42.78 15.13 -12.34
CA VAL A 29 44.11 14.56 -12.48
C VAL A 29 44.64 14.16 -11.11
N GLU A 30 45.76 13.45 -11.11
CA GLU A 30 46.49 13.07 -9.91
C GLU A 30 47.89 13.65 -9.96
N LEU A 31 48.33 14.25 -8.85
CA LEU A 31 49.66 14.85 -8.76
C LEU A 31 50.47 14.18 -7.67
N SER A 32 51.78 14.44 -7.70
CA SER A 32 52.70 14.03 -6.64
C SER A 32 53.29 15.28 -6.02
N TRP A 33 52.68 15.76 -4.94
CA TRP A 33 53.11 16.97 -4.27
C TRP A 33 52.87 16.85 -2.77
N ASP A 34 53.72 17.50 -1.98
CA ASP A 34 53.59 17.51 -0.53
C ASP A 34 53.03 18.81 0.02
N TYR A 35 52.85 19.83 -0.82
CA TYR A 35 52.37 21.15 -0.39
C TYR A 35 53.28 21.75 0.67
N ARG A 36 54.59 21.61 0.47
CA ARG A 36 55.59 22.20 1.35
C ARG A 36 56.53 23.15 0.61
N GLN A 37 56.94 22.78 -0.61
CA GLN A 37 57.87 23.60 -1.36
C GLN A 37 57.28 24.97 -1.65
N SER A 38 58.10 26.01 -1.50
CA SER A 38 57.72 27.39 -1.75
C SER A 38 56.50 27.79 -0.91
N GLY A 56 57.82 -0.64 0.33
CA GLY A 56 58.54 0.57 -0.02
C GLY A 56 57.90 1.83 0.53
N ALA A 57 56.61 1.74 0.86
CA ALA A 57 55.85 2.87 1.40
C ALA A 57 56.05 2.91 2.90
N LEU A 58 57.04 3.69 3.35
CA LEU A 58 57.34 3.81 4.76
C LEU A 58 57.38 5.27 5.17
N PRO A 59 57.06 5.57 6.43
CA PRO A 59 57.25 6.93 6.94
C PRO A 59 58.72 7.32 6.88
N LEU A 60 58.98 8.60 6.67
CA LEU A 60 60.34 9.07 6.42
C LEU A 60 60.82 10.16 7.37
N GLY A 61 59.94 10.92 8.00
CA GLY A 61 60.35 11.88 9.00
C GLY A 61 59.94 13.30 8.70
N PRO A 62 60.93 14.16 8.44
CA PRO A 62 60.64 15.59 8.26
C PRO A 62 59.87 15.88 6.97
N SER A 63 58.59 16.23 7.12
CA SER A 63 57.71 16.66 6.04
C SER A 63 57.30 15.50 5.15
N VAL A 64 57.89 14.32 5.39
CA VAL A 64 57.66 13.07 4.67
C VAL A 64 57.51 13.29 3.16
N LEU A 65 56.95 12.31 2.45
CA LEU A 65 56.61 12.48 1.05
C LEU A 65 55.44 11.59 0.72
N TYR A 66 54.48 12.14 -0.03
CA TYR A 66 53.27 11.43 -0.42
C TYR A 66 52.79 11.96 -1.76
N LYS A 67 51.72 11.35 -2.26
CA LYS A 67 51.13 11.72 -3.54
C LYS A 67 49.71 12.21 -3.29
N LYS A 68 49.40 13.41 -3.74
CA LYS A 68 48.14 14.08 -3.45
C LYS A 68 47.41 14.43 -4.74
N THR A 69 46.09 14.22 -4.73
CA THR A 69 45.26 14.44 -5.92
C THR A 69 44.60 15.81 -5.85
N VAL A 70 44.54 16.48 -7.00
CA VAL A 70 43.94 17.81 -7.10
C VAL A 70 43.33 17.95 -8.49
N PHE A 71 42.21 18.67 -8.55
CA PHE A 71 41.61 19.02 -9.83
C PHE A 71 42.40 20.11 -10.52
N VAL A 72 42.49 20.03 -11.85
CA VAL A 72 43.08 21.08 -12.67
C VAL A 72 42.11 21.40 -13.80
N GLU A 73 41.96 22.68 -14.11
CA GLU A 73 41.04 23.14 -15.13
C GLU A 73 41.78 23.99 -16.15
N PHE A 74 41.35 23.92 -17.41
CA PHE A 74 41.88 24.74 -18.49
C PHE A 74 40.74 25.59 -19.03
N THR A 75 40.81 26.90 -18.82
CA THR A 75 39.78 27.80 -19.31
C THR A 75 39.75 27.82 -20.84
N ASP A 76 40.92 27.82 -21.47
CA ASP A 76 41.01 27.77 -22.91
C ASP A 76 40.82 26.35 -23.42
N GLN A 77 40.70 26.20 -24.73
CA GLN A 77 40.52 24.91 -25.37
C GLN A 77 41.83 24.32 -25.89
N LEU A 78 42.95 24.75 -25.34
CA LEU A 78 44.24 24.21 -25.77
C LEU A 78 44.66 22.99 -24.95
N PHE A 79 44.23 22.91 -23.69
CA PHE A 79 44.53 21.81 -22.77
C PHE A 79 46.01 21.68 -22.47
N SER A 80 46.84 22.62 -22.93
CA SER A 80 48.28 22.56 -22.70
C SER A 80 48.81 23.86 -22.12
N VAL A 81 48.15 24.98 -22.44
CA VAL A 81 48.56 26.28 -21.95
C VAL A 81 47.75 26.60 -20.71
N ALA A 82 48.43 26.75 -19.57
CA ALA A 82 47.79 27.00 -18.29
C ALA A 82 48.43 28.21 -17.63
N ARG A 83 47.61 29.06 -17.03
CA ARG A 83 48.14 30.17 -16.25
C ARG A 83 48.85 29.64 -15.01
N PRO A 84 49.90 30.32 -14.54
CA PRO A 84 50.72 29.75 -13.46
C PRO A 84 49.94 29.53 -12.18
N ARG A 85 50.35 28.50 -11.45
CA ARG A 85 49.64 28.08 -10.25
C ARG A 85 50.14 28.88 -9.04
N PRO A 86 49.28 29.67 -8.40
CA PRO A 86 49.74 30.48 -7.25
C PRO A 86 50.05 29.59 -6.05
N PRO A 87 50.94 30.04 -5.16
CA PRO A 87 51.27 29.25 -3.97
C PRO A 87 50.17 29.23 -2.92
N TRP A 88 49.05 29.89 -3.19
CA TRP A 88 47.93 29.92 -2.25
C TRP A 88 46.70 29.19 -2.76
N MET A 89 46.79 28.50 -3.91
CA MET A 89 45.63 27.84 -4.48
C MET A 89 45.34 26.51 -3.78
N GLY A 90 46.25 25.55 -3.91
CA GLY A 90 46.06 24.25 -3.26
C GLY A 90 44.77 23.60 -3.71
N LEU A 91 44.01 23.10 -2.73
CA LEU A 91 42.71 22.47 -2.97
C LEU A 91 41.55 23.43 -2.86
N LEU A 92 41.80 24.73 -3.03
CA LEU A 92 40.73 25.71 -2.93
C LEU A 92 39.65 25.42 -3.95
N GLY A 93 38.39 25.44 -3.49
CA GLY A 93 37.27 25.00 -4.29
C GLY A 93 37.01 25.84 -5.52
N PRO A 94 36.97 25.20 -6.70
CA PRO A 94 36.59 25.91 -7.92
C PRO A 94 35.12 26.32 -7.92
N THR A 95 34.85 27.60 -7.77
CA THR A 95 33.48 28.08 -7.71
C THR A 95 32.83 28.07 -9.10
N ILE A 96 31.52 27.92 -9.10
CA ILE A 96 30.73 28.09 -10.32
C ILE A 96 29.55 28.99 -9.98
N GLN A 97 29.70 30.29 -10.20
CA GLN A 97 28.62 31.23 -10.00
C GLN A 97 27.70 31.24 -11.20
N ALA A 98 26.40 31.28 -10.95
CA ALA A 98 25.40 31.21 -12.01
C ALA A 98 24.37 32.33 -11.81
N GLU A 99 23.48 32.46 -12.79
CA GLU A 99 22.41 33.45 -12.73
C GLU A 99 21.11 32.78 -13.17
N VAL A 100 20.00 33.36 -12.72
CA VAL A 100 18.69 32.80 -13.02
C VAL A 100 18.42 32.92 -14.52
N TYR A 101 17.66 31.95 -15.05
CA TYR A 101 17.25 31.94 -16.45
C TYR A 101 18.45 31.93 -17.39
N ASP A 102 19.54 31.29 -16.97
CA ASP A 102 20.74 31.18 -17.78
C ASP A 102 21.20 29.73 -17.82
N THR A 103 21.57 29.26 -19.01
CA THR A 103 21.99 27.89 -19.18
C THR A 103 23.49 27.75 -18.92
N VAL A 104 23.86 26.70 -18.18
CA VAL A 104 25.25 26.39 -17.87
C VAL A 104 25.56 24.97 -18.33
N VAL A 105 26.71 24.80 -18.96
CA VAL A 105 27.17 23.50 -19.44
C VAL A 105 28.52 23.20 -18.81
N VAL A 106 28.69 21.99 -18.31
CA VAL A 106 29.92 21.56 -17.67
C VAL A 106 30.39 20.25 -18.30
N THR A 107 31.69 20.16 -18.56
CA THR A 107 32.29 18.97 -19.15
C THR A 107 33.40 18.47 -18.24
N LEU A 108 33.95 17.30 -18.61
CA LEU A 108 35.05 16.71 -17.86
C LEU A 108 35.85 15.82 -18.80
N LYS A 109 37.15 15.75 -18.55
CA LYS A 109 38.05 14.90 -19.32
C LYS A 109 38.74 13.93 -18.38
N ASN A 110 38.87 12.68 -18.81
CA ASN A 110 39.42 11.61 -17.97
C ASN A 110 40.93 11.55 -18.15
N MET A 111 41.67 11.95 -17.13
CA MET A 111 43.11 11.75 -17.08
C MET A 111 43.53 10.74 -16.03
N ALA A 112 42.57 10.16 -15.30
CA ALA A 112 42.86 9.13 -14.31
C ALA A 112 42.79 7.75 -14.95
N SER A 113 42.80 6.71 -14.13
CA SER A 113 42.74 5.33 -14.62
C SER A 113 41.37 4.70 -14.49
N HIS A 114 40.50 5.24 -13.63
CA HIS A 114 39.19 4.65 -13.38
C HIS A 114 38.08 5.64 -13.70
N PRO A 115 36.94 5.17 -14.19
CA PRO A 115 35.84 6.09 -14.51
C PRO A 115 35.30 6.78 -13.27
N VAL A 116 35.00 8.08 -13.42
CA VAL A 116 34.37 8.88 -12.38
C VAL A 116 33.31 9.75 -13.03
N SER A 117 32.51 10.41 -12.19
CA SER A 117 31.45 11.30 -12.66
C SER A 117 31.19 12.35 -11.59
N LEU A 118 30.29 13.28 -11.90
CA LEU A 118 29.95 14.39 -11.02
C LEU A 118 28.51 14.23 -10.54
N HIS A 119 28.30 14.41 -9.24
CA HIS A 119 26.99 14.32 -8.62
C HIS A 119 26.53 15.69 -8.15
N ALA A 120 25.26 16.00 -8.39
CA ALA A 120 24.70 17.30 -8.13
C ALA A 120 23.82 17.27 -6.88
N VAL A 121 23.59 18.46 -6.32
CA VAL A 121 22.77 18.61 -5.13
C VAL A 121 21.71 19.67 -5.40
N GLY A 122 20.45 19.32 -5.20
CA GLY A 122 19.35 20.26 -5.32
C GLY A 122 19.11 20.80 -6.71
N VAL A 123 19.60 20.13 -7.74
CA VAL A 123 19.38 20.52 -9.13
C VAL A 123 18.71 19.37 -9.86
N SER A 124 17.66 19.69 -10.62
CA SER A 124 16.91 18.69 -11.36
C SER A 124 17.67 18.31 -12.63
N PHE A 125 18.05 17.03 -12.74
CA PHE A 125 18.69 16.50 -13.92
C PHE A 125 17.98 15.22 -14.34
N TRP A 126 18.57 14.48 -15.27
CA TRP A 126 17.91 13.35 -15.92
C TRP A 126 18.74 12.09 -15.80
N LYS A 127 19.27 11.83 -14.59
CA LYS A 127 19.82 10.54 -14.19
C LYS A 127 21.11 10.20 -14.93
N SER A 128 21.61 11.10 -15.79
CA SER A 128 22.78 10.79 -16.61
C SER A 128 24.04 10.59 -15.77
N SER A 129 24.06 11.07 -14.53
CA SER A 129 25.25 10.92 -13.70
C SER A 129 24.91 10.52 -12.26
N GLU A 130 23.73 9.93 -12.05
CA GLU A 130 23.33 9.57 -10.69
C GLU A 130 24.20 8.47 -10.12
N GLY A 131 24.59 7.49 -10.94
CA GLY A 131 25.57 6.51 -10.54
C GLY A 131 25.07 5.35 -9.70
N ALA A 132 23.76 5.25 -9.43
CA ALA A 132 23.22 4.19 -8.60
C ALA A 132 21.97 3.61 -9.28
N GLU A 133 22.17 2.54 -10.04
CA GLU A 133 21.08 1.88 -10.75
C GLU A 133 20.29 1.01 -9.77
N TYR A 134 19.34 0.24 -10.30
CA TYR A 134 18.47 -0.58 -9.46
C TYR A 134 18.18 -1.89 -10.18
N GLU A 135 17.20 -2.63 -9.66
CA GLU A 135 16.90 -3.99 -10.08
C GLU A 135 16.13 -4.00 -11.40
N ASP A 136 16.87 -3.83 -12.50
CA ASP A 136 16.32 -3.94 -13.85
C ASP A 136 16.87 -5.13 -14.61
N HIS A 137 18.19 -5.32 -14.59
CA HIS A 137 18.86 -6.36 -15.38
C HIS A 137 18.50 -6.23 -16.86
N THR A 138 18.60 -4.99 -17.35
CA THR A 138 18.22 -4.63 -18.70
C THR A 138 19.43 -4.01 -19.38
N SER A 139 19.25 -3.55 -20.62
CA SER A 139 20.36 -3.03 -21.41
C SER A 139 20.76 -1.65 -20.89
N GLN A 140 21.63 -0.96 -21.63
CA GLN A 140 22.26 0.27 -21.15
C GLN A 140 21.28 1.43 -21.26
N ARG A 141 20.47 1.61 -20.22
CA ARG A 141 19.66 2.82 -20.10
C ARG A 141 20.54 3.98 -19.66
N GLU A 142 21.12 3.87 -18.47
CA GLU A 142 22.07 4.84 -17.94
C GLU A 142 23.27 4.12 -17.33
N LYS A 143 23.80 3.13 -18.04
CA LYS A 143 24.88 2.28 -17.57
C LYS A 143 26.19 2.75 -18.20
N GLU A 144 26.21 4.01 -18.62
CA GLU A 144 27.42 4.67 -19.07
C GLU A 144 28.15 5.41 -17.94
N ASP A 145 27.58 5.41 -16.73
CA ASP A 145 28.16 6.17 -15.64
C ASP A 145 29.55 5.66 -15.28
N ASP A 146 29.69 4.37 -15.04
CA ASP A 146 31.01 3.77 -14.80
C ASP A 146 31.62 3.24 -16.10
N LYS A 147 31.64 4.11 -17.12
CA LYS A 147 32.20 3.76 -18.41
C LYS A 147 32.64 5.08 -19.05
N VAL A 148 33.93 5.38 -18.93
CA VAL A 148 34.50 6.61 -19.49
C VAL A 148 35.68 6.18 -20.35
N LEU A 149 35.43 6.01 -21.65
CA LEU A 149 36.50 5.74 -22.58
C LEU A 149 37.40 6.98 -22.68
N PRO A 150 38.67 6.79 -23.08
CA PRO A 150 39.59 7.93 -23.15
C PRO A 150 39.02 9.13 -23.91
N GLY A 151 38.81 10.23 -23.21
CA GLY A 151 38.15 11.38 -23.79
C GLY A 151 36.75 11.60 -23.25
N LYS A 152 35.81 11.89 -24.16
CA LYS A 152 34.40 12.11 -23.85
C LYS A 152 34.19 13.41 -23.08
N SER A 153 33.04 14.06 -23.30
CA SER A 153 32.70 15.30 -22.63
C SER A 153 31.56 15.09 -21.62
N GLN A 154 30.46 14.47 -22.05
CA GLN A 154 29.33 14.14 -21.20
C GLN A 154 28.81 15.39 -20.46
N THR A 155 28.37 16.36 -21.26
CA THR A 155 27.79 17.57 -20.71
C THR A 155 26.49 17.24 -19.97
N TYR A 156 26.18 18.07 -18.98
CA TYR A 156 25.00 17.87 -18.14
C TYR A 156 23.86 18.82 -18.45
N VAL A 157 24.19 20.06 -18.85
CA VAL A 157 23.20 21.06 -19.26
C VAL A 157 22.20 21.30 -18.13
N TRP A 158 22.61 22.08 -17.13
CA TRP A 158 21.73 22.43 -16.03
C TRP A 158 20.79 23.57 -16.41
N GLN A 159 19.70 23.71 -15.66
CA GLN A 159 18.71 24.75 -15.91
C GLN A 159 18.28 25.36 -14.60
N VAL A 160 18.46 26.67 -14.47
CA VAL A 160 18.05 27.43 -13.30
C VAL A 160 16.86 28.30 -13.69
N LEU A 161 15.81 28.27 -12.87
CA LEU A 161 14.59 29.02 -13.15
C LEU A 161 14.13 29.66 -11.85
N LYS A 162 12.87 30.14 -11.85
CA LYS A 162 12.35 30.84 -10.68
C LYS A 162 12.32 29.93 -9.45
N GLU A 163 11.90 28.67 -9.62
CA GLU A 163 11.90 27.75 -8.50
C GLU A 163 13.31 27.31 -8.13
N ASN A 164 14.24 27.33 -9.10
CA ASN A 164 15.62 26.93 -8.82
C ASN A 164 16.39 28.03 -8.12
N GLY A 165 15.92 29.27 -8.17
CA GLY A 165 16.65 30.39 -7.60
C GLY A 165 15.90 31.11 -6.50
N PRO A 166 16.55 32.08 -5.89
CA PRO A 166 15.95 32.79 -4.75
C PRO A 166 14.82 33.71 -5.17
N THR A 167 14.05 34.14 -4.18
CA THR A 167 13.00 35.13 -4.36
C THR A 167 13.48 36.47 -3.82
N ALA A 168 12.58 37.46 -3.79
CA ALA A 168 12.94 38.80 -3.33
C ALA A 168 13.25 38.81 -1.84
N SER A 169 12.39 38.19 -1.03
CA SER A 169 12.61 38.16 0.41
C SER A 169 13.72 37.19 0.81
N ASP A 170 14.15 36.32 -0.09
CA ASP A 170 15.20 35.36 0.19
C ASP A 170 16.54 36.09 0.28
N PRO A 171 17.56 35.45 0.85
CA PRO A 171 18.90 36.05 0.90
C PRO A 171 19.38 36.42 -0.49
N PRO A 172 20.25 37.45 -0.59
CA PRO A 172 20.68 37.91 -1.93
C PRO A 172 21.29 36.81 -2.79
N CYS A 173 22.07 35.91 -2.22
CA CYS A 173 22.70 34.84 -3.00
C CYS A 173 22.94 33.64 -2.09
N LEU A 174 22.40 32.49 -2.50
CA LEU A 174 22.54 31.25 -1.73
C LEU A 174 23.78 30.50 -2.22
N THR A 175 23.95 29.26 -1.75
CA THR A 175 25.12 28.47 -2.12
C THR A 175 24.75 26.99 -2.16
N TYR A 176 25.52 26.25 -2.96
CA TYR A 176 25.42 24.79 -3.07
C TYR A 176 26.82 24.18 -3.01
N SER A 177 26.87 22.88 -3.27
CA SER A 177 28.13 22.15 -3.35
C SER A 177 27.93 20.93 -4.23
N TYR A 178 29.05 20.37 -4.71
CA TYR A 178 29.01 19.15 -5.52
C TYR A 178 30.19 18.26 -5.16
N LEU A 179 29.94 16.95 -5.21
CA LEU A 179 30.96 15.94 -4.93
C LEU A 179 30.64 14.68 -5.70
N SER A 180 31.69 14.01 -6.19
CA SER A 180 31.51 12.73 -6.87
C SER A 180 31.00 11.68 -5.88
N HIS A 181 30.12 10.81 -6.37
CA HIS A 181 29.63 9.71 -5.54
C HIS A 181 29.61 8.37 -6.28
N VAL A 182 30.05 8.33 -7.53
CA VAL A 182 30.09 7.05 -8.24
C VAL A 182 31.18 6.14 -7.67
N ASP A 183 32.30 6.71 -7.23
CA ASP A 183 33.41 5.95 -6.67
C ASP A 183 33.44 6.14 -5.16
N LEU A 184 33.37 5.04 -4.42
CA LEU A 184 33.35 5.12 -2.96
C LEU A 184 34.75 5.22 -2.39
N VAL A 185 35.56 4.19 -2.60
CA VAL A 185 36.89 4.14 -1.99
C VAL A 185 37.79 5.23 -2.56
N LYS A 186 37.68 5.50 -3.86
CA LYS A 186 38.51 6.53 -4.46
C LYS A 186 38.18 7.91 -3.89
N ASP A 187 36.90 8.19 -3.69
CA ASP A 187 36.51 9.48 -3.12
C ASP A 187 36.92 9.59 -1.65
N LEU A 188 36.77 8.50 -0.89
CA LEU A 188 37.30 8.50 0.47
C LEU A 188 38.82 8.65 0.50
N ASN A 189 39.50 8.31 -0.61
CA ASN A 189 40.92 8.60 -0.75
C ASN A 189 41.20 9.91 -1.47
N SER A 190 40.22 10.51 -2.14
CA SER A 190 40.41 11.79 -2.82
C SER A 190 39.76 12.94 -2.07
N GLY A 191 38.47 12.85 -1.79
CA GLY A 191 37.77 13.92 -1.09
C GLY A 191 37.84 15.24 -1.83
N LEU A 192 37.55 15.23 -3.12
CA LEU A 192 37.67 16.42 -3.96
C LEU A 192 36.31 17.09 -4.08
N ILE A 193 35.99 17.91 -3.09
CA ILE A 193 34.69 18.58 -3.02
C ILE A 193 34.75 19.87 -3.84
N GLY A 194 33.60 20.24 -4.44
CA GLY A 194 33.48 21.48 -5.14
C GLY A 194 32.32 22.30 -4.61
N ALA A 195 32.23 23.55 -5.07
CA ALA A 195 31.24 24.49 -4.59
C ALA A 195 30.47 25.08 -5.77
N LEU A 196 29.26 25.55 -5.46
CA LEU A 196 28.40 26.18 -6.45
C LEU A 196 27.79 27.45 -5.86
N LEU A 197 27.49 28.40 -6.75
CA LEU A 197 26.78 29.62 -6.38
C LEU A 197 25.68 29.88 -7.40
N VAL A 198 24.43 29.87 -6.93
CA VAL A 198 23.29 30.16 -7.78
C VAL A 198 22.43 31.23 -7.12
N CYS A 199 22.09 32.26 -7.88
CA CYS A 199 21.21 33.34 -7.44
C CYS A 199 20.89 34.20 -8.66
N ARG A 200 20.13 35.27 -8.45
CA ARG A 200 19.71 36.15 -9.52
C ARG A 200 20.89 37.00 -10.00
N GLU A 201 20.64 37.78 -11.04
CA GLU A 201 21.63 38.73 -11.54
C GLU A 201 21.74 39.93 -10.59
N GLY A 202 22.40 40.98 -11.08
CA GLY A 202 22.64 42.16 -10.28
C GLY A 202 23.98 42.80 -10.60
N SER A 203 24.78 42.09 -11.40
CA SER A 203 26.03 42.65 -11.91
C SER A 203 25.82 43.60 -13.07
N LEU A 204 24.59 43.69 -13.59
CA LEU A 204 24.28 44.60 -14.69
C LEU A 204 23.98 46.01 -14.20
N THR A 205 23.23 46.15 -13.10
CA THR A 205 22.97 47.45 -12.51
C THR A 205 24.20 47.88 -11.71
N ARG A 206 24.08 49.01 -11.02
CA ARG A 206 25.19 49.52 -10.21
C ARG A 206 25.33 48.68 -8.95
N GLU A 207 26.29 47.77 -8.95
CA GLU A 207 26.51 46.89 -7.82
C GLU A 207 27.90 47.14 -7.23
N ARG A 208 28.04 46.80 -5.95
CA ARG A 208 29.34 46.87 -5.30
C ARG A 208 30.29 45.84 -5.89
N THR A 209 31.52 46.27 -6.19
CA THR A 209 32.52 45.41 -6.82
C THR A 209 33.33 44.65 -5.77
N GLN A 210 32.62 43.90 -4.95
CA GLN A 210 33.23 43.03 -3.96
C GLN A 210 32.84 41.57 -4.12
N ASN A 211 31.84 41.26 -4.93
CA ASN A 211 31.43 39.89 -5.17
C ASN A 211 32.45 39.17 -6.05
N LEU A 212 32.31 37.85 -6.09
CA LEU A 212 33.12 36.95 -6.93
C LEU A 212 34.59 37.10 -6.52
N HIS A 213 35.51 37.27 -7.46
CA HIS A 213 36.96 37.34 -7.21
C HIS A 213 37.43 35.99 -6.64
N GLU A 214 36.53 35.01 -6.59
CA GLU A 214 36.84 33.61 -6.28
C GLU A 214 37.40 33.43 -4.87
N PHE A 215 36.53 33.65 -3.88
CA PHE A 215 36.80 33.34 -2.48
C PHE A 215 35.81 32.30 -1.98
N VAL A 216 36.34 31.26 -1.32
CA VAL A 216 35.51 30.22 -0.70
C VAL A 216 36.37 29.39 0.25
N LEU A 217 35.76 28.84 1.30
CA LEU A 217 36.46 28.05 2.30
C LEU A 217 35.92 26.63 2.33
N LEU A 218 36.82 25.65 2.28
CA LEU A 218 36.46 24.24 2.32
C LEU A 218 37.36 23.51 3.33
N PHE A 219 37.10 22.22 3.49
CA PHE A 219 37.92 21.33 4.30
C PHE A 219 38.02 19.98 3.61
N ALA A 220 39.12 19.28 3.88
CA ALA A 220 39.38 17.99 3.24
C ALA A 220 39.97 17.02 4.26
N VAL A 221 40.01 15.74 3.87
CA VAL A 221 40.62 14.68 4.67
C VAL A 221 41.53 13.88 3.76
N PHE A 222 42.75 13.62 4.21
CA PHE A 222 43.78 12.98 3.39
C PHE A 222 43.95 11.53 3.79
N ASP A 223 43.99 10.64 2.79
CA ASP A 223 44.34 9.24 2.95
C ASP A 223 44.52 8.64 1.56
N GLU A 224 45.49 7.74 1.44
CA GLU A 224 45.74 7.03 0.19
C GLU A 224 46.13 5.57 0.42
N GLY A 225 45.71 5.00 1.55
CA GLY A 225 46.08 3.63 1.86
C GLY A 225 45.56 2.62 0.86
N LYS A 226 44.40 2.89 0.26
CA LYS A 226 43.81 1.97 -0.70
C LYS A 226 43.74 2.66 -2.06
N SER A 227 44.82 3.37 -2.41
CA SER A 227 44.89 4.02 -3.71
C SER A 227 45.15 2.99 -4.80
N TRP A 228 45.19 3.46 -6.05
CA TRP A 228 45.50 2.58 -7.17
C TRP A 228 46.91 2.02 -7.04
N HIS A 229 47.88 2.88 -6.73
CA HIS A 229 49.24 2.42 -6.47
C HIS A 229 49.36 1.78 -5.10
N SER A 230 48.61 2.28 -4.12
CA SER A 230 48.58 1.76 -2.74
C SER A 230 50.01 1.82 -2.20
N ALA A 231 50.55 0.74 -1.66
CA ALA A 231 51.92 0.73 -1.15
C ALA A 231 52.90 0.37 -2.25
N ALA A 245 53.16 -2.37 11.31
CA ALA A 245 52.77 -2.76 9.96
C ALA A 245 52.33 -1.53 9.16
N ARG A 246 51.32 -0.82 9.66
CA ARG A 246 50.82 0.36 8.98
C ARG A 246 51.46 1.63 9.53
N ALA A 247 51.22 1.91 10.81
CA ALA A 247 51.73 3.11 11.49
C ALA A 247 51.41 4.37 10.69
N GLN A 248 50.22 4.40 10.09
CA GLN A 248 49.79 5.50 9.24
C GLN A 248 48.48 6.07 9.76
N PRO A 249 48.51 7.16 10.52
CA PRO A 249 47.28 7.73 11.06
C PRO A 249 46.55 8.55 10.01
N ALA A 250 45.40 9.09 10.41
CA ALA A 250 44.54 9.87 9.54
C ALA A 250 44.52 11.33 10.01
N MET A 251 44.86 12.24 9.11
CA MET A 251 44.83 13.67 9.38
C MET A 251 44.03 14.37 8.29
N HIS A 252 43.71 15.64 8.55
CA HIS A 252 42.93 16.44 7.62
C HIS A 252 43.73 17.65 7.16
N THR A 253 43.29 18.25 6.06
CA THR A 253 43.89 19.45 5.51
C THR A 253 42.77 20.40 5.12
N VAL A 254 43.07 21.70 5.17
CA VAL A 254 42.12 22.75 4.86
C VAL A 254 42.62 23.51 3.65
N ASN A 255 41.82 23.54 2.59
CA ASN A 255 42.13 24.27 1.36
C ASN A 255 43.45 23.81 0.75
N GLY A 256 43.84 22.57 1.02
CA GLY A 256 44.99 21.98 0.37
C GLY A 256 46.34 22.56 0.73
N TYR A 257 46.54 22.93 2.00
CA TYR A 257 47.84 23.42 2.44
C TYR A 257 48.06 23.04 3.89
N VAL A 258 49.23 22.47 4.18
CA VAL A 258 49.60 22.05 5.52
C VAL A 258 50.91 22.72 5.89
N ASN A 259 51.10 22.93 7.20
CA ASN A 259 52.31 23.55 7.75
C ASN A 259 52.54 24.93 7.14
N ARG A 260 51.66 25.86 7.53
CA ARG A 260 51.91 27.29 7.37
C ARG A 260 51.78 27.74 5.92
N SER A 261 51.62 26.79 4.99
CA SER A 261 51.56 27.11 3.58
C SER A 261 50.18 27.55 3.12
N LEU A 262 49.29 27.95 4.03
CA LEU A 262 47.92 28.31 3.72
C LEU A 262 47.69 29.79 4.04
N PRO A 263 47.79 30.66 3.05
CA PRO A 263 47.43 32.07 3.26
C PRO A 263 45.91 32.25 3.16
N GLY A 264 45.47 33.49 3.27
CA GLY A 264 44.07 33.80 3.07
C GLY A 264 43.46 34.69 4.14
N LEU A 265 44.11 34.76 5.31
CA LEU A 265 43.59 35.59 6.39
C LEU A 265 43.86 37.05 6.07
N ILE A 266 42.80 37.83 5.84
CA ILE A 266 42.91 39.20 5.38
C ILE A 266 42.09 40.11 6.27
N GLY A 267 42.57 41.34 6.45
CA GLY A 267 41.80 42.39 7.10
C GLY A 267 41.66 43.57 6.17
N CYS A 268 40.51 44.24 6.24
CA CYS A 268 40.26 45.41 5.41
C CYS A 268 39.25 46.30 6.13
N HIS A 269 38.70 47.27 5.39
CA HIS A 269 37.77 48.22 5.98
C HIS A 269 36.47 47.54 6.37
N LYS A 270 35.70 48.22 7.23
CA LYS A 270 34.47 47.68 7.79
C LYS A 270 33.40 47.63 6.71
N LYS A 271 33.50 46.64 5.84
CA LYS A 271 32.57 46.43 4.74
C LYS A 271 31.77 45.16 4.98
N SER A 272 30.51 45.17 4.53
CA SER A 272 29.62 44.03 4.68
C SER A 272 29.91 43.03 3.57
N VAL A 273 30.95 42.24 3.76
CA VAL A 273 31.35 41.24 2.78
C VAL A 273 30.47 40.00 2.96
N TYR A 274 30.10 39.40 1.83
CA TYR A 274 29.19 38.26 1.81
C TYR A 274 29.99 37.03 1.39
N TRP A 275 30.52 36.31 2.37
CA TRP A 275 31.30 35.11 2.13
C TRP A 275 30.77 33.97 3.00
N HIS A 276 30.55 32.82 2.39
CA HIS A 276 29.99 31.66 3.05
C HIS A 276 31.08 30.63 3.30
N VAL A 277 30.88 29.81 4.32
CA VAL A 277 31.82 28.76 4.69
C VAL A 277 31.09 27.43 4.64
N ILE A 278 31.71 26.45 3.99
CA ILE A 278 31.11 25.14 3.75
C ILE A 278 32.10 24.06 4.18
N GLY A 279 31.60 23.01 4.81
CA GLY A 279 32.44 21.91 5.22
C GLY A 279 31.67 20.64 5.47
N MET A 280 32.34 19.50 5.33
CA MET A 280 31.67 18.21 5.49
C MET A 280 32.69 17.18 5.93
N GLY A 281 32.20 16.13 6.60
CA GLY A 281 33.05 15.04 7.04
C GLY A 281 32.47 13.68 6.70
N THR A 282 33.26 12.86 6.02
CA THR A 282 32.83 11.51 5.63
C THR A 282 33.61 10.42 6.34
N SER A 283 34.34 10.75 7.39
CA SER A 283 35.23 9.82 8.09
C SER A 283 34.93 9.84 9.58
N PRO A 284 35.24 8.76 10.28
CA PRO A 284 35.08 8.75 11.75
C PRO A 284 36.02 9.74 12.41
N GLU A 285 35.75 10.00 13.70
CA GLU A 285 36.46 10.94 14.58
C GLU A 285 36.36 12.37 14.06
N VAL A 286 36.63 13.33 14.93
CA VAL A 286 36.48 14.75 14.62
C VAL A 286 37.67 15.51 15.20
N HIS A 287 37.73 16.80 14.88
CA HIS A 287 38.77 17.68 15.39
C HIS A 287 38.16 19.05 15.67
N SER A 288 38.79 19.77 16.60
CA SER A 288 38.29 21.07 17.03
C SER A 288 38.73 22.16 16.06
N ILE A 289 37.76 22.94 15.58
CA ILE A 289 38.02 24.05 14.68
C ILE A 289 37.13 25.22 15.09
N PHE A 290 37.69 26.43 15.11
CA PHE A 290 36.96 27.61 15.56
C PHE A 290 37.55 28.84 14.89
N LEU A 291 36.84 29.95 15.05
CA LEU A 291 37.27 31.23 14.48
C LEU A 291 37.19 32.31 15.56
N GLU A 292 38.09 33.28 15.45
CA GLU A 292 38.27 34.31 16.47
C GLU A 292 37.82 35.70 16.01
N GLY A 293 37.93 36.01 14.73
CA GLY A 293 37.75 37.36 14.23
C GLY A 293 36.42 38.03 14.58
N HIS A 294 35.33 37.55 14.00
CA HIS A 294 34.02 38.13 14.23
C HIS A 294 32.96 37.05 14.27
N THR A 295 31.85 37.37 14.93
CA THR A 295 30.70 36.50 14.98
C THR A 295 29.88 36.63 13.69
N PHE A 296 28.85 35.80 13.57
CA PHE A 296 28.01 35.75 12.38
C PHE A 296 26.75 36.57 12.63
N LEU A 297 26.69 37.76 12.02
CA LEU A 297 25.60 38.71 12.23
C LEU A 297 24.75 38.78 10.96
N VAL A 298 23.43 38.67 11.14
CA VAL A 298 22.48 38.70 10.02
C VAL A 298 21.42 39.76 10.30
N ARG A 299 21.03 40.48 9.26
CA ARG A 299 19.92 41.44 9.24
C ARG A 299 19.88 42.34 10.47
N HIS A 300 18.76 42.38 11.19
CA HIS A 300 18.61 43.25 12.35
C HIS A 300 18.44 42.47 13.64
N HIS A 301 18.66 41.15 13.61
CA HIS A 301 18.70 40.34 14.82
C HIS A 301 20.15 39.98 15.10
N ARG A 302 20.62 40.35 16.29
CA ARG A 302 22.03 40.14 16.64
C ARG A 302 22.23 38.71 17.13
N GLN A 303 23.07 37.96 16.43
CA GLN A 303 23.50 36.63 16.83
C GLN A 303 25.01 36.61 16.94
N ALA A 304 25.52 36.24 18.12
CA ALA A 304 26.95 36.16 18.37
C ALA A 304 27.45 34.72 18.31
N SER A 305 26.79 33.89 17.50
CA SER A 305 27.11 32.47 17.45
C SER A 305 28.46 32.26 16.78
N LEU A 306 29.38 31.62 17.50
CA LEU A 306 30.63 31.16 16.92
C LEU A 306 30.46 29.71 16.49
N GLU A 307 29.67 29.53 15.43
CA GLU A 307 29.28 28.21 14.96
C GLU A 307 30.34 27.73 13.97
N ILE A 308 31.32 27.00 14.48
CA ILE A 308 32.34 26.35 13.66
C ILE A 308 32.36 24.89 14.10
N SER A 309 31.60 24.05 13.42
CA SER A 309 31.35 22.68 13.81
C SER A 309 32.15 21.71 12.97
N PRO A 310 32.25 20.43 13.40
CA PRO A 310 32.91 19.44 12.54
C PRO A 310 32.28 19.29 11.16
N LEU A 311 30.97 19.47 11.06
CA LEU A 311 30.27 19.48 9.78
C LEU A 311 29.32 20.66 9.77
N THR A 312 29.34 21.41 8.67
CA THR A 312 28.58 22.66 8.60
C THR A 312 28.30 23.02 7.16
N PHE A 313 27.02 23.19 6.82
CA PHE A 313 26.58 23.75 5.54
C PHE A 313 25.77 25.00 5.88
N LEU A 314 26.46 26.14 5.95
CA LEU A 314 25.86 27.38 6.42
C LEU A 314 25.93 28.45 5.33
N THR A 315 24.82 29.15 5.16
CA THR A 315 24.72 30.29 4.23
C THR A 315 24.63 31.56 5.06
N ALA A 316 25.76 32.24 5.22
CA ALA A 316 25.82 33.45 6.02
C ALA A 316 26.97 34.32 5.52
N GLN A 317 27.16 35.46 6.19
CA GLN A 317 28.21 36.41 5.85
C GLN A 317 29.00 36.77 7.10
N THR A 318 30.19 37.32 6.86
CA THR A 318 31.05 37.81 7.93
C THR A 318 31.24 39.32 7.79
N PHE A 319 31.61 39.96 8.89
CA PHE A 319 31.82 41.40 8.93
C PHE A 319 33.29 41.66 9.23
N LEU A 320 34.02 42.17 8.24
CA LEU A 320 35.47 42.39 8.38
C LEU A 320 35.71 43.79 8.92
N MET A 321 35.43 43.95 10.22
CA MET A 321 35.66 45.25 10.85
C MET A 321 37.14 45.44 11.18
N ASP A 322 37.79 44.41 11.71
CA ASP A 322 39.17 44.54 12.16
C ASP A 322 40.11 44.65 10.95
N LEU A 323 41.23 45.35 11.17
CA LEU A 323 42.29 45.49 10.19
C LEU A 323 43.53 44.78 10.72
N GLY A 324 43.77 43.58 10.25
CA GLY A 324 44.93 42.82 10.68
C GLY A 324 44.69 41.33 10.52
N GLN A 325 45.22 40.57 11.47
CA GLN A 325 45.26 39.11 11.41
C GLN A 325 44.14 38.48 12.23
N PHE A 326 43.65 37.35 11.75
CA PHE A 326 42.66 36.54 12.45
C PHE A 326 43.23 35.15 12.62
N LEU A 327 42.77 34.43 13.64
CA LEU A 327 43.36 33.16 14.02
C LEU A 327 42.31 32.06 14.12
N LEU A 328 42.67 30.89 13.62
CA LEU A 328 41.92 29.67 13.82
C LEU A 328 42.74 28.73 14.70
N PHE A 329 42.15 28.30 15.82
CA PHE A 329 42.84 27.47 16.79
C PHE A 329 42.18 26.11 16.91
N CYS A 330 43.00 25.10 17.24
CA CYS A 330 42.53 23.74 17.48
C CYS A 330 42.89 23.32 18.90
N HIS A 331 42.00 22.57 19.53
CA HIS A 331 42.22 22.10 20.90
C HIS A 331 43.01 20.79 20.93
N ILE A 332 44.22 20.84 20.38
CA ILE A 332 45.12 19.68 20.36
C ILE A 332 46.47 20.12 20.91
N SER A 333 47.00 19.36 21.86
CA SER A 333 48.28 19.70 22.48
C SER A 333 49.44 19.51 21.51
N SER A 334 49.47 18.38 20.81
CA SER A 334 50.55 18.07 19.87
C SER A 334 50.49 19.05 18.70
N HIS A 335 51.49 19.95 18.63
CA HIS A 335 51.52 20.97 17.59
C HIS A 335 51.87 20.40 16.22
N HIS A 336 52.47 19.22 16.14
CA HIS A 336 52.72 18.60 14.85
C HIS A 336 51.41 18.29 14.14
N HIS A 337 50.39 17.86 14.88
CA HIS A 337 49.07 17.64 14.33
C HIS A 337 48.30 18.96 14.28
N GLY A 338 47.73 19.26 13.13
CA GLY A 338 46.92 20.46 12.98
C GLY A 338 47.69 21.76 13.03
N GLY A 339 48.80 21.83 12.32
CA GLY A 339 49.56 23.07 12.21
C GLY A 339 49.16 23.94 11.03
N MET A 340 47.99 24.57 11.09
CA MET A 340 47.53 25.47 10.03
C MET A 340 47.68 26.94 10.41
N GLU A 341 48.67 27.27 11.23
CA GLU A 341 48.88 28.67 11.60
C GLU A 341 49.18 29.51 10.36
N ALA A 342 48.63 30.72 10.34
CA ALA A 342 48.68 31.58 9.17
C ALA A 342 48.93 33.02 9.60
N HIS A 343 49.81 33.72 8.89
CA HIS A 343 50.11 35.11 9.17
C HIS A 343 49.14 36.01 8.40
N VAL A 344 49.38 37.31 8.41
CA VAL A 344 48.44 38.28 7.87
C VAL A 344 48.85 38.67 6.45
N ARG A 345 47.86 38.70 5.56
CA ARG A 345 48.00 39.29 4.24
C ARG A 345 47.05 40.48 4.15
N VAL A 346 47.59 41.64 3.79
CA VAL A 346 46.88 42.91 3.94
C VAL A 346 46.50 43.45 2.57
N GLU A 347 45.23 43.85 2.43
CA GLU A 347 44.77 44.58 1.26
C GLU A 347 43.49 45.31 1.66
N SER A 348 43.11 46.29 0.85
CA SER A 348 41.99 47.17 1.15
C SER A 348 40.77 46.74 0.35
N CYS A 349 39.67 46.47 1.06
CA CYS A 349 38.44 46.06 0.40
C CYS A 349 37.82 47.24 -0.35
N ALA A 350 37.89 48.44 0.21
CA ALA A 350 37.37 49.63 -0.43
C ALA A 350 38.16 50.84 0.07
N GLU A 351 37.69 52.04 -0.29
CA GLU A 351 38.36 53.27 0.12
C GLU A 351 37.32 54.34 0.45
N LYS A 396 22.74 54.64 26.58
CA LYS A 396 23.86 54.96 25.71
C LYS A 396 24.81 55.94 26.39
N HIS A 397 24.49 56.34 27.61
CA HIS A 397 25.33 57.23 28.39
C HIS A 397 25.79 56.55 29.67
N PRO A 398 27.03 56.80 30.10
CA PRO A 398 27.56 56.12 31.29
C PRO A 398 26.77 56.47 32.55
N LYS A 399 26.70 55.51 33.46
CA LYS A 399 26.09 55.70 34.77
C LYS A 399 26.87 54.86 35.78
N THR A 400 26.76 55.22 37.05
CA THR A 400 27.49 54.53 38.11
C THR A 400 27.00 53.10 38.30
N TRP A 401 27.81 52.13 37.90
CA TRP A 401 27.55 50.72 38.16
C TRP A 401 28.84 50.02 38.61
N VAL A 402 29.59 50.67 39.49
CA VAL A 402 30.88 50.14 39.94
C VAL A 402 30.65 49.06 40.97
N HIS A 403 31.27 47.89 40.76
CA HIS A 403 31.15 46.76 41.67
C HIS A 403 32.53 46.15 41.90
N TYR A 404 32.67 45.45 43.02
CA TYR A 404 33.94 44.87 43.43
C TYR A 404 33.93 43.37 43.14
N ILE A 405 34.97 42.89 42.46
CA ILE A 405 35.08 41.49 42.06
C ILE A 405 36.37 40.93 42.64
N ALA A 406 36.25 39.76 43.30
CA ALA A 406 37.34 39.17 44.05
C ALA A 406 37.68 37.79 43.51
N ALA A 407 38.68 37.17 44.14
CA ALA A 407 39.11 35.82 43.78
C ALA A 407 39.66 35.14 45.03
N GLU A 408 39.24 33.89 45.25
CA GLU A 408 39.72 33.13 46.39
C GLU A 408 39.47 31.65 46.14
N GLU A 409 40.22 30.82 46.87
CA GLU A 409 40.02 29.38 46.80
C GLU A 409 38.82 28.96 47.64
N GLU A 410 38.30 27.77 47.35
CA GLU A 410 37.21 27.20 48.13
C GLU A 410 37.17 25.69 47.91
N ASP A 411 37.47 24.93 48.95
CA ASP A 411 37.43 23.48 48.85
C ASP A 411 35.98 22.98 48.92
N TRP A 412 35.64 22.04 48.05
CA TRP A 412 34.30 21.46 48.03
C TRP A 412 34.40 19.95 47.82
N ASP A 413 33.64 19.20 48.62
CA ASP A 413 33.51 17.76 48.43
C ASP A 413 32.50 17.50 47.33
N TYR A 414 32.97 16.96 46.20
CA TYR A 414 32.12 16.82 45.02
C TYR A 414 31.12 15.67 45.13
N ALA A 415 31.22 14.82 46.15
CA ALA A 415 30.27 13.74 46.36
C ALA A 415 29.87 13.70 47.83
N PRO A 416 29.00 14.61 48.25
CA PRO A 416 28.59 14.62 49.67
C PRO A 416 27.87 13.35 50.11
N LEU A 417 27.12 12.73 49.21
CA LEU A 417 26.33 11.55 49.55
C LEU A 417 27.09 10.29 49.17
N VAL A 418 27.08 9.30 50.07
CA VAL A 418 27.77 8.04 49.87
C VAL A 418 26.72 6.93 49.74
N LEU A 419 26.86 6.11 48.69
CA LEU A 419 25.95 5.01 48.42
C LEU A 419 26.73 3.73 48.16
N ALA A 420 27.87 3.57 48.84
CA ALA A 420 28.76 2.43 48.56
C ALA A 420 28.13 1.08 48.86
N PRO A 421 27.45 0.86 49.98
CA PRO A 421 26.97 -0.50 50.29
C PRO A 421 26.06 -1.09 49.22
N ASP A 422 25.31 -0.27 48.48
CA ASP A 422 24.44 -0.79 47.43
C ASP A 422 25.28 -1.16 46.21
N ASP A 423 25.66 -2.43 46.12
CA ASP A 423 26.41 -2.94 44.98
C ASP A 423 25.47 -3.75 44.07
N ARG A 424 24.60 -3.02 43.38
CA ARG A 424 23.57 -3.63 42.56
C ARG A 424 23.87 -3.60 41.06
N SER A 425 24.64 -2.63 40.59
CA SER A 425 24.92 -2.50 39.16
C SER A 425 26.41 -2.23 38.92
N TYR A 426 27.27 -2.99 39.61
CA TYR A 426 28.72 -2.96 39.42
C TYR A 426 29.32 -1.59 39.70
N LYS A 427 28.60 -0.75 40.45
CA LYS A 427 29.05 0.64 40.65
C LYS A 427 30.22 0.70 41.61
N SER A 428 30.29 -0.23 42.56
CA SER A 428 31.25 -0.14 43.66
C SER A 428 32.58 -0.80 43.35
N GLN A 429 32.84 -1.10 42.07
CA GLN A 429 34.16 -1.62 41.70
C GLN A 429 35.25 -0.58 41.89
N TYR A 430 34.93 0.69 41.62
CA TYR A 430 35.90 1.77 41.80
C TYR A 430 35.83 2.38 43.20
N LEU A 431 34.88 1.96 44.02
CA LEU A 431 34.73 2.49 45.36
C LEU A 431 35.68 1.85 46.37
N ASN A 432 36.42 0.82 45.97
CA ASN A 432 37.37 0.14 46.84
C ASN A 432 38.78 0.65 46.56
N ASN A 433 39.51 0.97 47.61
CA ASN A 433 40.86 1.51 47.47
C ASN A 433 41.74 0.56 46.67
N GLY A 434 42.52 1.13 45.74
CA GLY A 434 43.39 0.36 44.88
C GLY A 434 44.53 1.18 44.32
N PRO A 435 44.95 0.84 43.09
CA PRO A 435 46.09 1.56 42.50
C PRO A 435 45.88 3.05 42.34
N GLN A 436 44.64 3.52 42.20
CA GLN A 436 44.42 4.91 41.83
C GLN A 436 43.32 5.58 42.66
N ARG A 437 42.95 5.04 43.81
CA ARG A 437 41.90 5.64 44.62
C ARG A 437 42.52 6.70 45.52
N ILE A 438 42.24 7.96 45.24
CA ILE A 438 42.81 9.07 46.01
C ILE A 438 41.78 9.58 47.01
N GLY A 439 40.61 9.98 46.52
CA GLY A 439 39.58 10.54 47.37
C GLY A 439 38.76 11.62 46.71
N ARG A 440 38.26 12.57 47.48
CA ARG A 440 37.35 13.58 46.97
C ARG A 440 37.73 15.01 47.34
N LYS A 441 38.74 15.22 48.17
CA LYS A 441 39.15 16.56 48.58
C LYS A 441 40.23 17.04 47.62
N TYR A 442 39.87 18.01 46.78
CA TYR A 442 40.78 18.56 45.78
C TYR A 442 40.88 20.06 45.99
N LYS A 443 42.11 20.55 46.14
CA LYS A 443 42.34 21.96 46.44
C LYS A 443 42.93 22.67 45.22
N LYS A 444 42.35 23.81 44.88
CA LYS A 444 42.79 24.61 43.74
C LYS A 444 42.20 26.01 43.88
N VAL A 445 42.99 27.00 43.48
CA VAL A 445 42.54 28.39 43.52
C VAL A 445 41.49 28.59 42.44
N ARG A 446 40.32 29.06 42.85
CA ARG A 446 39.20 29.29 41.94
C ARG A 446 38.86 30.77 41.93
N PHE A 447 37.83 31.13 41.17
CA PHE A 447 37.44 32.52 40.96
C PHE A 447 35.95 32.68 41.23
N MET A 448 35.61 33.59 42.13
CA MET A 448 34.23 33.95 42.41
C MET A 448 34.23 35.23 43.23
N ALA A 449 33.05 35.84 43.34
CA ALA A 449 32.93 37.14 43.99
C ALA A 449 33.05 36.98 45.51
N TYR A 450 33.46 38.08 46.16
CA TYR A 450 33.50 38.14 47.61
C TYR A 450 33.39 39.60 48.01
N THR A 451 32.36 39.93 48.79
CA THR A 451 32.02 41.32 49.03
C THR A 451 33.07 42.05 49.85
N ASP A 452 33.57 41.42 50.91
CA ASP A 452 34.44 42.10 51.85
C ASP A 452 35.89 41.72 51.60
N GLU A 453 36.80 42.39 52.33
CA GLU A 453 38.23 42.21 52.14
C GLU A 453 38.96 41.90 53.45
N THR A 454 38.41 40.99 54.26
CA THR A 454 39.03 40.69 55.55
C THR A 454 40.32 39.90 55.37
N PHE A 455 40.22 38.68 54.84
CA PHE A 455 41.38 37.86 54.47
C PHE A 455 42.30 37.60 55.66
N LYS A 456 41.78 36.90 56.65
CA LYS A 456 42.59 36.39 57.75
C LYS A 456 42.67 34.88 57.73
N THR A 457 41.54 34.19 57.69
CA THR A 457 41.51 32.74 57.47
C THR A 457 40.44 32.38 56.46
N ARG A 458 40.36 31.11 56.07
CA ARG A 458 39.31 30.68 55.15
C ARG A 458 37.99 30.53 55.88
N GLU A 459 37.03 31.38 55.54
CA GLU A 459 35.68 31.25 56.07
C GLU A 459 34.81 30.42 55.12
N ALA A 460 33.72 29.88 55.66
CA ALA A 460 32.83 29.02 54.90
C ALA A 460 31.76 29.87 54.22
N ILE A 461 31.73 29.84 52.89
CA ILE A 461 30.72 30.58 52.14
C ILE A 461 29.44 29.75 52.12
N GLN A 462 28.41 30.29 51.47
CA GLN A 462 27.08 29.73 51.55
C GLN A 462 26.87 28.68 50.47
N HIS A 463 25.98 27.75 50.78
CA HIS A 463 25.70 26.62 49.89
C HIS A 463 24.89 27.08 48.69
N GLU A 464 25.13 26.45 47.53
CA GLU A 464 24.46 26.73 46.28
C GLU A 464 24.90 28.06 45.66
N SER A 465 25.85 28.75 46.29
CA SER A 465 26.33 30.00 45.71
C SER A 465 27.85 30.00 45.52
N GLY A 466 28.50 28.84 45.65
CA GLY A 466 29.90 28.71 45.31
C GLY A 466 30.08 28.29 43.87
N ILE A 467 31.32 27.92 43.54
CA ILE A 467 31.77 27.35 42.26
C ILE A 467 31.35 28.20 41.05
N LEU A 468 30.28 28.97 41.18
CA LEU A 468 29.89 29.90 40.14
C LEU A 468 30.79 31.13 40.15
N GLY A 469 30.78 31.87 39.06
CA GLY A 469 31.54 33.09 38.98
C GLY A 469 30.72 34.30 39.37
N PRO A 470 31.34 35.47 39.39
CA PRO A 470 30.62 36.69 39.73
C PRO A 470 29.79 37.20 38.56
N LEU A 471 28.73 37.92 38.89
CA LEU A 471 27.91 38.60 37.89
C LEU A 471 28.44 40.01 37.69
N LEU A 472 28.54 40.43 36.43
CA LEU A 472 29.12 41.73 36.09
C LEU A 472 28.09 42.53 35.29
N TYR A 473 27.85 43.77 35.73
CA TYR A 473 26.98 44.70 35.02
C TYR A 473 27.72 46.00 34.80
N GLY A 474 27.72 46.50 33.56
CA GLY A 474 28.41 47.72 33.22
C GLY A 474 27.69 48.45 32.10
N GLU A 475 28.30 49.55 31.66
CA GLU A 475 27.76 50.33 30.57
C GLU A 475 28.87 50.67 29.59
N VAL A 476 28.51 51.44 28.56
CA VAL A 476 29.45 51.77 27.49
C VAL A 476 30.40 52.83 28.00
N GLY A 477 31.71 52.59 27.83
CA GLY A 477 32.71 53.56 28.23
C GLY A 477 32.84 53.75 29.73
N ASP A 478 32.46 52.76 30.53
CA ASP A 478 32.47 52.91 31.97
C ASP A 478 33.86 52.59 32.53
N THR A 479 34.06 53.00 33.78
CA THR A 479 35.28 52.68 34.54
C THR A 479 34.90 51.77 35.70
N LEU A 480 35.73 50.75 35.93
CA LEU A 480 35.45 49.77 36.97
C LEU A 480 36.74 49.04 37.31
N LEU A 481 36.95 48.77 38.60
CA LEU A 481 38.17 48.18 39.11
C LEU A 481 37.86 46.82 39.71
N ILE A 482 38.64 45.81 39.33
CA ILE A 482 38.51 44.45 39.86
C ILE A 482 39.80 44.10 40.59
N ILE A 483 39.68 43.70 41.86
CA ILE A 483 40.84 43.27 42.62
C ILE A 483 41.13 41.81 42.28
N PHE A 484 42.37 41.53 41.90
CA PHE A 484 42.78 40.22 41.44
C PHE A 484 43.90 39.70 42.32
N LYS A 485 43.82 38.43 42.71
CA LYS A 485 44.80 37.86 43.62
C LYS A 485 44.91 36.37 43.35
N ASN A 486 46.12 35.84 43.50
CA ASN A 486 46.39 34.42 43.35
C ASN A 486 46.94 33.88 44.66
N GLN A 487 46.26 32.88 45.22
CA GLN A 487 46.72 32.30 46.49
C GLN A 487 48.08 31.62 46.33
N ALA A 488 48.23 30.82 45.29
CA ALA A 488 49.50 30.16 45.02
C ALA A 488 50.44 31.09 44.28
N SER A 489 51.74 30.79 44.37
CA SER A 489 52.75 31.58 43.66
C SER A 489 52.62 31.44 42.15
N ARG A 490 52.03 30.35 41.69
CA ARG A 490 51.87 30.15 40.25
C ARG A 490 50.95 31.21 39.66
N PRO A 491 51.34 31.90 38.59
CA PRO A 491 50.58 33.04 38.11
C PRO A 491 49.33 32.61 37.34
N TYR A 492 48.20 33.24 37.66
CA TYR A 492 47.00 33.19 36.85
C TYR A 492 46.73 34.58 36.29
N ASN A 493 45.96 34.63 35.21
CA ASN A 493 45.67 35.90 34.56
C ASN A 493 44.25 35.88 34.01
N ILE A 494 43.74 37.07 33.70
CA ILE A 494 42.39 37.27 33.20
C ILE A 494 42.45 38.13 31.95
N TYR A 495 41.62 37.79 30.97
CA TYR A 495 41.58 38.56 29.73
C TYR A 495 40.16 38.57 29.20
N PRO A 496 39.52 39.74 29.08
CA PRO A 496 38.11 39.77 28.69
C PRO A 496 37.90 39.38 27.24
N HIS A 497 36.69 38.92 26.94
CA HIS A 497 36.30 38.52 25.60
C HIS A 497 35.25 39.49 25.04
N GLY A 498 35.32 39.71 23.74
CA GLY A 498 34.37 40.58 23.07
C GLY A 498 34.69 42.06 23.19
N ILE A 499 35.67 42.39 24.04
CA ILE A 499 36.07 43.76 24.28
C ILE A 499 37.40 43.99 23.57
N THR A 500 37.39 44.89 22.58
CA THR A 500 38.55 45.15 21.75
C THR A 500 39.32 46.41 22.15
N ASP A 501 38.64 47.39 22.74
CA ASP A 501 39.24 48.69 23.02
C ASP A 501 40.04 48.60 24.32
N VAL A 502 41.31 48.23 24.19
CA VAL A 502 42.25 48.17 25.31
C VAL A 502 43.54 48.86 24.86
N ARG A 503 43.91 49.93 25.54
CA ARG A 503 45.11 50.68 25.23
C ARG A 503 46.10 50.61 26.38
N PRO A 504 47.40 50.67 26.10
CA PRO A 504 48.40 50.64 27.17
C PRO A 504 48.29 51.86 28.07
N LEU A 505 48.54 51.63 29.36
CA LEU A 505 48.50 52.71 30.34
C LEU A 505 49.69 53.64 30.16
N TYR A 506 49.44 54.94 30.36
CA TYR A 506 50.46 55.98 30.37
C TYR A 506 51.16 56.09 29.02
N SER A 507 51.98 55.09 28.68
CA SER A 507 52.78 55.12 27.48
C SER A 507 52.21 54.19 26.42
N ARG A 508 52.47 54.53 25.15
CA ARG A 508 51.98 53.72 24.05
C ARG A 508 52.80 52.44 23.85
N ARG A 509 54.07 52.45 24.26
CA ARG A 509 54.95 51.29 24.10
C ARG A 509 55.62 51.01 25.43
N LEU A 510 55.67 49.73 25.80
CA LEU A 510 56.27 49.31 27.07
C LEU A 510 57.78 49.16 26.89
N PRO A 511 58.61 49.86 27.66
CA PRO A 511 60.06 49.69 27.53
C PRO A 511 60.56 48.30 27.89
N LYS A 512 59.77 47.51 28.61
CA LYS A 512 60.19 46.18 29.02
C LYS A 512 60.33 45.26 27.80
N GLY A 513 60.74 44.02 28.07
CA GLY A 513 60.94 43.04 27.03
C GLY A 513 59.69 42.41 26.48
N VAL A 514 58.51 42.85 26.92
CA VAL A 514 57.22 42.39 26.42
C VAL A 514 56.47 43.60 25.89
N LYS A 515 55.94 43.47 24.67
CA LYS A 515 55.23 44.55 24.00
C LYS A 515 53.75 44.26 23.77
N HIS A 516 53.20 43.26 24.46
CA HIS A 516 51.80 42.92 24.31
C HIS A 516 51.21 42.59 25.67
N LEU A 517 49.90 42.42 25.71
CA LEU A 517 49.17 42.10 26.94
C LEU A 517 49.02 40.60 27.17
N LYS A 518 49.57 39.78 26.28
CA LYS A 518 49.41 38.33 26.41
C LYS A 518 50.07 37.82 27.70
N ASP A 519 51.33 38.17 27.91
CA ASP A 519 52.08 37.72 29.09
C ASP A 519 52.39 38.94 29.96
N PHE A 520 51.46 39.26 30.85
CA PHE A 520 51.68 40.29 31.86
C PHE A 520 51.72 39.61 33.22
N PRO A 521 52.87 39.57 33.89
CA PRO A 521 52.95 38.83 35.16
C PRO A 521 51.98 39.37 36.20
N ILE A 522 51.41 38.45 36.97
CA ILE A 522 50.52 38.78 38.08
C ILE A 522 51.17 38.24 39.34
N LEU A 523 51.64 39.15 40.20
CA LEU A 523 52.17 38.76 41.49
C LEU A 523 51.02 38.18 42.34
N PRO A 524 51.31 37.15 43.15
CA PRO A 524 50.24 36.57 43.97
C PRO A 524 49.80 37.50 45.08
N GLY A 525 49.03 38.53 44.71
CA GLY A 525 48.54 39.50 45.67
C GLY A 525 48.56 40.92 45.13
N GLU A 526 49.11 41.10 43.93
CA GLU A 526 49.21 42.43 43.33
C GLU A 526 47.82 42.95 42.94
N ILE A 527 47.77 44.23 42.62
CA ILE A 527 46.53 44.90 42.23
C ILE A 527 46.70 45.41 40.81
N PHE A 528 45.75 45.06 39.93
CA PHE A 528 45.84 45.45 38.54
C PHE A 528 44.43 45.50 37.97
N LYS A 529 44.18 46.46 37.10
CA LYS A 529 42.87 46.66 36.49
C LYS A 529 43.00 46.63 34.98
N TYR A 530 41.86 46.51 34.31
CA TYR A 530 41.80 46.43 32.85
C TYR A 530 40.89 47.53 32.34
N LYS A 531 41.38 48.30 31.36
CA LYS A 531 40.59 49.38 30.76
C LYS A 531 39.70 48.80 29.68
N TRP A 532 38.39 48.88 29.89
CA TRP A 532 37.40 48.40 28.93
C TRP A 532 36.54 49.56 28.44
N THR A 533 36.08 49.44 27.20
CA THR A 533 35.17 50.41 26.61
C THR A 533 34.30 49.68 25.59
N VAL A 534 32.98 49.70 25.82
CA VAL A 534 32.06 49.00 24.93
C VAL A 534 31.96 49.78 23.62
N THR A 535 31.79 49.03 22.51
CA THR A 535 31.65 49.65 21.21
C THR A 535 30.35 50.44 21.12
N VAL A 536 30.13 51.04 19.95
CA VAL A 536 28.99 51.93 19.73
C VAL A 536 27.78 51.19 19.16
N GLU A 537 27.95 49.96 18.71
CA GLU A 537 26.82 49.15 18.24
C GLU A 537 26.10 48.44 19.36
N ASP A 538 26.32 48.85 20.61
CA ASP A 538 25.53 48.34 21.72
C ASP A 538 24.09 48.85 21.67
N GLY A 539 23.87 50.04 21.11
CA GLY A 539 22.54 50.58 20.93
C GLY A 539 22.31 51.02 19.50
N PRO A 540 21.38 50.35 18.81
CA PRO A 540 21.09 50.71 17.42
C PRO A 540 20.34 52.04 17.28
N THR A 541 20.09 52.44 16.05
CA THR A 541 19.40 53.70 15.78
C THR A 541 17.93 53.58 16.18
N LYS A 542 17.50 54.48 17.07
CA LYS A 542 16.10 54.65 17.48
C LYS A 542 15.45 53.36 17.97
N SER A 543 16.25 52.33 18.24
CA SER A 543 15.75 51.06 18.77
C SER A 543 16.76 50.57 19.82
N ASP A 544 16.66 51.09 21.03
CA ASP A 544 17.44 50.57 22.14
C ASP A 544 16.89 49.19 22.50
N PRO A 545 17.69 48.13 22.41
CA PRO A 545 17.15 46.80 22.69
C PRO A 545 16.80 46.63 24.16
N ARG A 546 15.77 45.82 24.41
CA ARG A 546 15.33 45.57 25.77
C ARG A 546 16.40 44.84 26.58
N CYS A 547 16.99 43.80 26.00
CA CYS A 547 18.02 43.02 26.65
C CYS A 547 18.66 42.11 25.62
N LEU A 548 19.88 41.66 25.91
CA LEU A 548 20.68 40.89 24.96
C LEU A 548 21.58 39.95 25.75
N THR A 549 22.27 39.05 25.04
CA THR A 549 23.03 37.98 25.67
C THR A 549 24.47 38.01 25.19
N ARG A 550 25.37 38.41 26.08
CA ARG A 550 26.81 38.22 25.91
C ARG A 550 27.40 37.71 27.22
N TYR A 551 28.60 37.14 27.12
CA TYR A 551 29.26 36.49 28.24
C TYR A 551 30.74 36.39 27.92
N TYR A 552 31.59 36.55 28.94
CA TYR A 552 33.03 36.57 28.74
C TYR A 552 33.70 35.67 29.77
N SER A 553 34.96 35.37 29.51
CA SER A 553 35.82 34.62 30.41
C SER A 553 37.26 34.97 30.04
N SER A 554 38.22 34.23 30.58
CA SER A 554 39.61 34.44 30.19
C SER A 554 39.91 33.66 28.91
N PHE A 555 40.79 34.25 28.08
CA PHE A 555 41.23 33.61 26.84
C PHE A 555 42.72 33.82 26.65
N VAL A 556 43.50 33.63 27.71
CA VAL A 556 44.94 33.81 27.67
C VAL A 556 45.69 32.51 27.93
N ASN A 557 45.24 31.70 28.88
CA ASN A 557 45.97 30.52 29.33
C ASN A 557 45.04 29.32 29.45
N MET A 558 44.26 29.07 28.40
CA MET A 558 43.28 27.98 28.42
C MET A 558 43.93 26.61 28.65
N GLU A 559 45.20 26.44 28.26
CA GLU A 559 45.89 25.20 28.56
C GLU A 559 46.03 25.01 30.07
N ARG A 560 45.98 26.10 30.84
CA ARG A 560 46.02 26.07 32.29
C ARG A 560 44.75 26.62 32.94
N ASP A 561 44.04 27.53 32.28
CA ASP A 561 42.87 28.16 32.88
C ASP A 561 41.80 27.12 33.18
N LEU A 562 41.63 26.12 32.32
CA LEU A 562 40.62 25.09 32.55
C LEU A 562 40.96 24.20 33.74
N ALA A 563 42.23 24.14 34.13
CA ALA A 563 42.60 23.40 35.33
C ALA A 563 42.18 24.12 36.61
N SER A 564 41.98 25.44 36.55
CA SER A 564 41.63 26.23 37.72
C SER A 564 40.16 26.64 37.76
N GLY A 565 39.38 26.33 36.74
CA GLY A 565 37.97 26.65 36.74
C GLY A 565 37.69 28.14 36.80
N LEU A 566 38.00 28.85 35.72
CA LEU A 566 37.88 30.31 35.67
C LEU A 566 36.74 30.67 34.72
N ILE A 567 35.55 30.92 35.28
CA ILE A 567 34.37 31.27 34.51
C ILE A 567 33.69 32.45 35.20
N GLY A 568 33.22 33.41 34.40
CA GLY A 568 32.50 34.54 34.94
C GLY A 568 31.27 34.91 34.13
N PRO A 569 30.10 34.85 34.76
CA PRO A 569 28.88 35.28 34.08
C PRO A 569 28.88 36.77 33.81
N LEU A 570 28.16 37.16 32.76
CA LEU A 570 28.02 38.56 32.37
C LEU A 570 26.57 38.83 32.03
N LEU A 571 25.85 39.48 32.95
CA LEU A 571 24.50 39.96 32.67
C LEU A 571 24.61 41.40 32.18
N ILE A 572 24.23 41.64 30.93
CA ILE A 572 24.32 42.97 30.36
C ILE A 572 22.99 43.43 29.77
N CYS A 573 22.16 44.03 30.62
CA CYS A 573 20.94 44.74 30.24
C CYS A 573 20.28 45.29 31.49
N TYR A 574 19.19 46.03 31.34
CA TYR A 574 18.53 46.68 32.45
C TYR A 574 17.37 45.80 32.95
N LYS A 575 16.55 46.36 33.84
CA LYS A 575 15.53 45.60 34.56
C LYS A 575 14.70 44.69 33.67
N GLU A 576 14.53 45.02 32.40
CA GLU A 576 13.76 44.17 31.49
C GLU A 576 14.10 44.46 30.03
N SER A 587 18.77 37.22 37.61
CA SER A 587 18.65 38.44 38.39
C SER A 587 19.14 38.22 39.82
N ASP A 588 18.21 38.04 40.75
CA ASP A 588 18.57 37.80 42.14
C ASP A 588 18.95 36.34 42.34
N LYS A 589 18.03 35.43 42.04
CA LYS A 589 18.30 33.99 42.12
C LYS A 589 19.28 33.60 41.03
N ARG A 590 20.48 33.17 41.40
CA ARG A 590 21.54 32.83 40.46
C ARG A 590 22.10 31.44 40.79
N ASN A 591 21.52 30.43 40.13
CA ASN A 591 21.94 29.05 40.32
C ASN A 591 22.03 28.38 38.96
N VAL A 592 22.60 29.09 37.98
CA VAL A 592 22.69 28.57 36.62
C VAL A 592 23.61 27.35 36.58
N ILE A 593 23.14 26.29 35.91
CA ILE A 593 23.92 25.06 35.82
C ILE A 593 25.09 25.26 34.88
N LEU A 594 26.22 24.62 35.20
CA LEU A 594 27.42 24.74 34.40
C LEU A 594 28.08 23.37 34.26
N PHE A 595 28.87 23.21 33.20
CA PHE A 595 29.70 22.03 33.00
C PHE A 595 31.16 22.46 33.17
N SER A 596 31.77 22.06 34.27
CA SER A 596 33.20 22.27 34.52
C SER A 596 33.81 20.91 34.83
N VAL A 597 34.50 20.33 33.86
CA VAL A 597 35.21 19.07 34.06
C VAL A 597 36.57 19.37 34.66
N PHE A 598 36.91 18.70 35.75
CA PHE A 598 38.12 18.99 36.52
C PHE A 598 39.30 18.27 35.86
N ASP A 599 40.17 19.04 35.22
CA ASP A 599 41.40 18.52 34.63
C ASP A 599 42.51 18.70 35.66
N GLU A 600 42.72 17.68 36.49
CA GLU A 600 43.67 17.74 37.58
C GLU A 600 45.07 17.30 37.19
N ASN A 601 45.22 16.59 36.06
CA ASN A 601 46.55 16.23 35.60
C ASN A 601 47.35 17.46 35.21
N ARG A 602 46.70 18.44 34.58
CA ARG A 602 47.34 19.72 34.29
C ARG A 602 47.40 20.61 35.52
N SER A 603 46.53 20.38 36.50
CA SER A 603 46.56 21.16 37.74
C SER A 603 47.85 20.88 38.50
N TRP A 604 48.44 21.94 39.04
CA TRP A 604 49.74 21.81 39.71
C TRP A 604 49.63 21.17 41.08
N TYR A 605 48.50 21.32 41.77
CA TYR A 605 48.39 20.85 43.14
C TYR A 605 48.39 19.33 43.24
N LEU A 606 48.23 18.62 42.12
CA LEU A 606 48.29 17.16 42.13
C LEU A 606 49.65 16.65 42.57
N THR A 607 50.74 17.33 42.17
CA THR A 607 52.06 16.86 42.56
C THR A 607 52.27 16.96 44.06
N GLU A 608 51.58 17.88 44.72
CA GLU A 608 51.60 17.93 46.18
C GLU A 608 50.65 16.89 46.78
N ASN A 609 49.50 16.69 46.14
CA ASN A 609 48.60 15.62 46.57
C ASN A 609 49.28 14.25 46.54
N ILE A 610 50.29 14.08 45.68
CA ILE A 610 50.97 12.80 45.59
C ILE A 610 51.54 12.40 46.95
N GLN A 611 52.27 13.31 47.61
CA GLN A 611 52.78 13.00 48.94
C GLN A 611 51.77 13.31 50.04
N ARG A 612 50.79 14.16 49.78
CA ARG A 612 49.77 14.45 50.79
C ARG A 612 48.87 13.26 51.05
N PHE A 613 48.63 12.44 50.04
CA PHE A 613 47.69 11.33 50.13
C PHE A 613 48.35 9.96 50.11
N LEU A 614 49.43 9.80 49.34
CA LEU A 614 50.12 8.51 49.26
C LEU A 614 51.50 8.63 49.89
N PRO A 615 51.72 8.06 51.08
CA PRO A 615 53.07 8.05 51.64
C PRO A 615 54.04 7.20 50.85
N ASN A 616 53.56 6.16 50.17
CA ASN A 616 54.41 5.21 49.44
C ASN A 616 53.92 5.04 48.01
N PRO A 617 54.23 5.99 47.13
CA PRO A 617 53.78 5.91 45.73
C PRO A 617 54.46 4.85 44.89
N ALA A 618 55.17 3.90 45.51
CA ALA A 618 55.86 2.86 44.75
C ALA A 618 54.91 1.94 44.00
N GLY A 619 53.63 1.90 44.38
CA GLY A 619 52.66 1.05 43.73
C GLY A 619 51.94 1.67 42.56
N VAL A 620 52.20 2.94 42.26
CA VAL A 620 51.59 3.59 41.10
C VAL A 620 52.62 4.04 40.07
N GLN A 621 53.84 4.37 40.49
CA GLN A 621 54.97 4.79 39.65
C GLN A 621 54.72 6.13 38.96
N LEU A 622 53.51 6.69 39.02
CA LEU A 622 53.18 8.01 38.52
C LEU A 622 53.34 8.10 37.00
N GLU A 623 53.78 7.03 36.36
CA GLU A 623 53.96 6.99 34.91
C GLU A 623 52.87 6.19 34.21
N ASP A 624 51.93 5.62 34.96
CA ASP A 624 50.83 4.88 34.36
C ASP A 624 49.82 5.82 33.69
N PRO A 625 49.52 5.62 32.40
CA PRO A 625 48.53 6.49 31.75
C PRO A 625 47.11 6.28 32.23
N GLU A 626 46.79 5.10 32.78
CA GLU A 626 45.44 4.84 33.25
C GLU A 626 45.05 5.76 34.40
N PHE A 627 46.01 6.11 35.28
CA PHE A 627 45.72 7.09 36.32
C PHE A 627 45.49 8.48 35.72
N GLN A 628 46.21 8.82 34.66
CA GLN A 628 45.99 10.10 33.98
C GLN A 628 44.60 10.14 33.38
N ALA A 629 44.14 9.03 32.80
CA ALA A 629 42.82 8.99 32.18
C ALA A 629 41.72 9.04 33.24
N SER A 630 41.91 8.35 34.36
CA SER A 630 40.89 8.29 35.40
C SER A 630 40.81 9.59 36.19
N ASN A 631 41.96 10.25 36.38
CA ASN A 631 42.04 11.42 37.25
C ASN A 631 41.03 12.50 36.83
N ILE A 632 40.84 12.70 35.53
CA ILE A 632 39.91 13.71 35.05
C ILE A 632 38.48 13.20 35.23
N MET A 633 37.74 13.81 36.15
CA MET A 633 36.37 13.40 36.43
C MET A 633 35.40 14.48 35.96
N HIS A 634 34.23 14.04 35.53
CA HIS A 634 33.21 14.92 34.97
C HIS A 634 32.31 15.45 36.08
N SER A 635 32.13 16.77 36.11
CA SER A 635 31.26 17.41 37.08
C SER A 635 30.23 18.28 36.36
N ILE A 636 29.06 18.40 36.98
CA ILE A 636 27.99 19.27 36.48
C ILE A 636 27.75 20.33 37.54
N ASN A 637 28.35 21.51 37.34
CA ASN A 637 28.20 22.66 38.23
C ASN A 637 28.65 22.35 39.66
N GLY A 638 29.44 21.30 39.83
CA GLY A 638 30.05 21.00 41.12
C GLY A 638 29.15 20.37 42.15
N TYR A 639 27.90 20.05 41.80
CA TYR A 639 26.95 19.51 42.77
C TYR A 639 26.20 18.34 42.14
N VAL A 640 26.22 17.19 42.81
CA VAL A 640 25.52 15.99 42.39
C VAL A 640 24.80 15.40 43.59
N PHE A 641 24.11 14.27 43.36
CA PHE A 641 23.47 13.50 44.43
C PHE A 641 22.43 14.32 45.18
N ASP A 642 21.44 14.83 44.45
CA ASP A 642 20.30 15.55 45.03
C ASP A 642 20.75 16.76 45.84
N SER A 643 21.56 17.61 45.22
CA SER A 643 22.07 18.80 45.87
C SER A 643 21.75 20.10 45.13
N LEU A 644 21.34 20.05 43.88
CA LEU A 644 20.93 21.24 43.14
C LEU A 644 19.41 21.26 42.99
N GLN A 645 18.81 22.41 43.26
CA GLN A 645 17.37 22.58 43.15
C GLN A 645 17.07 23.96 42.59
N LEU A 646 15.82 24.16 42.18
CA LEU A 646 15.37 25.44 41.64
C LEU A 646 13.85 25.46 41.72
N SER A 647 13.30 26.67 41.72
CA SER A 647 11.86 26.86 41.89
C SER A 647 11.43 28.26 41.47
N VAL A 648 10.37 28.35 40.66
CA VAL A 648 9.81 29.61 40.20
C VAL A 648 8.30 29.49 40.20
N CYS A 649 7.63 30.58 39.85
CA CYS A 649 6.18 30.60 39.72
C CYS A 649 5.81 31.68 38.73
N LEU A 650 4.51 32.00 38.65
CA LEU A 650 3.96 32.79 37.55
C LEU A 650 3.92 34.27 37.88
N HIS A 651 3.79 35.08 36.83
CA HIS A 651 3.55 36.53 36.91
C HIS A 651 4.71 37.25 37.61
N GLU A 652 5.88 37.13 36.98
CA GLU A 652 7.06 37.89 37.37
C GLU A 652 7.73 38.49 36.13
N VAL A 653 8.36 39.65 36.31
CA VAL A 653 9.10 40.30 35.22
C VAL A 653 10.53 39.78 35.32
N ALA A 654 10.77 38.62 34.71
CA ALA A 654 12.08 38.00 34.71
C ALA A 654 12.12 36.92 33.63
N TYR A 655 13.31 36.64 33.14
CA TYR A 655 13.54 35.68 32.06
C TYR A 655 14.52 34.61 32.52
N TRP A 656 14.42 33.44 31.89
CA TRP A 656 15.32 32.33 32.17
C TRP A 656 16.64 32.52 31.42
N TYR A 657 17.74 32.12 32.06
CA TYR A 657 19.06 32.20 31.44
C TYR A 657 19.85 30.95 31.76
N ILE A 658 20.46 30.36 30.75
CA ILE A 658 21.31 29.18 30.90
C ILE A 658 22.52 29.33 29.99
N LEU A 659 23.69 29.02 30.53
CA LEU A 659 24.95 29.16 29.80
C LEU A 659 25.82 27.93 29.99
N SER A 660 26.75 27.74 29.05
CA SER A 660 27.73 26.66 29.12
C SER A 660 29.02 27.12 28.46
N ILE A 661 30.15 26.65 28.99
CA ILE A 661 31.46 26.93 28.43
C ILE A 661 32.27 25.65 28.41
N GLY A 662 32.86 25.34 27.27
CA GLY A 662 33.71 24.16 27.13
C GLY A 662 33.26 23.26 26.00
N ALA A 663 34.17 22.84 25.15
CA ALA A 663 33.79 22.01 24.00
C ALA A 663 33.55 20.56 24.38
N GLN A 664 34.11 20.09 25.50
CA GLN A 664 33.71 18.83 26.14
C GLN A 664 34.14 17.61 25.33
N THR A 665 34.74 17.85 24.16
CA THR A 665 35.31 16.82 23.29
C THR A 665 34.21 15.93 22.70
N ASP A 666 32.95 16.20 23.02
CA ASP A 666 31.85 15.45 22.44
C ASP A 666 30.56 16.27 22.58
N PHE A 667 29.42 15.65 22.27
CA PHE A 667 28.13 16.30 22.36
C PHE A 667 27.43 15.87 23.64
N LEU A 668 26.66 16.79 24.22
CA LEU A 668 25.90 16.49 25.43
C LEU A 668 24.42 16.81 25.18
N SER A 669 23.55 15.99 25.76
CA SER A 669 22.10 16.12 25.61
C SER A 669 21.49 16.29 27.01
N VAL A 670 21.07 17.50 27.33
CA VAL A 670 20.47 17.82 28.62
C VAL A 670 19.22 18.66 28.38
N PHE A 671 18.18 18.41 29.17
CA PHE A 671 16.93 19.15 29.08
C PHE A 671 16.09 18.89 30.31
N PHE A 672 14.96 19.58 30.44
CA PHE A 672 14.04 19.40 31.55
C PHE A 672 12.73 18.84 31.02
N SER A 673 12.46 17.58 31.32
CA SER A 673 11.23 16.95 30.89
C SER A 673 10.03 17.59 31.59
N GLY A 674 8.96 17.78 30.83
CA GLY A 674 7.75 18.37 31.37
C GLY A 674 7.55 19.81 30.96
N TYR A 675 8.63 20.59 30.93
CA TYR A 675 8.57 21.99 30.57
C TYR A 675 9.22 22.21 29.21
N THR A 676 8.47 22.78 28.27
CA THR A 676 8.93 22.99 26.90
C THR A 676 9.38 24.44 26.76
N PHE A 677 10.69 24.66 26.74
CA PHE A 677 11.23 26.00 26.59
C PHE A 677 11.08 26.49 25.15
N LYS A 678 11.03 27.82 25.00
CA LYS A 678 10.98 28.47 23.70
C LYS A 678 12.38 28.88 23.29
N HIS A 679 12.89 28.26 22.23
CA HIS A 679 14.27 28.52 21.80
C HIS A 679 14.35 29.63 20.77
N LYS A 680 13.69 29.43 19.62
CA LYS A 680 13.66 30.43 18.54
C LYS A 680 12.24 30.56 18.03
N MET A 681 11.29 30.72 18.96
CA MET A 681 9.85 30.75 18.67
C MET A 681 9.35 29.39 18.18
N VAL A 682 10.07 28.33 18.56
CA VAL A 682 9.67 26.95 18.27
C VAL A 682 9.70 26.18 19.57
N TYR A 683 8.64 25.42 19.84
CA TYR A 683 8.48 24.71 21.11
C TYR A 683 9.03 23.31 20.95
N GLU A 684 10.07 22.97 21.72
CA GLU A 684 10.70 21.67 21.63
C GLU A 684 11.26 21.31 23.00
N ASP A 685 11.35 20.00 23.26
CA ASP A 685 11.73 19.49 24.56
C ASP A 685 13.23 19.24 24.70
N THR A 686 13.80 18.42 23.82
CA THR A 686 15.15 17.90 23.99
C THR A 686 16.11 18.70 23.12
N LEU A 687 16.86 19.60 23.75
CA LEU A 687 17.88 20.37 23.08
C LEU A 687 19.26 19.86 23.48
N THR A 688 20.13 19.70 22.49
CA THR A 688 21.49 19.27 22.76
C THR A 688 22.32 20.43 23.31
N LEU A 689 23.47 20.10 23.89
CA LEU A 689 24.36 21.09 24.50
C LEU A 689 25.57 21.26 23.57
N PHE A 690 25.64 22.41 22.90
CA PHE A 690 26.78 22.76 22.07
C PHE A 690 27.50 23.95 22.68
N PRO A 691 28.83 23.94 22.75
CA PRO A 691 29.55 24.97 23.48
C PRO A 691 29.39 26.35 22.85
N PHE A 692 29.49 27.37 23.70
CA PHE A 692 29.39 28.77 23.30
C PHE A 692 28.04 29.07 22.63
N SER A 693 26.99 29.08 23.46
CA SER A 693 25.67 29.46 22.99
C SER A 693 24.94 30.17 24.13
N GLY A 694 24.17 31.18 23.76
CA GLY A 694 23.38 31.93 24.72
C GLY A 694 22.17 32.59 24.09
N GLU A 695 21.00 32.38 24.68
CA GLU A 695 19.76 32.91 24.13
C GLU A 695 18.88 33.45 25.26
N THR A 696 17.88 34.22 24.85
CA THR A 696 16.86 34.72 25.78
C THR A 696 15.68 33.76 25.78
N VAL A 697 15.28 33.31 26.97
CA VAL A 697 14.24 32.30 27.12
C VAL A 697 13.51 32.53 28.43
N PHE A 698 12.25 32.11 28.49
CA PHE A 698 11.49 32.07 29.72
C PHE A 698 10.64 30.81 29.73
N MET A 699 10.57 30.15 30.89
CA MET A 699 9.79 28.94 31.06
C MET A 699 8.74 29.16 32.13
N SER A 700 7.52 28.67 31.88
CA SER A 700 6.38 28.90 32.76
C SER A 700 6.17 27.70 33.69
N MET A 701 5.80 28.01 34.93
CA MET A 701 5.51 27.00 35.93
C MET A 701 4.02 26.72 35.87
N GLU A 702 3.65 25.57 35.31
CA GLU A 702 2.26 25.19 35.18
C GLU A 702 1.90 23.96 36.00
N ASN A 703 2.72 22.91 35.94
CA ASN A 703 2.43 21.65 36.63
C ASN A 703 3.65 21.13 37.39
N PRO A 704 3.51 20.79 38.65
CA PRO A 704 4.61 20.13 39.37
C PRO A 704 4.66 18.65 39.05
N GLY A 705 5.47 17.90 39.80
CA GLY A 705 5.60 16.47 39.56
C GLY A 705 7.00 15.95 39.80
N LEU A 706 7.11 14.83 40.51
CA LEU A 706 8.39 14.24 40.86
C LEU A 706 8.55 12.94 40.10
N TRP A 707 9.54 12.89 39.21
CA TRP A 707 9.88 11.68 38.48
C TRP A 707 11.39 11.58 38.39
N ILE A 708 11.94 10.42 38.76
CA ILE A 708 13.39 10.27 38.79
C ILE A 708 13.95 10.31 37.37
N LEU A 709 14.96 11.15 37.16
CA LEU A 709 15.61 11.27 35.88
C LEU A 709 17.02 11.83 36.10
N GLY A 710 17.84 11.78 35.05
CA GLY A 710 19.22 12.22 35.12
C GLY A 710 19.57 13.21 34.02
N CYS A 711 20.85 13.53 33.96
CA CYS A 711 21.35 14.42 32.91
C CYS A 711 21.18 13.82 31.52
N HIS A 712 20.95 12.51 31.44
CA HIS A 712 20.54 11.85 30.19
C HIS A 712 21.61 11.96 29.11
N ASN A 713 22.88 11.95 29.50
CA ASN A 713 23.93 11.84 28.51
C ASN A 713 24.26 10.37 28.24
N SER A 714 24.94 10.14 27.11
CA SER A 714 25.31 8.78 26.73
C SER A 714 26.31 8.18 27.71
N ASP A 715 27.30 8.96 28.13
CA ASP A 715 28.37 8.46 29.00
C ASP A 715 28.30 8.95 30.43
N PHE A 716 27.58 10.03 30.71
CA PHE A 716 27.42 10.51 32.07
C PHE A 716 26.11 9.98 32.65
N ARG A 717 25.74 10.49 33.83
CA ARG A 717 24.64 10.07 34.69
C ARG A 717 25.00 8.76 35.40
N ASN A 718 26.15 8.14 35.09
CA ASN A 718 26.54 6.88 35.69
C ASN A 718 27.12 7.04 37.09
N ARG A 719 27.43 8.27 37.49
CA ARG A 719 28.03 8.54 38.80
C ARG A 719 27.02 8.68 39.92
N GLY A 720 25.73 8.61 39.62
CA GLY A 720 24.70 8.82 40.62
C GLY A 720 24.35 10.28 40.76
N MET A 721 24.13 10.94 39.62
CA MET A 721 23.70 12.33 39.60
C MET A 721 22.24 12.40 39.15
N THR A 722 21.44 13.16 39.88
CA THR A 722 20.03 13.33 39.53
C THR A 722 19.73 14.69 38.91
N ALA A 723 20.39 15.76 39.38
CA ALA A 723 20.13 17.12 38.93
C ALA A 723 18.63 17.42 38.92
N LEU A 724 17.97 17.03 40.00
CA LEU A 724 16.51 17.10 40.06
C LEU A 724 16.06 18.56 40.07
N LEU A 725 15.02 18.85 39.28
CA LEU A 725 14.51 20.22 39.19
C LEU A 725 13.62 20.54 40.39
N LYS A 726 12.55 19.76 40.58
CA LYS A 726 11.61 19.95 41.67
C LYS A 726 11.13 21.40 41.73
N VAL A 727 10.34 21.77 40.72
CA VAL A 727 9.89 23.15 40.57
C VAL A 727 9.02 23.57 41.75
N SER A 728 8.17 22.66 42.23
CA SER A 728 7.30 22.93 43.38
C SER A 728 6.52 24.23 43.24
N SER A 729 6.43 25.01 44.32
CA SER A 729 5.74 26.28 44.30
C SER A 729 6.51 27.29 45.15
N CYS A 730 6.33 28.56 44.83
CA CYS A 730 7.01 29.62 45.56
C CYS A 730 6.24 30.01 46.81
N LYS A 828 -16.59 15.35 22.91
CA LYS A 828 -16.41 14.29 21.93
C LYS A 828 -15.70 13.09 22.52
N ARG A 829 -15.98 11.91 21.99
CA ARG A 829 -15.26 10.71 22.40
C ARG A 829 -13.84 10.73 21.86
N THR A 830 -12.91 10.22 22.66
CA THR A 830 -11.51 10.16 22.29
C THR A 830 -11.24 8.92 21.41
N ARG A 831 -10.03 8.87 20.87
CA ARG A 831 -9.62 7.78 19.99
C ARG A 831 -8.76 6.81 20.79
N HIS A 832 -9.17 5.55 20.82
CA HIS A 832 -8.42 4.54 21.55
C HIS A 832 -7.07 4.30 20.88
N TYR A 833 -6.01 4.39 21.67
CA TYR A 833 -4.67 4.15 21.19
C TYR A 833 -4.02 3.06 22.04
N PHE A 834 -3.26 2.19 21.38
CA PHE A 834 -2.57 1.09 22.04
C PHE A 834 -1.14 1.02 21.54
N ILE A 835 -0.24 0.59 22.42
CA ILE A 835 1.15 0.34 22.08
C ILE A 835 1.50 -1.06 22.55
N ALA A 836 2.10 -1.84 21.66
CA ALA A 836 2.48 -3.22 21.97
C ALA A 836 3.98 -3.40 21.75
N ALA A 837 4.44 -4.63 21.93
CA ALA A 837 5.84 -4.96 21.73
C ALA A 837 5.96 -6.45 21.44
N VAL A 838 6.57 -6.79 20.32
CA VAL A 838 6.74 -8.18 19.92
C VAL A 838 8.11 -8.33 19.27
N GLU A 839 8.68 -9.53 19.39
CA GLU A 839 10.00 -9.84 18.87
C GLU A 839 9.85 -10.72 17.63
N GLN A 840 10.52 -10.34 16.55
CA GLN A 840 10.47 -11.07 15.30
C GLN A 840 11.87 -11.60 14.97
N LEU A 841 12.04 -12.92 15.07
CA LEU A 841 13.33 -13.54 14.80
C LEU A 841 13.60 -13.57 13.31
N TRP A 842 14.19 -12.49 12.80
CA TRP A 842 14.40 -12.30 11.36
C TRP A 842 15.80 -11.77 11.11
N ASP A 843 16.71 -12.67 10.74
CA ASP A 843 18.00 -12.24 10.21
C ASP A 843 17.80 -11.51 8.89
N TYR A 844 18.65 -10.51 8.63
CA TYR A 844 18.45 -9.64 7.48
C TYR A 844 18.71 -10.36 6.17
N GLY A 845 19.66 -11.29 6.16
CA GLY A 845 19.96 -12.02 4.94
C GLY A 845 21.28 -12.75 5.07
N MET A 846 21.54 -13.61 4.09
CA MET A 846 22.77 -14.37 4.02
C MET A 846 23.61 -14.05 2.79
N SER A 847 22.97 -13.79 1.64
CA SER A 847 23.67 -13.39 0.43
C SER A 847 23.77 -11.87 0.39
N GLU A 848 24.99 -11.36 0.20
CA GLU A 848 25.27 -9.93 0.18
C GLU A 848 24.80 -9.25 1.46
N SER A 849 25.37 -9.72 2.57
CA SER A 849 25.03 -9.20 3.89
C SER A 849 25.94 -8.04 4.27
N VAL A 862 22.14 -21.25 13.13
CA VAL A 862 22.27 -20.12 12.22
C VAL A 862 22.06 -18.81 12.98
N PRO A 863 22.77 -17.75 12.58
CA PRO A 863 22.55 -16.45 13.19
C PRO A 863 21.13 -15.95 12.93
N ARG A 864 20.50 -15.44 13.99
CA ARG A 864 19.14 -14.94 13.94
C ARG A 864 19.03 -13.76 14.88
N PHE A 865 18.29 -12.73 14.46
CA PHE A 865 18.14 -11.52 15.24
C PHE A 865 16.66 -11.26 15.47
N LYS A 866 16.26 -11.18 16.74
CA LYS A 866 14.91 -10.81 17.12
C LYS A 866 14.91 -9.35 17.54
N LYS A 867 13.99 -8.58 16.98
CA LYS A 867 13.88 -7.15 17.26
C LYS A 867 12.50 -6.87 17.82
N VAL A 868 12.45 -6.06 18.88
CA VAL A 868 11.20 -5.67 19.51
C VAL A 868 11.08 -4.16 19.40
N VAL A 869 9.97 -3.70 18.81
CA VAL A 869 9.74 -2.28 18.55
C VAL A 869 8.32 -1.96 18.97
N PHE A 870 8.03 -0.67 19.08
CA PHE A 870 6.70 -0.22 19.44
C PHE A 870 5.75 -0.38 18.26
N ARG A 871 4.53 -0.79 18.56
CA ARG A 871 3.49 -1.03 17.57
C ARG A 871 2.22 -0.31 18.00
N GLU A 872 1.18 -0.44 17.19
CA GLU A 872 -0.15 0.03 17.55
C GLU A 872 -1.13 -1.13 17.40
N PHE A 873 -2.11 -1.18 18.29
CA PHE A 873 -2.99 -2.34 18.36
C PHE A 873 -4.43 -1.87 18.45
N ALA A 874 -5.37 -2.77 18.68
CA ALA A 874 -6.79 -2.43 18.72
C ALA A 874 -7.40 -2.53 20.11
N ASP A 875 -7.18 -3.63 20.83
CA ASP A 875 -7.86 -3.88 22.09
C ASP A 875 -6.91 -4.59 23.06
N GLY A 876 -7.43 -4.87 24.26
CA GLY A 876 -6.61 -5.54 25.26
C GLY A 876 -6.20 -6.94 24.86
N SER A 877 -7.15 -7.72 24.35
CA SER A 877 -6.83 -9.08 23.92
C SER A 877 -6.01 -9.06 22.64
N PHE A 878 -5.08 -10.01 22.53
CA PHE A 878 -4.15 -10.04 21.40
C PHE A 878 -4.74 -10.79 20.20
N THR A 879 -6.01 -10.51 19.88
CA THR A 879 -6.69 -11.24 18.82
C THR A 879 -6.50 -10.59 17.46
N GLN A 880 -6.91 -9.32 17.31
CA GLN A 880 -6.79 -8.62 16.04
C GLN A 880 -5.82 -7.45 16.16
N PRO A 881 -4.77 -7.40 15.34
CA PRO A 881 -3.83 -6.27 15.40
C PRO A 881 -4.23 -5.06 14.57
N SER A 882 -5.34 -5.15 13.82
CA SER A 882 -5.75 -4.09 12.90
C SER A 882 -4.63 -3.76 11.91
N TYR A 883 -4.21 -4.80 11.18
CA TYR A 883 -3.12 -4.67 10.23
C TYR A 883 -3.54 -3.79 9.06
N ARG A 884 -2.70 -2.81 8.73
CA ARG A 884 -2.95 -1.86 7.65
C ARG A 884 -1.77 -1.89 6.67
N GLY A 885 -1.87 -1.07 5.63
CA GLY A 885 -0.83 -1.03 4.62
C GLY A 885 -0.88 0.27 3.85
N GLU A 886 -0.03 0.33 2.81
CA GLU A 886 0.11 1.52 1.97
C GLU A 886 0.47 2.75 2.80
N LEU A 887 -0.53 3.61 3.06
CA LEU A 887 -0.27 4.89 3.70
C LEU A 887 0.38 4.75 5.07
N ASN A 888 0.34 3.56 5.67
CA ASN A 888 0.97 3.36 6.97
C ASN A 888 2.16 2.42 6.88
N LYS A 889 3.01 2.62 5.87
CA LYS A 889 4.29 1.93 5.78
C LYS A 889 5.28 2.41 6.84
N HIS A 890 5.01 3.55 7.47
CA HIS A 890 5.88 4.17 8.47
C HIS A 890 6.44 3.19 9.48
N LEU A 891 5.66 2.16 9.83
CA LEU A 891 6.09 1.20 10.85
C LEU A 891 7.44 0.58 10.51
N GLY A 892 7.50 -0.21 9.44
CA GLY A 892 8.71 -0.92 9.08
C GLY A 892 9.29 -1.67 10.26
N LEU A 893 10.47 -1.27 10.70
CA LEU A 893 11.05 -1.72 11.97
C LEU A 893 11.21 -0.53 12.91
N LEU A 894 10.24 0.39 12.87
CA LEU A 894 10.20 1.57 13.72
C LEU A 894 8.93 1.53 14.57
N GLY A 895 8.65 2.62 15.27
CA GLY A 895 7.49 2.69 16.10
C GLY A 895 6.23 3.03 15.32
N PRO A 896 5.10 3.10 16.00
CA PRO A 896 3.84 3.41 15.32
C PRO A 896 3.72 4.90 15.00
N TYR A 897 2.78 5.20 14.11
CA TYR A 897 2.53 6.56 13.64
C TYR A 897 1.16 6.96 14.18
N ILE A 898 1.15 7.89 15.13
CA ILE A 898 -0.05 8.30 15.84
C ILE A 898 -0.48 9.66 15.35
N ARG A 899 -1.72 9.76 14.86
CA ARG A 899 -2.31 11.02 14.45
C ARG A 899 -3.24 11.53 15.55
N ALA A 900 -2.88 12.66 16.15
CA ALA A 900 -3.70 13.26 17.19
C ALA A 900 -3.57 14.77 17.10
N GLU A 901 -4.66 15.46 17.45
CA GLU A 901 -4.67 16.92 17.40
C GLU A 901 -4.88 17.56 18.77
N VAL A 902 -6.00 17.29 19.44
CA VAL A 902 -6.33 18.01 20.67
C VAL A 902 -7.51 17.34 21.37
N GLU A 903 -7.56 17.47 22.70
CA GLU A 903 -8.67 17.18 23.58
C GLU A 903 -8.89 15.68 23.76
N ASP A 904 -8.22 14.83 23.00
CA ASP A 904 -8.37 13.38 23.12
C ASP A 904 -7.15 12.80 23.81
N ASN A 905 -7.39 12.08 24.91
CA ASN A 905 -6.32 11.46 25.67
C ASN A 905 -5.87 10.17 25.01
N ILE A 906 -4.73 9.66 25.47
CA ILE A 906 -4.21 8.39 24.99
C ILE A 906 -4.28 7.39 26.14
N MET A 907 -5.38 6.63 26.20
CA MET A 907 -5.59 5.65 27.25
C MET A 907 -4.91 4.32 26.89
N VAL A 908 -3.63 4.45 26.52
CA VAL A 908 -2.86 3.29 26.08
C VAL A 908 -2.69 2.33 27.26
N THR A 909 -3.33 1.17 27.16
CA THR A 909 -3.18 0.11 28.15
C THR A 909 -2.03 -0.80 27.72
N PHE A 910 -0.83 -0.27 27.87
CA PHE A 910 0.38 -1.00 27.50
C PHE A 910 0.54 -2.25 28.34
N LYS A 911 0.64 -3.40 27.67
CA LYS A 911 0.99 -4.64 28.33
C LYS A 911 1.61 -5.58 27.28
N ASN A 912 2.75 -6.15 27.63
CA ASN A 912 3.47 -7.03 26.73
C ASN A 912 3.01 -8.47 26.87
N GLN A 913 3.13 -9.23 25.77
CA GLN A 913 3.03 -10.68 25.84
C GLN A 913 4.41 -11.32 25.75
N ALA A 914 5.17 -11.01 24.69
CA ALA A 914 6.61 -11.27 24.53
C ALA A 914 7.12 -12.49 25.29
N SER A 915 8.25 -12.32 25.98
CA SER A 915 8.77 -13.35 26.88
C SER A 915 9.30 -12.82 28.20
N ARG A 916 9.60 -11.53 28.33
CA ARG A 916 10.12 -10.96 29.57
C ARG A 916 9.50 -9.59 29.80
N PRO A 917 9.35 -9.18 31.07
CA PRO A 917 8.81 -7.85 31.35
C PRO A 917 9.81 -6.75 31.06
N TYR A 918 9.29 -5.62 30.57
CA TYR A 918 10.05 -4.40 30.37
C TYR A 918 9.13 -3.23 30.65
N SER A 919 9.55 -2.02 30.24
CA SER A 919 8.82 -0.82 30.57
C SER A 919 8.61 0.05 29.33
N PHE A 920 7.67 0.97 29.46
CA PHE A 920 7.37 1.96 28.43
C PHE A 920 7.31 3.33 29.08
N TYR A 921 7.83 4.34 28.39
CA TYR A 921 7.88 5.69 28.91
C TYR A 921 7.29 6.64 27.88
N SER A 922 6.30 7.44 28.29
CA SER A 922 5.60 8.29 27.35
C SER A 922 6.42 9.52 26.95
N SER A 923 7.40 9.90 27.77
CA SER A 923 8.26 11.06 27.54
C SER A 923 7.49 12.37 27.63
N LEU A 924 6.18 12.29 27.89
CA LEU A 924 5.35 13.47 28.12
C LEU A 924 4.36 13.19 29.24
N ILE A 925 4.80 12.50 30.29
CA ILE A 925 3.92 12.16 31.41
C ILE A 925 3.53 13.44 32.14
N SER A 926 2.28 13.83 32.00
CA SER A 926 1.73 15.04 32.62
C SER A 926 0.70 14.64 33.66
N TYR A 927 1.16 14.46 34.90
CA TYR A 927 0.27 14.15 36.01
C TYR A 927 0.36 15.22 37.07
N PRO A 928 -0.72 15.42 37.83
CA PRO A 928 -0.64 16.31 39.00
C PRO A 928 0.12 15.64 40.14
N ASP A 929 0.16 16.28 41.31
CA ASP A 929 0.89 15.71 42.44
C ASP A 929 0.05 14.56 43.00
N ASP A 930 0.09 13.45 42.27
CA ASP A 930 -0.59 12.23 42.70
C ASP A 930 0.29 11.49 43.70
N GLN A 931 -0.12 10.29 44.08
CA GLN A 931 0.61 9.48 45.05
C GLN A 931 0.83 10.26 46.34
N GLU A 932 -0.26 10.62 47.01
CA GLU A 932 -0.17 11.54 48.14
C GLU A 932 0.21 10.71 49.37
N GLN A 933 0.32 11.35 50.55
CA GLN A 933 0.94 10.74 51.72
C GLN A 933 2.35 10.27 51.38
N GLY A 934 3.17 11.17 50.82
CA GLY A 934 4.53 10.83 50.46
C GLY A 934 4.74 10.69 48.97
N ALA A 935 5.76 11.37 48.43
CA ALA A 935 6.02 11.41 47.00
C ALA A 935 6.93 10.26 46.57
N GLU A 936 6.34 9.04 46.53
CA GLU A 936 7.15 7.91 46.09
C GLU A 936 7.25 7.87 44.56
N PRO A 937 8.37 7.38 44.02
CA PRO A 937 8.57 7.36 42.57
C PRO A 937 7.69 6.34 41.84
N ARG A 938 7.76 6.33 40.52
CA ARG A 938 7.03 5.38 39.69
C ARG A 938 7.87 4.11 39.49
N HIS A 939 7.32 2.97 39.89
CA HIS A 939 8.02 1.70 39.68
C HIS A 939 8.18 1.38 38.20
N ASN A 940 7.14 1.65 37.41
CA ASN A 940 7.10 1.34 35.97
C ASN A 940 7.33 -0.17 35.80
N PHE A 941 8.08 -0.60 34.79
CA PHE A 941 8.41 -2.00 34.56
C PHE A 941 7.15 -2.84 34.35
N VAL A 942 6.45 -2.55 33.24
CA VAL A 942 5.21 -3.24 32.91
C VAL A 942 5.49 -4.73 32.72
N GLN A 943 4.97 -5.54 33.63
CA GLN A 943 5.04 -6.99 33.47
C GLN A 943 3.97 -7.46 32.49
N PRO A 944 4.16 -8.61 31.87
CA PRO A 944 3.11 -9.15 31.00
C PRO A 944 1.83 -9.44 31.77
N ASN A 945 0.70 -9.28 31.08
CA ASN A 945 -0.63 -9.53 31.64
C ASN A 945 -0.90 -8.63 32.87
N GLU A 946 -0.96 -7.33 32.62
CA GLU A 946 -1.36 -6.37 33.62
C GLU A 946 -2.08 -5.23 32.93
N THR A 947 -2.78 -4.41 33.72
CA THR A 947 -3.50 -3.25 33.21
C THR A 947 -2.91 -1.98 33.82
N ARG A 948 -2.45 -1.07 32.98
CA ARG A 948 -1.87 0.19 33.43
C ARG A 948 -1.96 1.19 32.29
N THR A 949 -2.92 2.10 32.37
CA THR A 949 -3.14 3.09 31.32
C THR A 949 -2.25 4.32 31.59
N TYR A 950 -1.31 4.57 30.67
CA TYR A 950 -0.54 5.80 30.68
C TYR A 950 -1.28 6.82 29.82
N PHE A 951 -1.86 7.83 30.47
CA PHE A 951 -2.78 8.73 29.79
C PHE A 951 -2.54 10.15 30.28
N TRP A 952 -2.47 11.08 29.34
CA TRP A 952 -2.17 12.47 29.64
C TRP A 952 -2.88 13.37 28.64
N LYS A 953 -3.11 14.62 29.06
CA LYS A 953 -3.89 15.59 28.31
C LYS A 953 -2.95 16.49 27.53
N VAL A 954 -3.19 16.60 26.21
CA VAL A 954 -2.37 17.47 25.39
C VAL A 954 -2.59 18.92 25.77
N GLN A 955 -1.56 19.73 25.57
CA GLN A 955 -1.59 21.13 25.95
C GLN A 955 -1.87 22.01 24.75
N HIS A 956 -2.60 23.11 24.98
CA HIS A 956 -2.93 24.05 23.93
C HIS A 956 -1.76 24.93 23.52
N HIS A 957 -0.83 25.20 24.44
CA HIS A 957 0.29 26.07 24.14
C HIS A 957 1.34 25.41 23.25
N MET A 958 1.23 24.10 23.01
CA MET A 958 2.17 23.38 22.16
C MET A 958 1.77 23.39 20.69
N ALA A 959 0.99 24.39 20.27
CA ALA A 959 0.55 24.51 18.89
C ALA A 959 0.98 25.87 18.34
N PRO A 960 1.71 25.91 17.21
CA PRO A 960 2.22 27.19 16.71
C PRO A 960 1.14 28.12 16.18
N THR A 961 1.56 29.28 15.71
CA THR A 961 0.64 30.25 15.12
C THR A 961 0.04 29.69 13.83
N GLU A 962 -1.19 30.12 13.52
CA GLU A 962 -1.87 29.64 12.33
C GLU A 962 -1.08 29.95 11.07
N ASP A 963 -0.42 31.11 11.02
CA ASP A 963 0.42 31.42 9.88
C ASP A 963 1.63 30.50 9.81
N GLU A 964 2.10 30.01 10.95
CA GLU A 964 3.17 29.03 10.97
C GLU A 964 2.63 27.65 10.58
N PHE A 965 3.51 26.66 10.55
CA PHE A 965 3.10 25.30 10.27
C PHE A 965 2.28 24.76 11.44
N ASP A 966 1.07 24.27 11.14
CA ASP A 966 0.10 23.97 12.17
C ASP A 966 0.40 22.71 12.95
N CYS A 967 1.23 21.80 12.43
CA CYS A 967 1.44 20.51 13.05
C CYS A 967 2.91 20.32 13.38
N LYS A 968 3.20 19.94 14.61
CA LYS A 968 4.55 19.86 15.14
C LYS A 968 4.83 18.43 15.61
N ALA A 969 6.08 18.01 15.45
CA ALA A 969 6.46 16.61 15.66
C ALA A 969 7.46 16.48 16.80
N TRP A 970 7.16 15.61 17.75
CA TRP A 970 8.08 15.19 18.79
C TRP A 970 8.24 13.68 18.79
N ALA A 971 8.94 13.14 19.79
CA ALA A 971 9.19 11.71 19.86
C ALA A 971 9.19 11.27 21.32
N TYR A 972 9.11 9.96 21.52
CA TYR A 972 9.13 9.37 22.84
C TYR A 972 10.09 8.19 22.86
N PHE A 973 10.62 7.90 24.06
CA PHE A 973 11.58 6.82 24.25
C PHE A 973 11.30 6.15 25.58
N SER A 974 12.00 5.05 25.85
CA SER A 974 11.91 4.34 27.11
C SER A 974 13.11 4.73 27.97
N ASP A 975 12.83 5.33 29.13
CA ASP A 975 13.89 5.93 29.95
C ASP A 975 14.74 4.89 30.66
N VAL A 976 14.22 3.68 30.88
CA VAL A 976 14.92 2.71 31.72
C VAL A 976 16.20 2.22 31.04
N ASP A 977 16.10 1.82 29.78
CA ASP A 977 17.24 1.22 29.07
C ASP A 977 17.36 1.85 27.68
N LEU A 978 18.09 2.95 27.60
CA LEU A 978 18.32 3.59 26.30
C LEU A 978 19.25 2.75 25.42
N GLU A 979 20.33 2.23 26.00
CA GLU A 979 21.30 1.44 25.24
C GLU A 979 21.11 -0.06 25.38
N LYS A 980 20.34 -0.52 26.37
CA LYS A 980 20.07 -1.94 26.53
C LYS A 980 18.84 -2.38 25.75
N ASP A 981 17.72 -1.67 25.92
CA ASP A 981 16.45 -2.08 25.34
C ASP A 981 16.00 -1.17 24.20
N VAL A 982 16.14 0.16 24.37
CA VAL A 982 15.78 1.07 23.29
C VAL A 982 16.67 0.84 22.08
N HIS A 983 17.98 0.65 22.30
CA HIS A 983 18.86 0.28 21.21
C HIS A 983 18.63 -1.14 20.73
N SER A 984 17.92 -1.97 21.51
CA SER A 984 17.46 -3.25 21.00
C SER A 984 16.33 -3.09 19.99
N GLY A 985 15.67 -1.93 19.97
CA GLY A 985 14.65 -1.67 18.98
C GLY A 985 13.45 -0.87 19.44
N LEU A 986 13.21 -0.81 20.75
CA LEU A 986 12.02 -0.13 21.27
C LEU A 986 12.23 1.38 21.25
N ILE A 987 12.01 1.97 20.07
CA ILE A 987 11.95 3.42 19.92
C ILE A 987 10.69 3.75 19.13
N GLY A 988 9.95 4.76 19.58
CA GLY A 988 8.70 5.12 18.96
C GLY A 988 8.53 6.61 18.77
N PRO A 989 8.16 7.01 17.56
CA PRO A 989 7.88 8.41 17.28
C PRO A 989 6.42 8.75 17.55
N LEU A 990 6.13 10.05 17.54
CA LEU A 990 4.79 10.54 17.79
C LEU A 990 4.54 11.78 16.96
N LEU A 991 3.27 12.11 16.78
CA LEU A 991 2.87 13.26 15.98
C LEU A 991 1.68 13.95 16.63
N ILE A 992 1.75 15.26 16.76
CA ILE A 992 0.66 16.07 17.29
C ILE A 992 0.40 17.24 16.34
N CYS A 993 -0.85 17.42 15.97
CA CYS A 993 -1.27 18.51 15.10
C CYS A 993 -2.13 19.48 15.91
N ARG A 994 -2.64 20.51 15.24
CA ARG A 994 -3.52 21.48 15.86
C ARG A 994 -4.74 21.67 14.96
N ALA A 995 -5.71 22.45 15.46
CA ALA A 995 -6.93 22.74 14.72
C ALA A 995 -7.66 21.46 14.34
N ASN A 996 -8.50 21.53 13.31
CA ASN A 996 -9.20 20.34 12.84
C ASN A 996 -9.30 20.45 11.31
N THR A 997 -8.35 19.82 10.62
CA THR A 997 -8.39 19.66 9.18
C THR A 997 -8.52 18.22 8.75
N LEU A 998 -8.22 17.26 9.64
CA LEU A 998 -8.45 15.85 9.40
C LEU A 998 -9.91 15.50 9.69
N ASN A 999 -10.80 16.05 8.85
CA ASN A 999 -12.22 15.95 9.09
C ASN A 999 -12.70 14.50 8.94
N ALA A 1000 -13.96 14.27 9.29
CA ALA A 1000 -14.58 12.95 9.28
C ALA A 1000 -13.88 12.00 10.25
N ALA A 1001 -14.35 10.74 10.30
CA ALA A 1001 -13.81 9.79 11.26
C ALA A 1001 -12.39 9.37 10.90
N HIS A 1002 -12.12 9.16 9.62
CA HIS A 1002 -10.84 8.60 9.17
C HIS A 1002 -10.00 9.56 8.36
N GLY A 1003 -10.52 10.73 8.00
CA GLY A 1003 -9.70 11.79 7.44
C GLY A 1003 -9.18 11.59 6.03
N ARG A 1004 -10.08 11.59 5.05
CA ARG A 1004 -9.67 11.70 3.64
C ARG A 1004 -9.34 13.17 3.36
N GLN A 1005 -8.07 13.53 3.51
CA GLN A 1005 -7.65 14.93 3.42
C GLN A 1005 -6.97 15.26 2.10
N VAL A 1006 -6.19 14.34 1.54
CA VAL A 1006 -5.51 14.44 0.24
C VAL A 1006 -4.81 15.79 0.04
N THR A 1007 -4.41 16.45 1.13
CA THR A 1007 -3.62 17.66 1.04
C THR A 1007 -2.12 17.39 1.16
N VAL A 1008 -1.69 16.73 2.23
CA VAL A 1008 -0.28 16.49 2.48
C VAL A 1008 -0.06 15.03 2.84
N GLN A 1009 0.99 14.43 2.27
CA GLN A 1009 1.43 13.09 2.63
C GLN A 1009 2.51 13.19 3.69
N GLU A 1010 2.47 12.29 4.67
CA GLU A 1010 3.30 12.42 5.86
C GLU A 1010 3.95 11.08 6.21
N PHE A 1011 5.28 11.03 6.09
CA PHE A 1011 6.13 9.97 6.61
C PHE A 1011 7.22 10.57 7.47
N ALA A 1012 8.04 9.69 8.05
CA ALA A 1012 9.19 10.09 8.84
C ALA A 1012 10.24 8.99 8.77
N LEU A 1013 11.49 9.37 9.02
CA LEU A 1013 12.61 8.45 8.92
C LEU A 1013 13.56 8.72 10.08
N PHE A 1014 14.30 7.69 10.48
CA PHE A 1014 15.12 7.74 11.69
C PHE A 1014 16.41 6.96 11.45
N PHE A 1015 17.48 7.36 12.15
CA PHE A 1015 18.75 6.67 12.09
C PHE A 1015 19.24 6.30 13.48
N THR A 1016 19.92 5.16 13.56
CA THR A 1016 20.46 4.64 14.82
C THR A 1016 21.50 3.57 14.48
N ILE A 1017 22.17 3.08 15.52
CA ILE A 1017 23.15 2.02 15.39
C ILE A 1017 22.66 0.80 16.17
N PHE A 1018 22.65 -0.36 15.52
CA PHE A 1018 22.29 -1.61 16.15
C PHE A 1018 23.52 -2.50 16.25
N ASP A 1019 23.78 -3.02 17.44
CA ASP A 1019 24.86 -3.98 17.68
C ASP A 1019 24.25 -5.22 18.31
N GLU A 1020 24.96 -6.37 18.20
CA GLU A 1020 24.46 -7.57 18.86
C GLU A 1020 24.68 -7.51 20.37
N THR A 1021 25.70 -6.78 20.82
CA THR A 1021 25.95 -6.67 22.26
C THR A 1021 24.85 -5.89 22.96
N LYS A 1022 24.20 -4.96 22.26
CA LYS A 1022 23.11 -4.20 22.88
C LYS A 1022 21.92 -5.10 23.17
N SER A 1023 21.68 -6.09 22.33
CA SER A 1023 20.54 -6.96 22.52
C SER A 1023 20.82 -7.99 23.62
N TRP A 1024 19.73 -8.51 24.19
CA TRP A 1024 19.81 -9.51 25.25
C TRP A 1024 19.93 -10.94 24.72
N TYR A 1025 19.88 -11.13 23.40
CA TYR A 1025 19.56 -12.42 22.82
C TYR A 1025 20.76 -13.10 22.15
N PHE A 1026 21.96 -12.81 22.65
CA PHE A 1026 23.18 -13.36 22.08
C PHE A 1026 23.16 -14.89 22.05
N THR A 1027 23.14 -15.53 23.22
CA THR A 1027 23.47 -16.95 23.32
C THR A 1027 22.37 -17.87 22.79
N GLU A 1028 21.15 -17.39 22.66
CA GLU A 1028 20.03 -18.27 22.27
C GLU A 1028 19.62 -18.08 20.81
N ASN A 1029 20.52 -17.59 19.96
CA ASN A 1029 20.22 -17.45 18.54
C ASN A 1029 20.31 -18.78 17.81
N VAL A 1030 20.47 -19.88 18.53
CA VAL A 1030 20.58 -21.22 17.97
C VAL A 1030 19.20 -21.85 17.86
N GLU A 1031 18.15 -21.03 18.03
CA GLU A 1031 16.74 -21.43 18.01
C GLU A 1031 16.40 -22.23 19.28
N ARG A 1032 17.41 -22.49 20.12
CA ARG A 1032 17.22 -23.16 21.40
C ARG A 1032 16.49 -24.50 21.21
N ASN A 1033 16.93 -25.27 20.21
CA ASN A 1033 16.33 -26.55 19.91
C ASN A 1033 17.36 -27.67 19.93
N LEU A 1047 37.58 -11.90 9.78
CA LEU A 1047 37.82 -12.56 11.06
C LEU A 1047 36.69 -12.27 12.05
N LYS A 1048 36.84 -11.17 12.79
CA LYS A 1048 35.83 -10.74 13.77
C LYS A 1048 34.86 -9.72 13.19
N GLU A 1049 34.63 -9.74 11.88
CA GLU A 1049 33.75 -8.76 11.24
C GLU A 1049 32.31 -8.85 11.73
N ASN A 1050 31.94 -9.93 12.41
CA ASN A 1050 30.60 -10.16 12.93
C ASN A 1050 30.24 -9.18 14.08
N TYR A 1051 31.21 -8.37 14.52
CA TYR A 1051 30.99 -7.47 15.64
C TYR A 1051 30.50 -6.08 15.21
N ARG A 1052 30.44 -5.79 13.92
CA ARG A 1052 30.21 -4.43 13.41
C ARG A 1052 28.95 -4.40 12.55
N PHE A 1053 27.84 -4.01 13.17
CA PHE A 1053 26.55 -3.88 12.49
C PHE A 1053 26.12 -2.42 12.46
N HIS A 1054 25.42 -2.05 11.40
CA HIS A 1054 24.98 -0.68 11.18
C HIS A 1054 23.49 -0.68 10.89
N ALA A 1055 22.73 0.08 11.66
CA ALA A 1055 21.27 0.10 11.57
C ALA A 1055 20.84 1.22 10.62
N ILE A 1056 20.08 0.86 9.59
CA ILE A 1056 19.51 1.82 8.64
C ILE A 1056 18.02 1.50 8.54
N ASN A 1057 17.21 2.10 9.40
CA ASN A 1057 15.76 2.01 9.34
C ASN A 1057 15.23 0.61 9.63
N GLY A 1058 16.12 -0.35 9.81
CA GLY A 1058 15.71 -1.71 10.11
C GLY A 1058 16.11 -2.74 9.07
N TYR A 1059 16.09 -2.35 7.79
CA TYR A 1059 16.36 -3.28 6.71
C TYR A 1059 17.39 -2.66 5.77
N VAL A 1060 18.21 -3.51 5.16
CA VAL A 1060 19.34 -3.09 4.34
C VAL A 1060 19.19 -3.80 3.00
N MET A 1061 20.17 -3.64 2.11
CA MET A 1061 20.20 -4.23 0.78
C MET A 1061 19.17 -3.58 -0.16
N ASP A 1062 19.04 -2.25 -0.07
CA ASP A 1062 18.37 -1.44 -1.08
C ASP A 1062 16.93 -1.89 -1.33
N THR A 1063 16.28 -2.50 -0.36
CA THR A 1063 14.98 -3.14 -0.56
C THR A 1063 14.01 -2.71 0.54
N LEU A 1064 13.90 -1.40 0.74
CA LEU A 1064 12.96 -0.82 1.70
C LEU A 1064 12.08 0.18 0.95
N PRO A 1065 11.08 -0.31 0.20
CA PRO A 1065 10.15 0.59 -0.48
C PRO A 1065 9.07 1.11 0.46
N GLY A 1066 8.10 1.84 -0.11
CA GLY A 1066 6.92 2.26 0.62
C GLY A 1066 6.76 3.75 0.75
N LEU A 1067 7.76 4.56 0.37
CA LEU A 1067 7.64 6.01 0.46
C LEU A 1067 7.07 6.55 -0.84
N VAL A 1068 5.76 6.37 -0.99
CA VAL A 1068 5.02 6.78 -2.18
C VAL A 1068 4.30 8.08 -1.85
N MET A 1069 4.28 9.01 -2.80
CA MET A 1069 3.84 10.36 -2.53
C MET A 1069 3.31 10.99 -3.80
N ALA A 1070 2.48 12.02 -3.64
CA ALA A 1070 1.84 12.66 -4.79
C ALA A 1070 2.86 13.48 -5.58
N GLN A 1071 2.69 13.46 -6.90
CA GLN A 1071 3.67 14.12 -7.77
C GLN A 1071 3.60 15.63 -7.62
N ASN A 1072 2.41 16.22 -7.70
CA ASN A 1072 2.25 17.68 -7.74
C ASN A 1072 1.26 18.10 -6.66
N GLN A 1073 1.76 18.34 -5.45
CA GLN A 1073 0.96 18.83 -4.34
C GLN A 1073 1.91 19.15 -3.18
N ARG A 1074 1.53 20.12 -2.36
CA ARG A 1074 2.33 20.45 -1.18
C ARG A 1074 2.36 19.29 -0.22
N ILE A 1075 3.56 18.94 0.26
CA ILE A 1075 3.77 17.74 1.06
C ILE A 1075 4.68 18.09 2.24
N ARG A 1076 4.27 17.72 3.44
CA ARG A 1076 4.97 18.05 4.67
C ARG A 1076 5.74 16.85 5.19
N TRP A 1077 6.98 17.06 5.61
CA TRP A 1077 7.85 16.01 6.11
C TRP A 1077 8.35 16.35 7.51
N TYR A 1078 8.52 15.32 8.34
CA TYR A 1078 8.99 15.44 9.72
C TYR A 1078 10.31 14.69 9.86
N LEU A 1079 11.42 15.43 9.70
CA LEU A 1079 12.73 14.85 9.88
C LEU A 1079 12.96 14.48 11.34
N LEU A 1080 13.58 13.32 11.56
CA LEU A 1080 13.76 12.80 12.92
C LEU A 1080 15.02 11.97 12.96
N SER A 1081 15.76 12.07 14.07
CA SER A 1081 16.95 11.26 14.27
C SER A 1081 17.42 11.39 15.71
N MET A 1082 17.81 10.27 16.30
CA MET A 1082 18.30 10.21 17.68
C MET A 1082 19.43 9.20 17.74
N GLY A 1083 19.93 8.97 18.95
CA GLY A 1083 20.88 7.90 19.19
C GLY A 1083 22.25 8.37 19.62
N SER A 1084 23.28 7.66 19.15
CA SER A 1084 24.66 7.95 19.52
C SER A 1084 25.20 9.09 18.65
N ASN A 1085 26.50 9.35 18.76
CA ASN A 1085 27.13 10.39 17.96
C ASN A 1085 27.07 10.07 16.48
N GLU A 1086 27.38 8.82 16.12
CA GLU A 1086 27.50 8.45 14.71
C GLU A 1086 26.15 8.01 14.14
N ASN A 1087 25.13 8.83 14.41
CA ASN A 1087 23.82 8.62 13.82
C ASN A 1087 23.17 9.93 13.40
N ILE A 1088 23.92 11.02 13.39
CA ILE A 1088 23.43 12.32 12.94
C ILE A 1088 24.38 12.83 11.86
N HIS A 1089 23.81 13.17 10.70
CA HIS A 1089 24.60 13.65 9.57
C HIS A 1089 23.66 14.22 8.52
N SER A 1090 24.22 15.03 7.63
CA SER A 1090 23.42 15.69 6.61
C SER A 1090 22.76 14.64 5.71
N ILE A 1091 21.44 14.66 5.67
CA ILE A 1091 20.66 13.75 4.84
C ILE A 1091 19.52 14.53 4.19
N HIS A 1092 19.33 14.32 2.89
CA HIS A 1092 18.20 14.89 2.19
C HIS A 1092 17.90 14.03 0.97
N PHE A 1093 16.65 14.10 0.51
CA PHE A 1093 16.28 13.45 -0.73
C PHE A 1093 17.07 14.04 -1.89
N SER A 1094 17.61 13.18 -2.74
CA SER A 1094 18.46 13.64 -3.83
C SER A 1094 17.64 14.33 -4.91
N GLY A 1095 18.09 15.51 -5.32
CA GLY A 1095 17.43 16.25 -6.38
C GLY A 1095 16.08 16.80 -6.00
N HIS A 1096 16.02 17.59 -4.92
CA HIS A 1096 14.78 18.23 -4.52
C HIS A 1096 15.11 19.57 -3.87
N VAL A 1097 14.06 20.35 -3.60
CA VAL A 1097 14.19 21.67 -3.00
C VAL A 1097 13.17 21.84 -1.89
N PHE A 1098 13.63 21.84 -0.64
CA PHE A 1098 12.75 21.95 0.52
C PHE A 1098 13.15 23.15 1.36
N SER A 1099 12.15 23.75 2.01
CA SER A 1099 12.35 24.98 2.75
C SER A 1099 11.26 25.11 3.81
N VAL A 1100 11.48 26.03 4.75
CA VAL A 1100 10.57 26.28 5.86
C VAL A 1100 10.23 27.76 5.90
N ARG A 1101 8.96 28.07 6.15
CA ARG A 1101 8.48 29.45 6.15
C ARG A 1101 8.67 30.07 7.53
N LYS A 1102 9.40 31.18 7.59
CA LYS A 1102 9.56 31.93 8.84
C LYS A 1102 8.65 33.15 8.81
N LYS A 1103 7.35 32.89 8.96
CA LYS A 1103 6.31 33.91 9.03
C LYS A 1103 6.17 34.65 7.70
N GLU A 1104 7.05 34.34 6.75
CA GLU A 1104 7.03 34.91 5.41
C GLU A 1104 7.38 33.80 4.43
N GLU A 1105 7.27 34.10 3.14
CA GLU A 1105 7.69 33.13 2.13
C GLU A 1105 9.21 33.17 1.97
N TYR A 1106 9.86 32.08 2.33
CA TYR A 1106 11.31 31.95 2.26
C TYR A 1106 11.67 30.66 1.53
N LYS A 1107 12.89 30.61 1.01
CA LYS A 1107 13.35 29.46 0.24
C LYS A 1107 14.82 29.23 0.52
N MET A 1108 15.12 28.28 1.42
CA MET A 1108 16.48 27.82 1.65
C MET A 1108 16.45 26.31 1.89
N ALA A 1109 17.42 25.62 1.30
CA ALA A 1109 17.46 24.16 1.32
C ALA A 1109 18.52 23.65 2.31
N VAL A 1110 18.62 24.30 3.47
CA VAL A 1110 19.62 23.99 4.47
C VAL A 1110 18.89 23.46 5.70
N TYR A 1111 18.82 22.13 5.83
CA TYR A 1111 18.25 21.51 7.02
C TYR A 1111 18.75 20.09 7.09
N ASN A 1112 19.39 19.73 8.21
CA ASN A 1112 19.97 18.40 8.34
C ASN A 1112 19.55 17.73 9.65
N LEU A 1113 20.15 16.59 9.94
CA LEU A 1113 19.80 15.83 11.13
C LEU A 1113 20.43 16.47 12.37
N TYR A 1114 19.63 16.61 13.42
CA TYR A 1114 20.11 17.09 14.71
C TYR A 1114 19.45 16.27 15.80
N PRO A 1115 20.14 15.96 16.88
CA PRO A 1115 19.53 15.19 17.97
C PRO A 1115 18.44 15.98 18.68
N GLY A 1116 17.22 15.49 18.58
CA GLY A 1116 16.10 16.08 19.30
C GLY A 1116 15.46 17.28 18.67
N VAL A 1117 16.25 18.10 17.97
CA VAL A 1117 15.74 19.31 17.33
C VAL A 1117 15.00 18.88 16.07
N PHE A 1118 13.68 18.78 16.15
CA PHE A 1118 12.85 18.30 15.06
C PHE A 1118 11.86 19.38 14.65
N GLU A 1119 11.79 19.65 13.34
CA GLU A 1119 10.85 20.61 12.79
C GLU A 1119 10.26 20.04 11.51
N THR A 1120 9.31 20.77 10.94
CA THR A 1120 8.56 20.31 9.77
C THR A 1120 8.97 21.11 8.55
N VAL A 1121 9.03 20.44 7.40
CA VAL A 1121 9.45 21.05 6.15
C VAL A 1121 8.42 20.74 5.08
N GLU A 1122 8.29 21.66 4.12
CA GLU A 1122 7.30 21.57 3.06
C GLU A 1122 8.00 21.68 1.71
N MET A 1123 7.70 20.74 0.81
CA MET A 1123 8.30 20.74 -0.53
C MET A 1123 7.35 20.08 -1.51
N LEU A 1124 7.60 20.35 -2.80
CA LEU A 1124 6.81 19.74 -3.88
C LEU A 1124 7.70 19.47 -5.10
N PRO A 1125 7.85 18.20 -5.50
CA PRO A 1125 8.71 17.89 -6.65
C PRO A 1125 7.97 17.90 -7.98
N SER A 1126 8.37 18.80 -8.89
CA SER A 1126 7.69 18.89 -10.18
C SER A 1126 8.00 17.70 -11.10
N LYS A 1127 9.09 16.97 -10.85
CA LYS A 1127 9.52 15.92 -11.75
C LYS A 1127 9.07 14.55 -11.22
N VAL A 1128 9.46 13.50 -11.95
CA VAL A 1128 9.10 12.12 -11.63
C VAL A 1128 10.37 11.28 -11.65
N GLY A 1129 10.23 10.03 -11.27
CA GLY A 1129 11.29 9.05 -11.35
C GLY A 1129 11.84 8.67 -9.98
N ILE A 1130 12.73 7.69 -10.01
CA ILE A 1130 13.34 7.16 -8.79
C ILE A 1130 14.47 8.08 -8.35
N TRP A 1131 14.62 8.24 -7.04
CA TRP A 1131 15.67 9.04 -6.44
C TRP A 1131 16.46 8.16 -5.49
N ARG A 1132 17.39 8.75 -4.73
CA ARG A 1132 18.26 7.96 -3.87
C ARG A 1132 18.58 8.72 -2.60
N ILE A 1133 18.57 7.99 -1.47
CA ILE A 1133 18.99 8.55 -0.20
C ILE A 1133 20.51 8.67 -0.19
N GLU A 1134 21.00 9.87 0.14
CA GLU A 1134 22.43 10.07 0.25
C GLU A 1134 22.97 9.46 1.54
N CYS A 1135 24.24 9.08 1.51
CA CYS A 1135 24.96 8.65 2.71
C CYS A 1135 26.27 9.40 2.77
N LEU A 1136 26.42 10.28 3.77
CA LEU A 1136 27.61 11.09 3.93
C LEU A 1136 28.54 10.54 5.01
N ILE A 1137 28.34 9.29 5.43
CA ILE A 1137 29.20 8.63 6.40
C ILE A 1137 29.63 7.30 5.83
N GLY A 1138 30.92 6.99 5.99
CA GLY A 1138 31.47 5.79 5.37
C GLY A 1138 30.92 4.50 5.93
N GLU A 1139 30.81 4.42 7.26
CA GLU A 1139 30.42 3.17 7.92
C GLU A 1139 29.02 2.71 7.52
N HIS A 1140 28.18 3.62 7.03
CA HIS A 1140 26.83 3.26 6.62
C HIS A 1140 26.69 3.12 5.11
N LEU A 1141 27.43 3.92 4.33
CA LEU A 1141 27.44 3.70 2.89
C LEU A 1141 28.09 2.38 2.53
N GLN A 1142 28.98 1.88 3.40
CA GLN A 1142 29.56 0.56 3.17
C GLN A 1142 28.62 -0.57 3.55
N ALA A 1143 27.54 -0.28 4.28
CA ALA A 1143 26.56 -1.31 4.63
C ALA A 1143 25.63 -1.66 3.48
N GLY A 1144 25.58 -0.85 2.44
CA GLY A 1144 24.67 -1.10 1.34
C GLY A 1144 23.27 -0.54 1.55
N MET A 1145 23.16 0.72 1.96
CA MET A 1145 21.88 1.34 2.26
C MET A 1145 21.40 2.17 1.08
N SER A 1146 20.15 1.94 0.67
CA SER A 1146 19.47 2.81 -0.28
C SER A 1146 17.97 2.64 -0.07
N THR A 1147 17.41 3.48 0.78
CA THR A 1147 15.96 3.50 1.03
C THR A 1147 15.27 4.45 0.07
N THR A 1148 15.33 4.09 -1.22
CA THR A 1148 14.82 4.92 -2.28
C THR A 1148 13.30 4.95 -2.28
N PHE A 1149 12.73 5.82 -3.12
CA PHE A 1149 11.29 6.01 -3.19
C PHE A 1149 10.88 6.31 -4.63
N LEU A 1150 9.59 6.13 -4.89
CA LEU A 1150 9.04 6.23 -6.25
C LEU A 1150 7.81 7.12 -6.24
N VAL A 1151 7.62 7.85 -7.35
CA VAL A 1151 6.47 8.73 -7.54
C VAL A 1151 5.81 8.39 -8.87
N TYR A 1152 4.50 8.59 -8.96
CA TYR A 1152 3.71 8.17 -10.11
C TYR A 1152 3.01 9.36 -10.74
N SER A 1153 2.33 9.08 -11.86
CA SER A 1153 1.40 10.01 -12.49
C SER A 1153 0.06 9.31 -12.70
N LYS A 1154 -1.04 10.01 -12.39
CA LYS A 1154 -2.35 9.38 -12.35
C LYS A 1154 -3.02 9.29 -13.71
N LYS A 1155 -2.52 10.03 -14.71
CA LYS A 1155 -3.22 10.17 -15.98
C LYS A 1155 -3.30 8.88 -16.79
N CYS A 1156 -2.50 7.86 -16.43
CA CYS A 1156 -2.43 6.65 -17.25
C CYS A 1156 -3.73 5.85 -17.20
N GLN A 1157 -4.11 5.31 -18.36
CA GLN A 1157 -5.22 4.36 -18.44
C GLN A 1157 -4.91 3.46 -19.63
N THR A 1158 -4.42 2.24 -19.37
CA THR A 1158 -4.02 1.32 -20.43
C THR A 1158 -3.80 -0.09 -19.87
N PRO A 1159 -4.34 -1.13 -20.52
CA PRO A 1159 -4.01 -2.49 -20.11
C PRO A 1159 -2.53 -2.79 -20.33
N LEU A 1160 -1.95 -3.57 -19.42
CA LEU A 1160 -0.50 -3.66 -19.29
C LEU A 1160 -0.02 -5.11 -19.43
N GLY A 1161 -0.55 -5.83 -20.41
CA GLY A 1161 0.06 -7.10 -20.76
C GLY A 1161 -0.85 -8.30 -20.89
N MET A 1162 -1.99 -8.28 -20.22
CA MET A 1162 -2.85 -9.47 -20.19
C MET A 1162 -4.12 -9.31 -21.00
N ALA A 1163 -4.76 -8.14 -20.93
CA ALA A 1163 -5.95 -7.90 -21.75
C ALA A 1163 -5.61 -7.95 -23.24
N SER A 1164 -4.40 -7.57 -23.60
CA SER A 1164 -3.92 -7.65 -24.98
C SER A 1164 -3.06 -8.88 -25.23
N GLY A 1165 -2.88 -9.74 -24.24
CA GLY A 1165 -2.25 -11.03 -24.46
C GLY A 1165 -0.75 -11.02 -24.68
N HIS A 1166 -0.04 -10.04 -24.11
CA HIS A 1166 1.42 -10.06 -24.23
C HIS A 1166 2.02 -11.17 -23.38
N ILE A 1167 1.34 -11.60 -22.32
CA ILE A 1167 1.90 -12.59 -21.42
C ILE A 1167 1.89 -13.96 -22.09
N ARG A 1168 2.71 -14.86 -21.56
CA ARG A 1168 2.84 -16.22 -22.06
C ARG A 1168 1.90 -17.13 -21.27
N ASP A 1169 1.76 -18.38 -21.72
CA ASP A 1169 0.76 -19.28 -21.15
C ASP A 1169 1.22 -19.90 -19.84
N PHE A 1170 2.38 -20.56 -19.85
CA PHE A 1170 2.81 -21.32 -18.68
C PHE A 1170 3.26 -20.44 -17.52
N GLN A 1171 3.43 -19.14 -17.73
CA GLN A 1171 3.77 -18.24 -16.63
C GLN A 1171 2.60 -18.00 -15.70
N ILE A 1172 1.40 -18.46 -16.05
CA ILE A 1172 0.24 -18.47 -15.16
C ILE A 1172 -0.05 -19.90 -14.75
N THR A 1173 -0.14 -20.13 -13.44
CA THR A 1173 -0.37 -21.47 -12.91
C THR A 1173 -1.36 -21.38 -11.76
N ALA A 1174 -2.06 -22.49 -11.54
CA ALA A 1174 -3.09 -22.57 -10.50
C ALA A 1174 -3.23 -24.03 -10.10
N SER A 1175 -4.26 -24.32 -9.31
CA SER A 1175 -4.53 -25.67 -8.83
C SER A 1175 -5.64 -26.30 -9.68
N GLY A 1176 -5.34 -27.45 -10.28
CA GLY A 1176 -6.32 -28.17 -11.05
C GLY A 1176 -6.59 -27.58 -12.42
N GLN A 1177 -6.85 -28.45 -13.39
CA GLN A 1177 -7.21 -28.01 -14.74
C GLN A 1177 -8.17 -29.02 -15.34
N TYR A 1178 -9.11 -28.52 -16.16
CA TYR A 1178 -10.15 -29.35 -16.72
C TYR A 1178 -10.25 -29.08 -18.22
N GLY A 1179 -10.53 -30.14 -18.98
CA GLY A 1179 -10.62 -30.06 -20.43
C GLY A 1179 -11.70 -29.14 -20.96
N GLN A 1180 -11.38 -28.42 -22.03
CA GLN A 1180 -12.33 -27.55 -22.74
C GLN A 1180 -12.83 -26.45 -21.80
N TRP A 1181 -11.88 -25.90 -21.04
CA TRP A 1181 -12.12 -24.77 -20.14
C TRP A 1181 -10.82 -24.01 -19.96
N ALA A 1182 -10.79 -22.76 -20.42
CA ALA A 1182 -9.62 -21.91 -20.27
C ALA A 1182 -10.03 -20.61 -19.59
N PRO A 1183 -9.37 -20.22 -18.50
CA PRO A 1183 -9.70 -18.94 -17.86
C PRO A 1183 -9.02 -17.74 -18.49
N LYS A 1184 -8.05 -17.94 -19.40
CA LYS A 1184 -7.35 -16.82 -20.01
C LYS A 1184 -8.29 -15.95 -20.82
N LEU A 1185 -9.40 -16.53 -21.30
CA LEU A 1185 -10.36 -15.79 -22.12
C LEU A 1185 -11.06 -14.67 -21.36
N ALA A 1186 -10.63 -14.33 -20.15
CA ALA A 1186 -11.28 -13.35 -19.31
C ALA A 1186 -10.95 -11.91 -19.70
N ARG A 1187 -10.46 -11.69 -20.91
CA ARG A 1187 -10.11 -10.35 -21.36
C ARG A 1187 -11.38 -9.49 -21.53
N LEU A 1188 -11.17 -8.21 -21.79
CA LEU A 1188 -12.27 -7.27 -21.90
C LEU A 1188 -13.08 -7.49 -23.17
N HIS A 1189 -14.38 -7.24 -23.08
CA HIS A 1189 -15.32 -7.30 -24.19
C HIS A 1189 -15.33 -8.66 -24.87
N TYR A 1190 -14.99 -9.72 -24.14
CA TYR A 1190 -15.05 -11.08 -24.65
C TYR A 1190 -16.12 -11.86 -23.91
N SER A 1191 -16.99 -12.52 -24.67
CA SER A 1191 -18.04 -13.37 -24.11
C SER A 1191 -18.37 -14.43 -25.15
N GLY A 1192 -19.38 -15.25 -24.86
CA GLY A 1192 -19.75 -16.31 -25.76
C GLY A 1192 -19.25 -17.66 -25.28
N SER A 1193 -20.17 -18.54 -24.86
CA SER A 1193 -19.85 -19.85 -24.33
C SER A 1193 -18.87 -19.75 -23.15
N ILE A 1194 -17.59 -19.99 -23.41
CA ILE A 1194 -16.59 -20.03 -22.36
C ILE A 1194 -16.11 -18.61 -22.08
N ASN A 1195 -16.46 -18.08 -20.91
CA ASN A 1195 -15.95 -16.79 -20.48
C ASN A 1195 -15.55 -16.80 -19.01
N ALA A 1196 -15.53 -17.96 -18.37
CA ALA A 1196 -15.07 -18.11 -17.00
C ALA A 1196 -14.53 -19.54 -16.84
N TRP A 1197 -14.29 -19.94 -15.60
CA TRP A 1197 -13.89 -21.31 -15.29
C TRP A 1197 -14.68 -21.78 -14.07
N SER A 1198 -15.46 -22.84 -14.24
CA SER A 1198 -16.34 -23.30 -13.19
C SER A 1198 -15.62 -24.25 -12.24
N THR A 1199 -15.83 -24.05 -10.94
CA THR A 1199 -15.17 -24.86 -9.92
C THR A 1199 -16.04 -24.83 -8.67
N LYS A 1200 -16.26 -26.01 -8.08
CA LYS A 1200 -17.18 -26.11 -6.96
C LYS A 1200 -16.64 -25.46 -5.69
N GLU A 1201 -15.33 -25.46 -5.49
CA GLU A 1201 -14.75 -24.87 -4.30
C GLU A 1201 -15.06 -23.37 -4.28
N PRO A 1202 -15.54 -22.81 -3.15
CA PRO A 1202 -15.98 -21.41 -3.11
C PRO A 1202 -15.03 -20.40 -3.75
N PHE A 1203 -13.78 -20.37 -3.29
CA PHE A 1203 -12.85 -19.31 -3.67
C PHE A 1203 -11.99 -19.76 -4.85
N SER A 1204 -11.02 -18.93 -5.22
CA SER A 1204 -10.08 -19.27 -6.29
C SER A 1204 -8.92 -18.29 -6.25
N TRP A 1205 -7.93 -18.55 -7.10
CA TRP A 1205 -6.74 -17.71 -7.18
C TRP A 1205 -6.11 -17.87 -8.56
N ILE A 1206 -5.89 -16.75 -9.24
CA ILE A 1206 -5.23 -16.75 -10.55
C ILE A 1206 -4.06 -15.76 -10.48
N LYS A 1207 -2.85 -16.25 -10.70
CA LYS A 1207 -1.64 -15.44 -10.63
C LYS A 1207 -1.19 -15.05 -12.03
N VAL A 1208 -1.05 -13.74 -12.26
CA VAL A 1208 -0.48 -13.22 -13.49
C VAL A 1208 0.71 -12.34 -13.14
N ASP A 1209 1.85 -12.58 -13.81
CA ASP A 1209 3.05 -11.79 -13.61
C ASP A 1209 3.08 -10.65 -14.62
N LEU A 1210 3.58 -9.50 -14.18
CA LEU A 1210 3.68 -8.32 -15.04
C LEU A 1210 5.03 -8.18 -15.70
N LEU A 1211 5.96 -9.10 -15.45
CA LEU A 1211 7.27 -9.15 -16.10
C LEU A 1211 8.16 -7.97 -15.70
N ALA A 1212 7.61 -7.06 -14.89
CA ALA A 1212 8.32 -5.87 -14.42
C ALA A 1212 7.50 -5.19 -13.34
N PRO A 1213 8.13 -4.49 -12.41
CA PRO A 1213 7.36 -3.73 -11.40
C PRO A 1213 7.00 -2.32 -11.86
N MET A 1214 5.91 -2.20 -12.62
CA MET A 1214 5.45 -0.87 -13.01
C MET A 1214 4.32 -0.43 -12.08
N ILE A 1215 3.74 0.72 -12.38
CA ILE A 1215 2.69 1.29 -11.54
C ILE A 1215 1.35 0.68 -11.93
N ILE A 1216 0.49 0.50 -10.93
CA ILE A 1216 -0.85 -0.05 -11.12
C ILE A 1216 -1.84 0.96 -10.55
N HIS A 1217 -2.80 1.39 -11.38
CA HIS A 1217 -3.71 2.46 -11.01
C HIS A 1217 -5.14 1.97 -10.82
N GLY A 1218 -5.74 1.31 -11.81
CA GLY A 1218 -7.13 0.99 -11.78
C GLY A 1218 -7.40 -0.48 -12.06
N ILE A 1219 -8.57 -0.94 -11.60
CA ILE A 1219 -9.01 -2.31 -11.79
C ILE A 1219 -10.43 -2.27 -12.34
N LYS A 1220 -10.69 -3.02 -13.41
CA LYS A 1220 -12.00 -3.05 -14.04
C LYS A 1220 -12.45 -4.49 -14.24
N THR A 1221 -13.76 -4.67 -14.33
CA THR A 1221 -14.31 -6.01 -14.53
C THR A 1221 -15.66 -5.90 -15.24
N GLN A 1222 -16.08 -7.02 -15.81
CA GLN A 1222 -17.36 -7.12 -16.49
C GLN A 1222 -18.00 -8.46 -16.14
N GLY A 1223 -19.28 -8.59 -16.50
CA GLY A 1223 -20.01 -9.81 -16.26
C GLY A 1223 -20.13 -10.68 -17.50
N ALA A 1224 -20.28 -11.97 -17.28
CA ALA A 1224 -20.40 -12.95 -18.34
C ALA A 1224 -21.82 -13.52 -18.38
N ARG A 1225 -22.07 -14.34 -19.39
CA ARG A 1225 -23.37 -14.99 -19.56
C ARG A 1225 -23.15 -16.45 -19.90
N GLN A 1226 -23.73 -17.34 -19.09
CA GLN A 1226 -23.82 -18.76 -19.37
C GLN A 1226 -25.24 -19.22 -19.15
N LYS A 1227 -25.70 -20.15 -19.98
CA LYS A 1227 -27.07 -20.63 -19.96
C LYS A 1227 -28.05 -19.48 -20.07
N PHE A 1228 -28.68 -19.09 -18.96
CA PHE A 1228 -29.64 -18.00 -18.94
C PHE A 1228 -29.32 -16.99 -17.83
N SER A 1229 -28.10 -17.00 -17.30
CA SER A 1229 -27.72 -16.18 -16.16
C SER A 1229 -26.65 -15.17 -16.58
N SER A 1230 -26.73 -13.98 -15.99
CA SER A 1230 -25.73 -12.93 -16.19
C SER A 1230 -24.71 -13.04 -15.07
N LEU A 1231 -23.72 -13.90 -15.27
CA LEU A 1231 -22.71 -14.15 -14.25
C LEU A 1231 -21.85 -12.91 -14.00
N TYR A 1232 -21.32 -12.80 -12.78
CA TYR A 1232 -20.42 -11.71 -12.40
C TYR A 1232 -19.80 -12.07 -11.07
N ILE A 1233 -19.14 -11.08 -10.46
CA ILE A 1233 -18.55 -11.21 -9.13
C ILE A 1233 -19.07 -10.05 -8.27
N SER A 1234 -19.81 -10.39 -7.21
CA SER A 1234 -20.43 -9.36 -6.38
C SER A 1234 -19.39 -8.53 -5.63
N GLN A 1235 -18.48 -9.20 -4.93
CA GLN A 1235 -17.47 -8.50 -4.14
C GLN A 1235 -16.18 -9.31 -4.16
N PHE A 1236 -15.06 -8.61 -3.94
CA PHE A 1236 -13.75 -9.24 -3.97
C PHE A 1236 -12.75 -8.30 -3.32
N ILE A 1237 -11.52 -8.79 -3.14
CA ILE A 1237 -10.42 -8.00 -2.57
C ILE A 1237 -9.17 -8.33 -3.37
N ILE A 1238 -8.36 -7.30 -3.64
CA ILE A 1238 -7.11 -7.45 -4.38
C ILE A 1238 -5.97 -7.65 -3.39
N MET A 1239 -5.13 -8.66 -3.65
CA MET A 1239 -3.96 -8.95 -2.86
C MET A 1239 -2.79 -9.16 -3.81
N TYR A 1240 -1.58 -8.81 -3.36
CA TYR A 1240 -0.41 -8.88 -4.23
C TYR A 1240 0.83 -9.13 -3.39
N SER A 1241 1.99 -9.19 -4.05
CA SER A 1241 3.28 -9.39 -3.40
C SER A 1241 4.37 -9.10 -4.43
N LEU A 1242 5.62 -9.37 -4.07
CA LEU A 1242 6.74 -9.18 -4.97
C LEU A 1242 7.52 -10.45 -5.27
N ASP A 1243 7.59 -11.40 -4.33
CA ASP A 1243 8.31 -12.65 -4.60
C ASP A 1243 7.58 -13.86 -4.02
N GLY A 1244 6.31 -13.72 -3.66
CA GLY A 1244 5.54 -14.83 -3.16
C GLY A 1244 5.86 -15.26 -1.75
N LYS A 1245 6.70 -14.52 -1.03
CA LYS A 1245 7.03 -14.84 0.35
C LYS A 1245 6.70 -13.73 1.34
N LYS A 1246 6.46 -12.51 0.87
CA LYS A 1246 6.03 -11.40 1.72
C LYS A 1246 4.66 -10.95 1.20
N TRP A 1247 3.61 -11.55 1.74
CA TRP A 1247 2.26 -11.32 1.24
C TRP A 1247 1.65 -10.11 1.94
N GLN A 1248 1.04 -9.23 1.16
CA GLN A 1248 0.39 -8.05 1.71
C GLN A 1248 -0.69 -7.60 0.75
N THR A 1249 -1.71 -6.96 1.29
CA THR A 1249 -2.88 -6.57 0.49
C THR A 1249 -3.00 -5.05 0.47
N TYR A 1250 -4.10 -4.59 -0.12
CA TYR A 1250 -4.41 -3.17 -0.23
C TYR A 1250 -5.32 -2.78 0.94
N ARG A 1251 -4.79 -1.99 1.86
CA ARG A 1251 -5.50 -1.56 3.05
C ARG A 1251 -5.45 -0.05 3.19
N GLY A 1252 -5.49 0.65 2.07
CA GLY A 1252 -5.44 2.10 2.06
C GLY A 1252 -6.82 2.72 2.09
N ASN A 1253 -6.87 4.00 1.72
CA ASN A 1253 -8.08 4.80 1.59
C ASN A 1253 -8.78 5.04 2.92
N SER A 1254 -8.23 4.56 4.04
CA SER A 1254 -8.85 4.68 5.36
C SER A 1254 -10.30 4.19 5.32
N THR A 1255 -11.20 4.92 5.98
CA THR A 1255 -12.64 4.62 5.97
C THR A 1255 -12.93 3.20 6.42
N GLY A 1256 -12.15 2.71 7.37
CA GLY A 1256 -12.36 1.36 7.89
C GLY A 1256 -11.16 0.47 7.58
N THR A 1257 -10.80 -0.36 8.57
CA THR A 1257 -9.65 -1.25 8.40
C THR A 1257 -9.90 -2.31 7.33
N LEU A 1258 -11.07 -2.95 7.36
CA LEU A 1258 -11.49 -3.84 6.28
C LEU A 1258 -12.55 -3.17 5.43
N MET A 1259 -12.30 -3.07 4.13
CA MET A 1259 -13.25 -2.52 3.19
C MET A 1259 -13.56 -3.54 2.10
N VAL A 1260 -14.82 -3.59 1.69
CA VAL A 1260 -15.28 -4.57 0.71
C VAL A 1260 -15.53 -3.85 -0.62
N PHE A 1261 -14.96 -4.38 -1.69
CA PHE A 1261 -15.05 -3.77 -3.02
C PHE A 1261 -16.31 -4.23 -3.72
N PHE A 1262 -17.27 -3.31 -3.88
CA PHE A 1262 -18.51 -3.61 -4.58
C PHE A 1262 -18.23 -3.93 -6.05
N GLY A 1263 -18.95 -4.90 -6.59
CA GLY A 1263 -18.78 -5.33 -7.95
C GLY A 1263 -19.87 -4.83 -8.87
N ASN A 1264 -20.12 -5.58 -9.94
CA ASN A 1264 -21.05 -5.18 -10.98
C ASN A 1264 -22.50 -5.39 -10.52
N VAL A 1265 -23.41 -4.65 -11.13
CA VAL A 1265 -24.83 -4.74 -10.84
C VAL A 1265 -25.63 -5.32 -11.99
N ASP A 1266 -25.01 -5.54 -13.15
CA ASP A 1266 -25.71 -6.08 -14.30
C ASP A 1266 -24.66 -6.60 -15.29
N SER A 1267 -25.14 -7.14 -16.41
CA SER A 1267 -24.24 -7.73 -17.39
C SER A 1267 -23.37 -6.69 -18.08
N SER A 1268 -23.96 -5.53 -18.42
CA SER A 1268 -23.28 -4.52 -19.21
C SER A 1268 -22.68 -3.40 -18.37
N GLY A 1269 -22.49 -3.63 -17.07
CA GLY A 1269 -21.95 -2.60 -16.20
C GLY A 1269 -20.44 -2.47 -16.26
N ILE A 1270 -19.97 -1.36 -16.82
CA ILE A 1270 -18.55 -1.02 -16.83
C ILE A 1270 -18.37 0.28 -16.06
N LYS A 1271 -17.46 0.28 -15.09
CA LYS A 1271 -17.23 1.45 -14.25
C LYS A 1271 -15.74 1.72 -14.18
N HIS A 1272 -15.39 2.91 -13.70
CA HIS A 1272 -14.00 3.34 -13.57
C HIS A 1272 -13.73 3.71 -12.12
N ASN A 1273 -12.64 3.20 -11.58
CA ASN A 1273 -12.24 3.48 -10.20
C ASN A 1273 -10.73 3.63 -10.15
N ILE A 1274 -10.27 4.46 -9.20
CA ILE A 1274 -8.86 4.78 -9.05
C ILE A 1274 -8.45 4.49 -7.61
N PHE A 1275 -7.25 3.94 -7.44
CA PHE A 1275 -6.69 3.68 -6.12
C PHE A 1275 -5.84 4.88 -5.71
N ASN A 1276 -6.23 5.54 -4.61
CA ASN A 1276 -5.44 6.68 -4.13
C ASN A 1276 -4.01 6.27 -3.77
N PRO A 1277 -3.77 5.24 -2.96
CA PRO A 1277 -2.43 4.69 -2.89
C PRO A 1277 -2.24 3.61 -3.94
N PRO A 1278 -1.32 3.83 -4.89
CA PRO A 1278 -1.13 2.85 -5.96
C PRO A 1278 -0.50 1.56 -5.44
N ILE A 1279 -0.62 0.51 -6.24
CA ILE A 1279 -0.08 -0.79 -5.90
C ILE A 1279 1.26 -0.98 -6.60
N ILE A 1280 2.28 -1.35 -5.83
CA ILE A 1280 3.62 -1.61 -6.36
C ILE A 1280 3.84 -3.12 -6.32
N ALA A 1281 3.73 -3.77 -7.47
CA ALA A 1281 3.98 -5.19 -7.56
C ALA A 1281 4.04 -5.61 -9.02
N ARG A 1282 4.87 -6.62 -9.29
CA ARG A 1282 4.87 -7.29 -10.60
C ARG A 1282 4.09 -8.60 -10.57
N TYR A 1283 3.75 -9.11 -9.39
CA TYR A 1283 2.87 -10.24 -9.22
C TYR A 1283 1.58 -9.79 -8.54
N ILE A 1284 0.51 -10.53 -8.79
CA ILE A 1284 -0.80 -10.21 -8.22
C ILE A 1284 -1.65 -11.47 -8.25
N ARG A 1285 -2.37 -11.71 -7.15
CA ARG A 1285 -3.33 -12.79 -7.05
C ARG A 1285 -4.64 -12.24 -6.48
N LEU A 1286 -5.74 -12.52 -7.16
CA LEU A 1286 -7.05 -12.05 -6.74
C LEU A 1286 -7.85 -13.24 -6.23
N HIS A 1287 -8.47 -13.09 -5.07
CA HIS A 1287 -9.23 -14.15 -4.43
C HIS A 1287 -10.69 -13.72 -4.36
N PRO A 1288 -11.54 -14.17 -5.29
CA PRO A 1288 -12.96 -13.83 -5.22
C PRO A 1288 -13.66 -14.67 -4.16
N THR A 1289 -13.84 -14.08 -2.98
CA THR A 1289 -14.52 -14.77 -1.90
C THR A 1289 -16.02 -14.88 -2.18
N HIS A 1290 -16.64 -13.78 -2.59
CA HIS A 1290 -18.06 -13.74 -2.89
C HIS A 1290 -18.26 -13.89 -4.39
N TYR A 1291 -18.93 -14.96 -4.79
CA TYR A 1291 -19.10 -15.31 -6.20
C TYR A 1291 -20.59 -15.45 -6.51
N SER A 1292 -20.93 -15.19 -7.77
CA SER A 1292 -22.32 -15.28 -8.23
C SER A 1292 -22.56 -16.69 -8.75
N ILE A 1293 -23.13 -17.53 -7.89
CA ILE A 1293 -23.59 -18.87 -8.23
C ILE A 1293 -22.43 -19.78 -8.68
N ARG A 1294 -21.68 -19.32 -9.68
CA ARG A 1294 -20.53 -20.06 -10.19
C ARG A 1294 -19.26 -19.25 -9.98
N SER A 1295 -18.11 -19.94 -10.03
CA SER A 1295 -16.82 -19.29 -9.86
C SER A 1295 -16.46 -18.49 -11.09
N THR A 1296 -17.17 -17.38 -11.31
CA THR A 1296 -16.91 -16.53 -12.46
C THR A 1296 -15.52 -15.94 -12.39
N LEU A 1297 -14.82 -15.94 -13.53
CA LEU A 1297 -13.46 -15.41 -13.63
C LEU A 1297 -13.41 -14.48 -14.83
N ARG A 1298 -13.55 -13.17 -14.59
CA ARG A 1298 -13.40 -12.15 -15.64
C ARG A 1298 -12.56 -11.02 -15.04
N MET A 1299 -11.28 -11.03 -15.33
CA MET A 1299 -10.33 -10.06 -14.80
C MET A 1299 -9.70 -9.26 -15.94
N GLU A 1300 -9.57 -7.95 -15.72
CA GLU A 1300 -8.90 -7.08 -16.66
C GLU A 1300 -7.99 -6.13 -15.89
N LEU A 1301 -6.68 -6.25 -16.08
CA LEU A 1301 -5.71 -5.38 -15.43
C LEU A 1301 -5.54 -4.09 -16.20
N MET A 1302 -5.57 -2.97 -15.49
CA MET A 1302 -5.32 -1.66 -16.05
C MET A 1302 -4.09 -1.09 -15.35
N GLY A 1303 -3.09 -0.67 -16.13
CA GLY A 1303 -1.85 -0.20 -15.56
C GLY A 1303 -1.13 0.87 -16.34
N CYS A 1304 0.12 1.11 -15.97
CA CYS A 1304 1.00 2.09 -16.62
C CYS A 1304 2.41 1.95 -16.11
N ASP A 1305 3.31 2.81 -16.58
CA ASP A 1305 4.68 2.85 -16.09
C ASP A 1305 4.91 4.16 -15.35
N LEU A 1306 6.10 4.32 -14.76
CA LEU A 1306 6.43 5.53 -14.04
C LEU A 1306 6.67 6.70 -14.97
N ASN A 1307 6.91 6.45 -16.25
CA ASN A 1307 7.11 7.52 -17.23
C ASN A 1307 5.81 8.26 -17.53
N SER A 1308 4.74 7.50 -17.81
CA SER A 1308 3.45 8.07 -18.21
C SER A 1308 3.60 8.91 -19.48
N CYS A 1309 3.96 8.22 -20.56
CA CYS A 1309 4.26 8.87 -21.84
C CYS A 1309 3.57 8.11 -22.98
N SER A 1310 2.30 7.76 -22.79
CA SER A 1310 1.56 6.95 -23.76
C SER A 1310 0.16 7.51 -23.97
N MET A 1311 0.05 8.83 -24.15
CA MET A 1311 -1.22 9.49 -24.36
C MET A 1311 -1.11 10.43 -25.53
N PRO A 1312 -2.23 10.76 -26.18
CA PRO A 1312 -2.20 11.73 -27.28
C PRO A 1312 -1.76 13.10 -26.80
N LEU A 1313 -1.03 13.81 -27.66
CA LEU A 1313 -0.54 15.15 -27.34
C LEU A 1313 -1.50 16.21 -27.88
N GLY A 1314 -2.74 16.13 -27.42
CA GLY A 1314 -3.76 17.11 -27.78
C GLY A 1314 -4.17 17.12 -29.23
N MET A 1315 -3.80 16.11 -30.00
CA MET A 1315 -4.13 16.07 -31.42
C MET A 1315 -5.54 15.56 -31.68
N GLU A 1316 -6.26 15.11 -30.65
CA GLU A 1316 -7.64 14.68 -30.84
C GLU A 1316 -8.49 15.82 -31.38
N SER A 1317 -8.19 17.06 -30.99
CA SER A 1317 -8.88 18.22 -31.51
C SER A 1317 -8.66 18.35 -33.01
N LYS A 1318 -9.74 18.20 -33.79
CA LYS A 1318 -9.64 18.45 -35.22
C LYS A 1318 -9.41 19.91 -35.55
N ALA A 1319 -9.55 20.81 -34.58
CA ALA A 1319 -9.30 22.23 -34.80
C ALA A 1319 -7.82 22.55 -34.88
N ILE A 1320 -6.94 21.62 -34.51
CA ILE A 1320 -5.51 21.87 -34.62
C ILE A 1320 -5.15 22.07 -36.09
N SER A 1321 -4.10 22.87 -36.32
CA SER A 1321 -3.73 23.21 -37.69
C SER A 1321 -3.31 21.97 -38.47
N ASP A 1322 -3.71 21.93 -39.74
CA ASP A 1322 -3.31 20.85 -40.64
C ASP A 1322 -1.93 21.07 -41.24
N ALA A 1323 -1.34 22.25 -41.06
CA ALA A 1323 0.00 22.52 -41.55
C ALA A 1323 1.08 22.10 -40.56
N GLN A 1324 0.71 21.65 -39.36
CA GLN A 1324 1.67 21.19 -38.37
C GLN A 1324 2.20 19.80 -38.65
N ILE A 1325 1.55 19.04 -39.54
CA ILE A 1325 1.96 17.68 -39.89
C ILE A 1325 2.36 17.69 -41.35
N THR A 1326 3.60 17.30 -41.62
CA THR A 1326 4.16 17.27 -42.96
C THR A 1326 4.50 15.82 -43.35
N ALA A 1327 4.99 15.68 -44.58
CA ALA A 1327 5.37 14.38 -45.13
C ALA A 1327 6.10 14.58 -46.46
N SER A 1328 6.57 13.49 -47.07
CA SER A 1328 7.18 13.59 -48.38
C SER A 1328 6.13 13.90 -49.44
N SER A 1329 5.20 12.98 -49.67
CA SER A 1329 4.02 13.23 -50.46
C SER A 1329 2.86 12.45 -49.85
N TYR A 1330 1.71 12.48 -50.51
CA TYR A 1330 0.51 11.85 -49.97
C TYR A 1330 -0.49 11.68 -51.11
N PHE A 1331 -1.71 11.30 -50.76
CA PHE A 1331 -2.79 11.12 -51.72
C PHE A 1331 -3.14 12.49 -52.31
N THR A 1332 -2.51 12.82 -53.44
CA THR A 1332 -2.71 14.09 -54.10
C THR A 1332 -3.35 13.86 -55.47
N ASN A 1333 -4.58 14.32 -55.62
CA ASN A 1333 -5.29 14.28 -56.90
C ASN A 1333 -6.41 15.32 -56.86
N MET A 1334 -7.32 15.26 -57.84
CA MET A 1334 -8.43 16.20 -57.86
C MET A 1334 -9.32 16.06 -56.62
N PHE A 1335 -9.40 14.85 -56.06
CA PHE A 1335 -10.20 14.58 -54.86
C PHE A 1335 -9.33 14.41 -53.62
N ALA A 1336 -8.27 15.22 -53.51
CA ALA A 1336 -7.29 15.05 -52.45
C ALA A 1336 -7.84 15.48 -51.10
N THR A 1337 -8.65 14.63 -50.47
CA THR A 1337 -9.17 14.89 -49.13
C THR A 1337 -8.84 13.77 -48.16
N TRP A 1338 -8.16 12.72 -48.61
CA TRP A 1338 -7.65 11.71 -47.70
C TRP A 1338 -6.32 12.16 -47.10
N SER A 1339 -6.37 13.20 -46.26
CA SER A 1339 -5.16 13.71 -45.66
C SER A 1339 -4.59 12.70 -44.66
N PRO A 1340 -3.27 12.66 -44.50
CA PRO A 1340 -2.69 11.71 -43.54
C PRO A 1340 -3.20 11.88 -42.11
N SER A 1341 -3.52 13.10 -41.71
CA SER A 1341 -4.03 13.33 -40.36
C SER A 1341 -5.48 12.89 -40.21
N LYS A 1342 -6.20 12.70 -41.32
CA LYS A 1342 -7.58 12.25 -41.25
C LYS A 1342 -7.69 10.84 -40.68
N ALA A 1343 -6.71 9.98 -40.98
CA ALA A 1343 -6.73 8.59 -40.51
C ALA A 1343 -6.34 8.54 -39.03
N ARG A 1344 -7.31 8.92 -38.20
CA ARG A 1344 -7.13 8.98 -36.76
C ARG A 1344 -7.72 7.73 -36.11
N LEU A 1345 -7.02 7.20 -35.11
CA LEU A 1345 -7.42 5.97 -34.46
C LEU A 1345 -8.80 6.11 -33.81
N HIS A 1346 -9.66 5.12 -34.03
CA HIS A 1346 -10.99 5.05 -33.42
C HIS A 1346 -11.85 6.26 -33.82
N LEU A 1347 -12.06 6.40 -35.12
CA LEU A 1347 -12.94 7.43 -35.65
C LEU A 1347 -13.85 6.82 -36.69
N GLN A 1348 -15.15 7.11 -36.59
CA GLN A 1348 -16.12 6.66 -37.56
C GLN A 1348 -16.19 7.63 -38.74
N GLY A 1349 -16.22 7.08 -39.95
CA GLY A 1349 -16.24 7.91 -41.14
C GLY A 1349 -16.03 7.14 -42.42
N ARG A 1350 -16.49 7.70 -43.54
CA ARG A 1350 -16.39 7.03 -44.82
C ARG A 1350 -14.96 7.09 -45.35
N SER A 1351 -14.42 5.90 -45.70
CA SER A 1351 -13.11 5.78 -46.32
C SER A 1351 -12.01 6.48 -45.51
N ASN A 1352 -12.16 6.46 -44.17
CA ASN A 1352 -11.29 7.25 -43.28
C ASN A 1352 -9.95 6.55 -43.05
N ALA A 1353 -9.16 6.48 -44.12
CA ALA A 1353 -7.84 5.87 -44.07
C ALA A 1353 -6.84 6.77 -44.78
N TRP A 1354 -5.59 6.31 -44.85
CA TRP A 1354 -4.52 7.05 -45.51
C TRP A 1354 -3.86 6.16 -46.56
N ARG A 1355 -3.72 6.70 -47.77
CA ARG A 1355 -3.05 6.01 -48.86
C ARG A 1355 -2.01 6.94 -49.47
N PRO A 1356 -0.82 6.41 -49.77
CA PRO A 1356 0.22 7.24 -50.41
C PRO A 1356 -0.13 7.58 -51.85
N GLN A 1357 0.74 8.36 -52.50
CA GLN A 1357 0.52 8.71 -53.90
C GLN A 1357 0.47 7.45 -54.78
N VAL A 1358 1.41 6.53 -54.58
CA VAL A 1358 1.41 5.24 -55.25
C VAL A 1358 1.81 4.17 -54.23
N ASN A 1359 1.88 2.92 -54.70
CA ASN A 1359 2.34 1.83 -53.85
C ASN A 1359 3.86 1.85 -53.75
N ASN A 1360 4.39 2.82 -53.01
CA ASN A 1360 5.83 2.98 -52.88
C ASN A 1360 6.26 2.98 -51.41
N PRO A 1361 7.44 2.44 -51.11
CA PRO A 1361 7.92 2.43 -49.73
C PRO A 1361 8.55 3.76 -49.33
N LYS A 1362 8.80 4.62 -50.32
CA LYS A 1362 9.51 5.86 -50.07
C LYS A 1362 8.70 6.80 -49.17
N GLU A 1363 7.38 6.69 -49.17
CA GLU A 1363 6.55 7.58 -48.37
C GLU A 1363 6.74 7.29 -46.89
N TRP A 1364 6.99 8.35 -46.12
CA TRP A 1364 7.05 8.27 -44.67
C TRP A 1364 5.86 9.02 -44.07
N LEU A 1365 5.79 9.03 -42.74
CA LEU A 1365 4.78 9.78 -42.01
C LEU A 1365 5.52 10.72 -41.05
N GLN A 1366 5.88 11.89 -41.56
CA GLN A 1366 6.57 12.88 -40.74
C GLN A 1366 5.59 13.54 -39.76
N VAL A 1367 6.13 14.00 -38.64
CA VAL A 1367 5.35 14.71 -37.62
C VAL A 1367 6.16 15.93 -37.17
N ASP A 1368 5.49 16.80 -36.42
CA ASP A 1368 6.12 17.99 -35.86
C ASP A 1368 6.90 17.57 -34.62
N PHE A 1369 8.21 17.80 -34.63
CA PHE A 1369 9.09 17.38 -33.56
C PHE A 1369 9.44 18.50 -32.59
N GLN A 1370 10.09 19.55 -33.08
CA GLN A 1370 10.47 20.78 -32.36
C GLN A 1370 11.26 20.48 -31.09
N LYS A 1371 11.67 19.21 -30.91
CA LYS A 1371 12.41 18.77 -29.75
C LYS A 1371 12.90 17.35 -29.97
N THR A 1372 13.96 16.95 -29.27
CA THR A 1372 14.47 15.59 -29.35
C THR A 1372 13.75 14.71 -28.33
N MET A 1373 13.27 13.56 -28.78
CA MET A 1373 12.52 12.65 -27.93
C MET A 1373 13.00 11.21 -28.16
N LYS A 1374 12.85 10.39 -27.14
CA LYS A 1374 13.13 8.97 -27.21
C LYS A 1374 11.82 8.21 -27.40
N VAL A 1375 11.80 7.31 -28.38
CA VAL A 1375 10.58 6.62 -28.75
C VAL A 1375 10.25 5.55 -27.71
N THR A 1376 8.96 5.40 -27.43
CA THR A 1376 8.46 4.41 -26.48
C THR A 1376 7.42 3.49 -27.09
N GLY A 1377 6.59 3.98 -28.01
CA GLY A 1377 5.58 3.16 -28.62
C GLY A 1377 4.71 3.90 -29.63
N VAL A 1378 4.41 3.24 -30.74
CA VAL A 1378 3.61 3.81 -31.82
C VAL A 1378 2.64 2.76 -32.31
N THR A 1379 1.36 3.12 -32.41
CA THR A 1379 0.32 2.19 -32.82
C THR A 1379 -0.12 2.45 -34.25
N THR A 1380 -0.59 1.40 -34.91
CA THR A 1380 -1.13 1.48 -36.25
C THR A 1380 -2.34 0.56 -36.36
N GLN A 1381 -3.39 1.04 -37.01
CA GLN A 1381 -4.61 0.28 -37.19
C GLN A 1381 -4.91 0.07 -38.68
N GLY A 1382 -5.74 -0.93 -38.95
CA GLY A 1382 -6.35 -1.09 -40.26
C GLY A 1382 -7.60 -0.24 -40.39
N VAL A 1383 -8.26 -0.38 -41.53
CA VAL A 1383 -9.50 0.33 -41.77
C VAL A 1383 -10.63 -0.70 -41.83
N LYS A 1384 -11.83 -0.24 -41.44
CA LYS A 1384 -12.99 -1.11 -41.31
C LYS A 1384 -13.88 -1.10 -42.55
N SER A 1385 -13.42 -0.50 -43.64
CA SER A 1385 -14.20 -0.42 -44.86
C SER A 1385 -14.09 -1.71 -45.67
N LEU A 1386 -15.21 -2.11 -46.29
CA LEU A 1386 -15.33 -3.19 -47.26
C LEU A 1386 -15.18 -4.58 -46.65
N LEU A 1387 -14.90 -4.70 -45.35
CA LEU A 1387 -14.87 -5.98 -44.65
C LEU A 1387 -13.89 -6.95 -45.30
N THR A 1388 -12.60 -6.62 -45.18
CA THR A 1388 -11.55 -7.45 -45.77
C THR A 1388 -10.34 -7.43 -44.85
N SER A 1389 -9.87 -8.61 -44.47
CA SER A 1389 -8.74 -8.73 -43.56
C SER A 1389 -7.46 -8.24 -44.24
N MET A 1390 -6.64 -7.52 -43.48
CA MET A 1390 -5.32 -7.09 -43.93
C MET A 1390 -4.29 -7.38 -42.86
N TYR A 1391 -3.03 -7.51 -43.28
CA TYR A 1391 -1.96 -7.87 -42.38
C TYR A 1391 -0.62 -7.52 -43.02
N VAL A 1392 0.39 -7.37 -42.15
CA VAL A 1392 1.74 -6.96 -42.57
C VAL A 1392 2.73 -7.93 -41.93
N LYS A 1393 3.60 -8.51 -42.74
CA LYS A 1393 4.60 -9.46 -42.24
C LYS A 1393 5.93 -8.75 -41.96
N GLU A 1394 6.53 -8.18 -43.01
CA GLU A 1394 7.85 -7.58 -42.94
C GLU A 1394 7.76 -6.08 -43.17
N PHE A 1395 8.53 -5.31 -42.40
CA PHE A 1395 8.63 -3.88 -42.63
C PHE A 1395 9.97 -3.40 -42.06
N LEU A 1396 10.14 -2.08 -41.99
CA LEU A 1396 11.35 -1.47 -41.47
C LEU A 1396 11.03 -0.13 -40.86
N ILE A 1397 11.89 0.32 -39.95
CA ILE A 1397 11.76 1.61 -39.29
C ILE A 1397 13.10 2.32 -39.40
N SER A 1398 13.07 3.58 -39.85
CA SER A 1398 14.27 4.35 -40.10
C SER A 1398 14.48 5.43 -39.05
N SER A 1399 15.63 6.09 -39.14
CA SER A 1399 15.98 7.19 -38.24
C SER A 1399 16.98 8.10 -38.95
N SER A 1400 16.78 9.41 -38.80
CA SER A 1400 17.64 10.39 -39.45
C SER A 1400 17.67 11.66 -38.63
N GLN A 1401 18.72 12.47 -38.83
CA GLN A 1401 18.85 13.73 -38.12
C GLN A 1401 19.07 14.89 -39.08
N ASP A 1402 19.67 14.62 -40.25
CA ASP A 1402 19.89 15.66 -41.25
C ASP A 1402 19.48 15.24 -42.65
N GLY A 1403 18.78 14.13 -42.79
CA GLY A 1403 18.38 13.65 -44.10
C GLY A 1403 19.48 13.02 -44.92
N HIS A 1404 20.62 12.70 -44.31
CA HIS A 1404 21.75 12.11 -45.02
C HIS A 1404 22.09 10.71 -44.54
N GLN A 1405 22.32 10.53 -43.25
CA GLN A 1405 22.76 9.25 -42.71
C GLN A 1405 21.58 8.33 -42.46
N TRP A 1406 21.90 7.08 -42.15
CA TRP A 1406 20.89 6.07 -41.83
C TRP A 1406 21.53 5.08 -40.86
N THR A 1407 21.29 5.26 -39.56
CA THR A 1407 21.76 4.34 -38.54
C THR A 1407 20.59 3.94 -37.66
N LEU A 1408 20.43 2.63 -37.47
CA LEU A 1408 19.34 2.10 -36.66
C LEU A 1408 19.87 1.08 -35.66
N PHE A 1409 18.96 0.36 -35.00
CA PHE A 1409 19.34 -0.65 -34.01
C PHE A 1409 19.78 -1.89 -34.77
N PHE A 1410 21.06 -1.92 -35.15
CA PHE A 1410 21.64 -3.00 -35.91
C PHE A 1410 22.20 -4.04 -34.95
N GLN A 1411 21.56 -5.20 -34.87
CA GLN A 1411 21.95 -6.21 -33.89
C GLN A 1411 22.06 -7.58 -34.55
N ASN A 1412 23.05 -8.35 -34.09
CA ASN A 1412 23.16 -9.79 -34.34
C ASN A 1412 22.85 -10.19 -35.77
N GLY A 1413 23.38 -9.44 -36.74
CA GLY A 1413 23.06 -9.73 -38.12
C GLY A 1413 21.92 -8.89 -38.65
N LYS A 1414 20.71 -9.42 -38.59
CA LYS A 1414 19.53 -8.77 -39.15
C LYS A 1414 18.91 -7.83 -38.12
N VAL A 1415 18.57 -6.62 -38.57
CA VAL A 1415 17.87 -5.62 -37.77
C VAL A 1415 16.67 -6.22 -37.07
N LYS A 1416 16.50 -5.90 -35.79
CA LYS A 1416 15.39 -6.41 -35.00
C LYS A 1416 14.05 -6.02 -35.64
N VAL A 1417 13.23 -7.02 -35.95
CA VAL A 1417 11.94 -6.84 -36.59
C VAL A 1417 10.87 -7.44 -35.69
N PHE A 1418 9.73 -6.77 -35.57
CA PHE A 1418 8.60 -7.24 -34.80
C PHE A 1418 7.40 -7.37 -35.71
N GLN A 1419 6.53 -8.34 -35.41
CA GLN A 1419 5.42 -8.69 -36.29
C GLN A 1419 4.11 -8.34 -35.62
N GLY A 1420 3.28 -7.56 -36.31
CA GLY A 1420 1.99 -7.17 -35.79
C GLY A 1420 0.88 -7.26 -36.83
N ASN A 1421 -0.21 -6.52 -36.61
CA ASN A 1421 -1.35 -6.47 -37.53
C ASN A 1421 -1.92 -7.87 -37.78
N GLN A 1422 -2.39 -8.47 -36.69
CA GLN A 1422 -2.95 -9.83 -36.76
C GLN A 1422 -4.14 -9.90 -37.71
N ASP A 1423 -4.98 -8.88 -37.74
CA ASP A 1423 -6.10 -8.83 -38.67
C ASP A 1423 -6.27 -7.38 -39.13
N SER A 1424 -7.37 -7.12 -39.82
CA SER A 1424 -7.67 -5.77 -40.30
C SER A 1424 -8.17 -4.84 -39.20
N PHE A 1425 -8.49 -5.36 -38.02
CA PHE A 1425 -9.11 -4.57 -36.97
C PHE A 1425 -8.29 -4.46 -35.70
N THR A 1426 -7.62 -5.52 -35.27
CA THR A 1426 -6.83 -5.47 -34.05
C THR A 1426 -5.63 -4.55 -34.25
N PRO A 1427 -5.49 -3.49 -33.47
CA PRO A 1427 -4.31 -2.64 -33.60
C PRO A 1427 -3.09 -3.25 -32.92
N VAL A 1428 -1.92 -2.79 -33.35
CA VAL A 1428 -0.66 -3.20 -32.79
C VAL A 1428 0.19 -1.96 -32.52
N VAL A 1429 0.91 -1.96 -31.40
CA VAL A 1429 1.74 -0.84 -30.99
C VAL A 1429 3.20 -1.23 -31.16
N ASN A 1430 3.92 -0.46 -31.98
CA ASN A 1430 5.35 -0.68 -32.20
C ASN A 1430 6.16 -0.07 -31.05
N SER A 1431 6.08 -0.73 -29.90
CA SER A 1431 6.80 -0.27 -28.71
C SER A 1431 8.28 -0.51 -28.91
N LEU A 1432 9.03 0.57 -29.17
CA LEU A 1432 10.46 0.49 -29.46
C LEU A 1432 11.22 0.74 -28.16
N ASP A 1433 11.49 -0.36 -27.45
CA ASP A 1433 12.29 -0.27 -26.23
C ASP A 1433 13.69 0.30 -26.44
N PRO A 1434 14.50 -0.18 -27.39
CA PRO A 1434 15.86 0.35 -27.51
C PRO A 1434 15.85 1.76 -28.07
N PRO A 1435 16.89 2.55 -27.79
CA PRO A 1435 16.89 3.95 -28.21
C PRO A 1435 17.06 4.14 -29.71
N LEU A 1436 16.00 4.55 -30.39
CA LEU A 1436 16.05 4.97 -31.79
C LEU A 1436 16.18 6.49 -31.80
N LEU A 1437 17.42 6.96 -31.73
CA LEU A 1437 17.71 8.38 -31.54
C LEU A 1437 17.49 9.17 -32.82
N THR A 1438 17.95 10.43 -32.82
CA THR A 1438 17.83 11.39 -33.91
C THR A 1438 16.42 11.97 -34.00
N ARG A 1439 16.29 13.15 -34.61
CA ARG A 1439 15.08 13.95 -34.59
C ARG A 1439 14.09 13.57 -35.68
N TYR A 1440 14.15 12.35 -36.21
CA TYR A 1440 13.23 11.95 -37.26
C TYR A 1440 12.90 10.47 -37.10
N LEU A 1441 11.67 10.18 -36.70
CA LEU A 1441 11.17 8.82 -36.66
C LEU A 1441 10.04 8.67 -37.68
N ARG A 1442 10.14 7.63 -38.51
CA ARG A 1442 9.17 7.41 -39.56
C ARG A 1442 8.93 5.91 -39.71
N ILE A 1443 7.87 5.57 -40.43
CA ILE A 1443 7.53 4.18 -40.72
C ILE A 1443 7.28 4.05 -42.21
N HIS A 1444 7.48 2.84 -42.73
CA HIS A 1444 7.28 2.54 -44.15
C HIS A 1444 6.69 1.15 -44.28
N PRO A 1445 5.39 1.03 -44.56
CA PRO A 1445 4.76 -0.30 -44.68
C PRO A 1445 5.17 -0.98 -45.97
N GLN A 1446 5.72 -2.19 -45.84
CA GLN A 1446 6.13 -2.97 -47.00
C GLN A 1446 5.05 -3.96 -47.43
N SER A 1447 4.69 -4.89 -46.54
CA SER A 1447 3.64 -5.84 -46.84
C SER A 1447 2.28 -5.15 -46.83
N TRP A 1448 1.38 -5.62 -47.69
CA TRP A 1448 0.06 -5.02 -47.79
C TRP A 1448 -0.90 -6.03 -48.40
N VAL A 1449 -2.19 -5.85 -48.10
CA VAL A 1449 -3.25 -6.72 -48.60
C VAL A 1449 -4.28 -5.84 -49.30
N HIS A 1450 -4.71 -6.27 -50.50
CA HIS A 1450 -5.74 -5.60 -51.29
C HIS A 1450 -5.32 -4.20 -51.71
N GLN A 1451 -5.24 -3.27 -50.76
CA GLN A 1451 -4.87 -1.89 -51.07
C GLN A 1451 -4.36 -1.24 -49.80
N ILE A 1452 -3.49 -0.24 -49.99
CA ILE A 1452 -2.88 0.43 -48.84
C ILE A 1452 -3.90 1.33 -48.18
N ALA A 1453 -4.13 1.11 -46.87
CA ALA A 1453 -5.04 1.97 -46.10
C ALA A 1453 -4.58 1.89 -44.64
N LEU A 1454 -3.90 2.93 -44.19
CA LEU A 1454 -3.28 2.95 -42.87
C LEU A 1454 -3.93 4.02 -42.00
N ARG A 1455 -4.18 3.68 -40.75
CA ARG A 1455 -4.71 4.59 -39.75
C ARG A 1455 -3.74 4.70 -38.59
N MET A 1456 -3.54 5.92 -38.09
CA MET A 1456 -2.53 6.16 -37.08
C MET A 1456 -3.06 6.94 -35.89
N GLU A 1457 -2.18 7.27 -34.94
CA GLU A 1457 -2.55 8.03 -33.76
C GLU A 1457 -1.29 8.61 -33.12
N VAL A 1458 -1.43 9.79 -32.54
CA VAL A 1458 -0.30 10.43 -31.86
C VAL A 1458 -0.11 9.80 -30.49
N LEU A 1459 1.15 9.53 -30.13
CA LEU A 1459 1.50 8.97 -28.83
C LEU A 1459 2.74 9.68 -28.30
N GLY A 1460 2.94 9.56 -26.98
CA GLY A 1460 4.12 10.10 -26.34
C GLY A 1460 3.86 11.23 -25.38
N CYS A 1461 4.86 12.08 -25.15
CA CYS A 1461 4.74 13.17 -24.19
C CYS A 1461 5.71 14.28 -24.57
N GLU A 1462 5.65 15.38 -23.83
CA GLU A 1462 6.55 16.52 -24.01
C GLU A 1462 7.33 16.69 -22.70
N ALA A 1463 8.60 16.32 -22.72
CA ALA A 1463 9.46 16.37 -21.55
C ALA A 1463 10.90 16.29 -22.03
N GLN A 1464 11.83 16.17 -21.08
CA GLN A 1464 13.27 16.12 -21.36
C GLN A 1464 13.72 17.36 -22.13
N ASP B 1 -29.85 -29.82 -34.89
CA ASP B 1 -30.17 -31.04 -35.64
C ASP B 1 -30.21 -32.26 -34.72
N ILE B 2 -30.48 -32.01 -33.43
CA ILE B 2 -30.51 -33.08 -32.44
C ILE B 2 -31.84 -33.81 -32.56
N GLN B 3 -31.77 -35.10 -32.89
CA GLN B 3 -32.95 -35.96 -32.91
C GLN B 3 -32.65 -37.22 -32.12
N MET B 4 -33.22 -37.31 -30.92
CA MET B 4 -32.99 -38.42 -30.02
C MET B 4 -34.30 -39.16 -29.76
N THR B 5 -34.19 -40.46 -29.54
CA THR B 5 -35.31 -41.29 -29.12
C THR B 5 -34.99 -41.88 -27.75
N GLN B 6 -35.94 -42.64 -27.21
CA GLN B 6 -35.75 -43.30 -25.92
C GLN B 6 -36.15 -44.76 -26.04
N SER B 7 -35.26 -45.65 -25.60
CA SER B 7 -35.49 -47.08 -25.64
C SER B 7 -35.06 -47.69 -24.30
N PRO B 8 -35.81 -48.65 -23.76
CA PRO B 8 -37.08 -49.20 -24.26
C PRO B 8 -38.28 -48.46 -23.70
N SER B 9 -39.47 -49.06 -23.77
CA SER B 9 -40.67 -48.47 -23.18
C SER B 9 -41.24 -49.26 -22.01
N SER B 10 -40.90 -50.53 -21.88
CA SER B 10 -41.42 -51.36 -20.79
C SER B 10 -40.45 -52.51 -20.53
N LEU B 11 -40.44 -52.99 -19.30
CA LEU B 11 -39.48 -54.03 -18.92
C LEU B 11 -39.96 -54.73 -17.66
N SER B 12 -39.40 -55.93 -17.44
CA SER B 12 -39.64 -56.71 -16.23
C SER B 12 -38.61 -57.83 -16.14
N ALA B 13 -37.97 -57.98 -14.98
CA ALA B 13 -36.93 -58.98 -14.81
C ALA B 13 -36.94 -59.46 -13.37
N SER B 14 -35.89 -60.19 -12.99
CA SER B 14 -35.76 -60.74 -11.65
C SER B 14 -35.11 -59.71 -10.73
N VAL B 15 -34.68 -60.16 -9.55
CA VAL B 15 -34.12 -59.29 -8.53
C VAL B 15 -32.60 -59.42 -8.55
N GLY B 16 -31.92 -58.37 -8.10
CA GLY B 16 -30.47 -58.37 -8.06
C GLY B 16 -29.81 -58.11 -9.40
N ASP B 17 -30.41 -57.26 -10.21
CA ASP B 17 -29.92 -56.95 -11.55
C ASP B 17 -29.35 -55.53 -11.59
N THR B 18 -28.65 -55.24 -12.68
CA THR B 18 -28.03 -53.92 -12.87
C THR B 18 -27.98 -53.65 -14.37
N VAL B 19 -28.84 -52.76 -14.85
CA VAL B 19 -28.92 -52.42 -16.25
C VAL B 19 -28.70 -50.91 -16.41
N THR B 20 -28.69 -50.45 -17.66
CA THR B 20 -28.40 -49.06 -17.98
C THR B 20 -29.25 -48.61 -19.15
N ILE B 21 -29.80 -47.41 -19.06
CA ILE B 21 -30.61 -46.82 -20.12
C ILE B 21 -29.79 -45.73 -20.80
N ALA B 22 -29.98 -45.59 -22.11
CA ALA B 22 -29.22 -44.63 -22.91
C ALA B 22 -30.08 -44.12 -24.06
N CYS B 23 -29.66 -43.00 -24.63
CA CYS B 23 -30.34 -42.40 -25.77
C CYS B 23 -29.31 -42.05 -26.84
N ARG B 24 -29.67 -42.34 -28.09
CA ARG B 24 -28.79 -42.04 -29.22
C ARG B 24 -28.96 -40.59 -29.64
N ALA B 25 -27.85 -39.85 -29.66
CA ALA B 25 -27.88 -38.45 -30.03
C ALA B 25 -27.60 -38.31 -31.53
N SER B 26 -27.46 -37.07 -32.00
CA SER B 26 -27.18 -36.80 -33.41
C SER B 26 -25.71 -36.45 -33.62
N ARG B 27 -25.19 -35.49 -32.88
CA ARG B 27 -23.82 -35.04 -33.02
C ARG B 27 -23.29 -34.60 -31.66
N ASP B 28 -22.16 -33.91 -31.66
CA ASP B 28 -21.49 -33.53 -30.43
C ASP B 28 -22.38 -32.61 -29.58
N ILE B 29 -22.62 -33.02 -28.33
CA ILE B 29 -23.38 -32.25 -27.36
C ILE B 29 -22.64 -32.30 -26.03
N ARG B 30 -23.19 -31.63 -25.03
CA ARG B 30 -22.55 -31.56 -23.72
C ARG B 30 -23.13 -32.61 -22.79
N ASN B 31 -22.47 -32.80 -21.65
CA ASN B 31 -22.91 -33.77 -20.65
C ASN B 31 -24.16 -33.34 -19.90
N ASP B 32 -24.52 -32.07 -19.95
CA ASP B 32 -25.64 -31.53 -19.18
C ASP B 32 -26.96 -31.79 -19.91
N LEU B 33 -27.49 -33.00 -19.71
CA LEU B 33 -28.83 -33.33 -20.17
C LEU B 33 -29.76 -33.56 -18.98
N ALA B 34 -31.05 -33.55 -19.26
CA ALA B 34 -32.07 -33.59 -18.22
C ALA B 34 -32.54 -35.02 -17.96
N TRP B 35 -32.84 -35.29 -16.69
CA TRP B 35 -33.41 -36.58 -16.27
C TRP B 35 -34.42 -36.31 -15.15
N TYR B 36 -35.70 -36.31 -15.50
CA TYR B 36 -36.78 -36.18 -14.52
C TYR B 36 -37.40 -37.54 -14.24
N GLN B 37 -37.55 -37.86 -12.96
CA GLN B 37 -38.20 -39.11 -12.54
C GLN B 37 -39.65 -38.81 -12.21
N GLN B 38 -40.56 -39.47 -12.92
CA GLN B 38 -42.00 -39.28 -12.75
C GLN B 38 -42.64 -40.64 -12.53
N LYS B 39 -42.91 -40.98 -11.27
CA LYS B 39 -43.67 -42.17 -10.97
C LYS B 39 -45.14 -41.89 -11.32
N PRO B 40 -45.97 -42.93 -11.45
CA PRO B 40 -47.32 -42.72 -11.98
C PRO B 40 -48.21 -41.91 -11.05
N GLY B 41 -48.05 -40.59 -11.09
CA GLY B 41 -48.86 -39.69 -10.28
C GLY B 41 -48.05 -38.74 -9.43
N LYS B 42 -46.81 -38.47 -9.86
CA LYS B 42 -45.92 -37.58 -9.15
C LYS B 42 -45.26 -36.62 -10.13
N ALA B 43 -45.03 -35.39 -9.67
CA ALA B 43 -44.49 -34.36 -10.55
C ALA B 43 -43.06 -34.70 -10.95
N PRO B 44 -42.72 -34.65 -12.24
CA PRO B 44 -41.37 -35.02 -12.67
C PRO B 44 -40.33 -34.10 -12.05
N LYS B 45 -39.42 -34.69 -11.28
CA LYS B 45 -38.38 -33.95 -10.58
C LYS B 45 -37.02 -34.58 -10.86
N LEU B 46 -36.02 -33.73 -11.06
CA LEU B 46 -34.66 -34.19 -11.31
C LEU B 46 -34.01 -34.71 -10.03
N LEU B 47 -33.18 -35.75 -10.19
CA LEU B 47 -32.43 -36.30 -9.07
C LEU B 47 -30.92 -36.31 -9.26
N ILE B 48 -30.43 -36.18 -10.50
CA ILE B 48 -29.00 -36.10 -10.77
C ILE B 48 -28.70 -34.72 -11.35
N TYR B 49 -27.65 -34.10 -10.84
CA TYR B 49 -27.32 -32.73 -11.22
C TYR B 49 -26.40 -32.72 -12.44
N ALA B 50 -26.87 -32.08 -13.52
CA ALA B 50 -26.09 -31.91 -14.75
C ALA B 50 -25.65 -33.23 -15.36
N THR B 51 -26.06 -34.35 -14.76
CA THR B 51 -25.72 -35.70 -15.20
C THR B 51 -24.21 -35.94 -15.09
N SER B 52 -23.47 -34.92 -14.64
CA SER B 52 -22.03 -35.00 -14.51
C SER B 52 -21.56 -35.06 -13.06
N ARG B 53 -22.23 -34.34 -12.16
CA ARG B 53 -21.92 -34.38 -10.73
C ARG B 53 -23.17 -34.81 -9.98
N LEU B 54 -23.07 -35.94 -9.28
CA LEU B 54 -24.22 -36.45 -8.54
C LEU B 54 -24.52 -35.52 -7.37
N GLN B 55 -25.78 -35.12 -7.26
CA GLN B 55 -26.18 -34.17 -6.22
C GLN B 55 -26.04 -34.79 -4.84
N SER B 56 -25.56 -33.98 -3.89
CA SER B 56 -25.37 -34.45 -2.53
C SER B 56 -26.71 -34.77 -1.89
N GLY B 57 -26.77 -35.90 -1.17
CA GLY B 57 -27.97 -36.34 -0.52
C GLY B 57 -28.82 -37.29 -1.32
N VAL B 58 -28.67 -37.29 -2.64
CA VAL B 58 -29.43 -38.22 -3.50
C VAL B 58 -28.96 -39.64 -3.22
N PRO B 59 -29.85 -40.60 -3.05
CA PRO B 59 -29.44 -41.98 -2.76
C PRO B 59 -28.57 -42.55 -3.87
N SER B 60 -27.87 -43.63 -3.53
CA SER B 60 -26.92 -44.25 -4.44
C SER B 60 -27.57 -45.04 -5.56
N ARG B 61 -28.91 -45.12 -5.59
CA ARG B 61 -29.58 -45.83 -6.67
C ARG B 61 -29.30 -45.17 -8.02
N PHE B 62 -29.42 -43.85 -8.08
CA PHE B 62 -29.18 -43.12 -9.31
C PHE B 62 -27.72 -42.70 -9.41
N SER B 63 -27.12 -42.95 -10.57
CA SER B 63 -25.73 -42.55 -10.82
C SER B 63 -25.58 -42.33 -12.32
N GLY B 64 -25.62 -41.06 -12.72
CA GLY B 64 -25.49 -40.73 -14.13
C GLY B 64 -24.05 -40.52 -14.54
N SER B 65 -23.80 -40.67 -15.84
CA SER B 65 -22.46 -40.54 -16.39
C SER B 65 -22.58 -40.32 -17.89
N GLY B 66 -21.43 -40.31 -18.56
CA GLY B 66 -21.42 -40.13 -20.00
C GLY B 66 -21.25 -38.67 -20.41
N SER B 67 -20.67 -38.48 -21.59
CA SER B 67 -20.44 -37.15 -22.14
C SER B 67 -20.31 -37.29 -23.66
N PHE B 68 -19.92 -36.20 -24.31
CA PHE B 68 -19.81 -36.17 -25.77
C PHE B 68 -21.14 -36.54 -26.39
N THR B 69 -21.31 -37.82 -26.73
CA THR B 69 -22.54 -38.33 -27.32
C THR B 69 -23.19 -39.43 -26.50
N ASP B 70 -22.42 -40.31 -25.87
CA ASP B 70 -22.97 -41.40 -25.10
C ASP B 70 -23.19 -40.99 -23.65
N PHE B 71 -24.21 -41.58 -23.04
CA PHE B 71 -24.56 -41.31 -21.65
C PHE B 71 -25.04 -42.60 -21.00
N THR B 72 -24.62 -42.83 -19.76
CA THR B 72 -24.94 -44.07 -19.07
C THR B 72 -25.52 -43.77 -17.70
N LEU B 73 -26.68 -44.34 -17.42
CA LEU B 73 -27.35 -44.25 -16.13
C LEU B 73 -27.29 -45.62 -15.47
N THR B 74 -26.45 -45.76 -14.45
CA THR B 74 -26.26 -47.03 -13.76
C THR B 74 -27.13 -47.10 -12.51
N ILE B 75 -27.71 -48.28 -12.27
CA ILE B 75 -28.58 -48.52 -11.13
C ILE B 75 -27.82 -49.38 -10.13
N ASN B 76 -27.98 -49.07 -8.84
CA ASN B 76 -27.28 -49.80 -7.79
C ASN B 76 -28.21 -50.50 -6.82
N SER B 77 -29.50 -50.21 -6.85
CA SER B 77 -30.49 -50.87 -6.01
C SER B 77 -31.74 -51.13 -6.83
N LEU B 78 -32.21 -52.38 -6.83
CA LEU B 78 -33.37 -52.77 -7.63
C LEU B 78 -34.63 -52.75 -6.77
N GLN B 79 -35.66 -52.10 -7.29
CA GLN B 79 -36.99 -52.06 -6.68
C GLN B 79 -38.03 -52.22 -7.77
N PRO B 80 -39.24 -52.66 -7.41
CA PRO B 80 -40.30 -52.81 -8.43
C PRO B 80 -40.91 -51.47 -8.82
N ASP B 81 -40.25 -50.38 -8.43
CA ASP B 81 -40.69 -49.02 -8.74
C ASP B 81 -40.35 -48.62 -10.18
N ASP B 82 -40.04 -49.62 -11.02
CA ASP B 82 -39.59 -49.40 -12.39
C ASP B 82 -40.53 -48.54 -13.22
N SER B 83 -41.75 -48.31 -12.71
CA SER B 83 -42.72 -47.44 -13.38
C SER B 83 -42.29 -45.99 -13.21
N ALA B 84 -41.47 -45.53 -14.15
CA ALA B 84 -40.95 -44.16 -14.10
C ALA B 84 -40.57 -43.74 -15.52
N THR B 85 -41.13 -42.62 -15.97
CA THR B 85 -40.90 -42.13 -17.32
C THR B 85 -39.71 -41.18 -17.34
N TYR B 86 -38.72 -41.48 -18.18
CA TYR B 86 -37.55 -40.63 -18.36
C TYR B 86 -37.66 -39.85 -19.66
N TYR B 87 -36.75 -38.89 -19.83
CA TYR B 87 -36.74 -38.03 -21.00
C TYR B 87 -35.32 -37.52 -21.21
N CYS B 88 -34.72 -37.84 -22.36
CA CYS B 88 -33.38 -37.40 -22.70
C CYS B 88 -33.48 -36.03 -23.36
N LEU B 89 -33.23 -34.97 -22.60
CA LEU B 89 -33.40 -33.61 -23.09
C LEU B 89 -32.12 -32.82 -22.90
N GLN B 90 -31.70 -32.12 -23.96
CA GLN B 90 -30.50 -31.30 -23.95
C GLN B 90 -30.84 -29.84 -23.71
N ASP B 91 -29.91 -29.11 -23.10
CA ASP B 91 -30.09 -27.66 -22.89
C ASP B 91 -29.30 -26.91 -23.96
N SER B 92 -29.99 -26.51 -25.02
CA SER B 92 -29.38 -25.78 -26.12
C SER B 92 -30.50 -25.15 -26.95
N ASP B 93 -30.10 -24.26 -27.87
CA ASP B 93 -31.08 -23.52 -28.66
C ASP B 93 -31.43 -24.23 -29.96
N TYR B 94 -30.45 -24.85 -30.62
CA TYR B 94 -30.68 -25.41 -31.94
C TYR B 94 -31.71 -26.55 -31.88
N PRO B 95 -32.48 -26.75 -32.97
CA PRO B 95 -33.57 -27.74 -32.96
C PRO B 95 -33.16 -29.11 -32.42
N LEU B 96 -33.78 -29.50 -31.32
CA LEU B 96 -33.45 -30.73 -30.61
C LEU B 96 -34.72 -31.56 -30.39
N THR B 97 -34.55 -32.88 -30.33
CA THR B 97 -35.66 -33.78 -30.09
C THR B 97 -35.31 -34.70 -28.92
N PHE B 98 -36.24 -34.81 -27.97
CA PHE B 98 -36.03 -35.59 -26.77
C PHE B 98 -36.64 -36.99 -26.92
N GLY B 99 -36.61 -37.75 -25.83
CA GLY B 99 -37.06 -39.13 -25.85
C GLY B 99 -38.58 -39.26 -25.91
N GLY B 100 -39.03 -40.51 -26.04
CA GLY B 100 -40.43 -40.81 -26.21
C GLY B 100 -41.21 -41.19 -24.98
N GLY B 101 -40.54 -41.46 -23.87
CA GLY B 101 -41.24 -41.86 -22.66
C GLY B 101 -41.23 -43.36 -22.41
N THR B 102 -40.71 -43.78 -21.27
CA THR B 102 -40.58 -45.19 -20.90
C THR B 102 -41.51 -45.46 -19.72
N LYS B 103 -42.71 -45.96 -20.02
CA LYS B 103 -43.69 -46.35 -19.01
C LYS B 103 -43.83 -47.86 -19.05
N VAL B 104 -43.29 -48.53 -18.03
CA VAL B 104 -43.30 -49.99 -18.01
C VAL B 104 -44.71 -50.51 -17.72
N ASP B 105 -44.91 -51.80 -18.02
CA ASP B 105 -46.19 -52.46 -17.79
C ASP B 105 -46.05 -53.49 -16.67
N ILE B 106 -47.11 -53.63 -15.88
CA ILE B 106 -47.09 -54.51 -14.72
C ILE B 106 -47.58 -55.89 -15.13
N LYS B 107 -46.81 -56.92 -14.78
CA LYS B 107 -47.22 -58.30 -15.01
C LYS B 107 -48.24 -58.73 -13.96
N GLY B 108 -48.93 -59.82 -14.24
CA GLY B 108 -49.95 -60.32 -13.34
C GLY B 108 -49.94 -61.82 -13.15
N THR B 109 -51.12 -62.40 -12.98
CA THR B 109 -51.27 -63.85 -12.77
C THR B 109 -52.18 -64.40 -13.84
N VAL B 110 -51.80 -65.55 -14.41
CA VAL B 110 -52.57 -66.16 -15.49
C VAL B 110 -53.83 -66.77 -14.90
N ALA B 111 -54.99 -66.23 -15.27
CA ALA B 111 -56.27 -66.73 -14.84
C ALA B 111 -57.23 -66.78 -16.02
N ALA B 112 -58.16 -67.72 -15.97
CA ALA B 112 -59.20 -67.80 -16.99
C ALA B 112 -60.09 -66.57 -16.89
N PRO B 113 -60.32 -65.85 -17.99
CA PRO B 113 -61.16 -64.65 -17.93
C PRO B 113 -62.55 -64.96 -17.43
N SER B 114 -63.09 -64.05 -16.62
CA SER B 114 -64.40 -64.22 -16.03
C SER B 114 -65.45 -63.54 -16.90
N VAL B 115 -66.46 -64.30 -17.32
CA VAL B 115 -67.50 -63.78 -18.18
C VAL B 115 -68.40 -62.83 -17.38
N PHE B 116 -68.81 -61.73 -18.02
CA PHE B 116 -69.74 -60.80 -17.41
C PHE B 116 -70.56 -60.15 -18.51
N ILE B 117 -71.88 -60.16 -18.33
CA ILE B 117 -72.81 -59.58 -19.29
C ILE B 117 -73.66 -58.57 -18.54
N PHE B 118 -73.48 -57.28 -18.86
CA PHE B 118 -74.29 -56.23 -18.27
C PHE B 118 -75.27 -55.74 -19.30
N PRO B 119 -76.57 -56.01 -19.16
CA PRO B 119 -77.52 -55.58 -20.19
C PRO B 119 -77.64 -54.07 -20.23
N PRO B 120 -77.91 -53.49 -21.39
CA PRO B 120 -78.05 -52.03 -21.48
C PRO B 120 -79.22 -51.52 -20.65
N SER B 121 -79.05 -50.31 -20.13
CA SER B 121 -80.05 -49.69 -19.28
C SER B 121 -81.11 -48.98 -20.11
N ASP B 122 -82.31 -48.85 -19.53
CA ASP B 122 -83.42 -48.21 -20.24
C ASP B 122 -83.22 -46.71 -20.41
N GLU B 123 -82.34 -46.10 -19.62
CA GLU B 123 -82.11 -44.66 -19.75
C GLU B 123 -81.50 -44.31 -21.10
N GLN B 124 -80.74 -45.23 -21.69
CA GLN B 124 -80.19 -44.98 -23.02
C GLN B 124 -81.29 -44.93 -24.07
N LEU B 125 -82.29 -45.81 -23.97
CA LEU B 125 -83.42 -45.75 -24.88
C LEU B 125 -84.26 -44.50 -24.63
N LYS B 126 -84.48 -44.15 -23.35
CA LYS B 126 -85.35 -43.02 -23.03
C LYS B 126 -84.68 -41.67 -23.24
N SER B 127 -83.36 -41.62 -23.41
CA SER B 127 -82.64 -40.37 -23.60
C SER B 127 -82.12 -40.18 -25.02
N GLY B 128 -82.25 -41.19 -25.88
CA GLY B 128 -81.83 -41.05 -27.26
C GLY B 128 -80.34 -41.08 -27.48
N THR B 129 -79.57 -41.54 -26.50
CA THR B 129 -78.13 -41.70 -26.65
C THR B 129 -77.77 -43.17 -26.44
N ALA B 130 -76.53 -43.51 -26.78
CA ALA B 130 -76.03 -44.87 -26.68
C ALA B 130 -74.71 -44.86 -25.94
N SER B 131 -74.68 -45.44 -24.73
CA SER B 131 -73.46 -45.58 -23.94
C SER B 131 -73.49 -46.98 -23.34
N VAL B 132 -72.95 -47.94 -24.08
CA VAL B 132 -72.94 -49.34 -23.68
C VAL B 132 -71.52 -49.68 -23.25
N VAL B 133 -71.36 -49.96 -21.95
CA VAL B 133 -70.07 -50.32 -21.38
C VAL B 133 -70.11 -51.79 -21.03
N CYS B 134 -69.14 -52.56 -21.56
CA CYS B 134 -69.04 -53.99 -21.32
C CYS B 134 -67.60 -54.29 -20.90
N LEU B 135 -67.35 -54.18 -19.60
CA LEU B 135 -66.00 -54.35 -19.07
C LEU B 135 -65.69 -55.83 -18.88
N LEU B 136 -64.46 -56.21 -19.21
CA LEU B 136 -64.01 -57.60 -19.09
C LEU B 136 -63.22 -57.77 -17.80
N ASN B 137 -63.51 -58.86 -17.08
CA ASN B 137 -62.87 -59.17 -15.82
C ASN B 137 -61.77 -60.21 -16.02
N ASN B 138 -60.66 -60.03 -15.31
CA ASN B 138 -59.51 -60.93 -15.39
C ASN B 138 -58.98 -60.99 -16.83
N PHE B 139 -58.42 -59.87 -17.27
CA PHE B 139 -57.92 -59.71 -18.63
C PHE B 139 -56.45 -59.32 -18.60
N TYR B 140 -55.70 -59.77 -19.60
CA TYR B 140 -54.26 -59.62 -19.65
C TYR B 140 -53.73 -59.87 -21.06
N PRO B 141 -52.70 -59.14 -21.52
CA PRO B 141 -52.07 -57.98 -20.88
C PRO B 141 -52.91 -56.71 -21.02
N ARG B 142 -52.30 -55.53 -20.87
CA ARG B 142 -53.01 -54.28 -21.08
C ARG B 142 -53.40 -54.08 -22.54
N GLU B 143 -52.72 -54.76 -23.48
CA GLU B 143 -53.05 -54.67 -24.90
C GLU B 143 -54.21 -55.61 -25.23
N ALA B 144 -55.37 -55.27 -24.68
CA ALA B 144 -56.58 -56.06 -24.87
C ALA B 144 -57.70 -55.12 -25.31
N LYS B 145 -58.05 -55.17 -26.58
CA LYS B 145 -59.03 -54.27 -27.17
C LYS B 145 -60.38 -54.98 -27.24
N VAL B 146 -61.39 -54.36 -26.63
CA VAL B 146 -62.74 -54.93 -26.69
C VAL B 146 -63.27 -54.82 -28.11
N GLN B 147 -63.77 -55.94 -28.63
CA GLN B 147 -64.18 -56.02 -30.03
C GLN B 147 -65.69 -55.91 -30.14
N TRP B 148 -66.15 -54.96 -30.96
CA TRP B 148 -67.56 -54.80 -31.27
C TRP B 148 -67.75 -55.01 -32.76
N LYS B 149 -68.64 -55.94 -33.12
CA LYS B 149 -68.90 -56.28 -34.50
C LYS B 149 -70.31 -55.85 -34.89
N VAL B 150 -70.41 -55.15 -36.02
CA VAL B 150 -71.68 -54.78 -36.61
C VAL B 150 -71.71 -55.34 -38.03
N ASP B 151 -72.63 -56.26 -38.28
CA ASP B 151 -72.75 -56.92 -39.58
C ASP B 151 -71.43 -57.58 -40.00
N ASN B 152 -70.78 -58.25 -39.04
CA ASN B 152 -69.52 -58.97 -39.27
C ASN B 152 -68.42 -58.03 -39.77
N ALA B 153 -68.37 -56.82 -39.19
CA ALA B 153 -67.34 -55.84 -39.51
C ALA B 153 -66.54 -55.51 -38.25
N LEU B 154 -65.22 -55.58 -38.37
CA LEU B 154 -64.35 -55.28 -37.24
C LEU B 154 -64.36 -53.78 -36.93
N GLN B 155 -64.23 -53.46 -35.65
CA GLN B 155 -64.13 -52.08 -35.16
C GLN B 155 -62.90 -51.97 -34.27
N SER B 156 -61.79 -51.51 -34.86
CA SER B 156 -60.53 -51.36 -34.14
C SER B 156 -60.18 -49.87 -34.04
N GLY B 157 -59.54 -49.50 -32.93
CA GLY B 157 -59.14 -48.13 -32.69
C GLY B 157 -60.14 -47.31 -31.90
N ASN B 158 -61.41 -47.74 -31.86
CA ASN B 158 -62.45 -46.98 -31.18
C ASN B 158 -62.38 -47.08 -29.67
N SER B 159 -61.56 -47.98 -29.14
CA SER B 159 -61.47 -48.21 -27.70
C SER B 159 -60.11 -47.73 -27.20
N GLN B 160 -60.13 -46.80 -26.25
CA GLN B 160 -58.92 -46.30 -25.64
C GLN B 160 -58.42 -47.26 -24.56
N GLU B 161 -57.14 -47.16 -24.24
CA GLU B 161 -56.51 -48.00 -23.24
C GLU B 161 -56.17 -47.18 -22.00
N SER B 162 -56.40 -47.79 -20.83
CA SER B 162 -56.15 -47.14 -19.55
C SER B 162 -54.92 -47.76 -18.90
N VAL B 163 -54.06 -46.92 -18.35
CA VAL B 163 -52.83 -47.35 -17.69
C VAL B 163 -52.89 -46.86 -16.24
N THR B 164 -52.85 -47.80 -15.31
CA THR B 164 -52.91 -47.47 -13.89
C THR B 164 -52.21 -48.58 -13.11
N GLU B 165 -52.23 -48.46 -11.78
CA GLU B 165 -51.57 -49.45 -10.94
C GLU B 165 -52.34 -50.78 -10.96
N GLN B 166 -51.59 -51.87 -10.89
CA GLN B 166 -52.23 -53.18 -10.73
C GLN B 166 -52.85 -53.29 -9.35
N ASP B 167 -54.10 -53.73 -9.31
CA ASP B 167 -54.78 -53.94 -8.04
C ASP B 167 -54.13 -55.11 -7.29
N SER B 168 -53.89 -54.90 -5.99
CA SER B 168 -53.19 -55.91 -5.21
C SER B 168 -54.00 -57.19 -5.09
N LYS B 169 -55.32 -57.08 -4.95
CA LYS B 169 -56.18 -58.24 -4.77
C LYS B 169 -57.06 -58.55 -5.98
N ASP B 170 -57.48 -57.55 -6.74
CA ASP B 170 -58.36 -57.77 -7.87
C ASP B 170 -57.62 -57.88 -9.20
N SER B 171 -56.45 -57.26 -9.32
CA SER B 171 -55.64 -57.29 -10.54
C SER B 171 -56.44 -56.80 -11.75
N THR B 172 -57.16 -55.70 -11.55
CA THR B 172 -57.96 -55.10 -12.62
C THR B 172 -57.62 -53.61 -12.73
N TYR B 173 -58.12 -52.98 -13.79
CA TYR B 173 -57.86 -51.58 -14.07
C TYR B 173 -59.19 -50.82 -14.16
N SER B 174 -59.07 -49.51 -14.34
CA SER B 174 -60.24 -48.64 -14.47
C SER B 174 -60.52 -48.45 -15.96
N LEU B 175 -61.49 -49.19 -16.49
CA LEU B 175 -61.88 -49.12 -17.89
C LEU B 175 -63.22 -48.41 -18.00
N SER B 176 -63.24 -47.31 -18.78
CA SER B 176 -64.47 -46.55 -19.02
C SER B 176 -64.45 -46.13 -20.49
N SER B 177 -65.03 -46.99 -21.35
CA SER B 177 -65.17 -46.70 -22.76
C SER B 177 -66.64 -46.44 -23.10
N THR B 178 -66.88 -45.35 -23.83
CA THR B 178 -68.23 -44.95 -24.23
C THR B 178 -68.25 -44.80 -25.75
N LEU B 179 -68.90 -45.74 -26.43
CA LEU B 179 -68.98 -45.71 -27.89
C LEU B 179 -69.95 -44.62 -28.34
N THR B 180 -69.42 -43.55 -28.94
CA THR B 180 -70.24 -42.49 -29.52
C THR B 180 -70.78 -42.94 -30.87
N LEU B 181 -72.04 -43.38 -30.90
CA LEU B 181 -72.66 -43.88 -32.11
C LEU B 181 -74.04 -43.27 -32.27
N SER B 182 -74.49 -43.21 -33.53
CA SER B 182 -75.79 -42.63 -33.83
C SER B 182 -76.93 -43.53 -33.37
N LYS B 183 -78.09 -42.93 -33.15
CA LYS B 183 -79.26 -43.68 -32.70
C LYS B 183 -79.80 -44.61 -33.77
N ALA B 184 -79.61 -44.28 -35.05
CA ALA B 184 -80.16 -45.12 -36.12
C ALA B 184 -79.54 -46.51 -36.12
N ASP B 185 -78.21 -46.58 -35.99
CA ASP B 185 -77.56 -47.89 -35.96
C ASP B 185 -77.80 -48.61 -34.65
N TYR B 186 -77.93 -47.88 -33.54
CA TYR B 186 -78.22 -48.52 -32.27
C TYR B 186 -79.60 -49.15 -32.27
N GLU B 187 -80.60 -48.47 -32.83
CA GLU B 187 -81.96 -48.97 -32.85
C GLU B 187 -82.24 -49.90 -34.03
N LYS B 188 -81.29 -50.03 -34.96
CA LYS B 188 -81.48 -50.97 -36.06
C LYS B 188 -81.44 -52.41 -35.58
N HIS B 189 -80.61 -52.71 -34.58
CA HIS B 189 -80.48 -54.05 -34.01
C HIS B 189 -81.13 -54.03 -32.63
N LYS B 190 -82.22 -54.80 -32.48
CA LYS B 190 -83.01 -54.73 -31.25
C LYS B 190 -82.24 -55.23 -30.04
N VAL B 191 -81.45 -56.30 -30.19
CA VAL B 191 -80.72 -56.91 -29.07
C VAL B 191 -79.24 -56.83 -29.37
N TYR B 192 -78.49 -56.18 -28.50
CA TYR B 192 -77.04 -56.13 -28.59
C TYR B 192 -76.43 -57.17 -27.65
N ALA B 193 -75.41 -57.87 -28.16
CA ALA B 193 -74.74 -58.94 -27.42
C ALA B 193 -73.27 -58.62 -27.28
N CYS B 194 -72.72 -58.87 -26.09
CA CYS B 194 -71.30 -58.65 -25.81
C CYS B 194 -70.66 -60.03 -25.72
N GLU B 195 -69.98 -60.43 -26.80
CA GLU B 195 -69.35 -61.74 -26.89
C GLU B 195 -67.92 -61.67 -26.40
N VAL B 196 -67.47 -62.75 -25.73
CA VAL B 196 -66.17 -62.82 -25.10
C VAL B 196 -65.30 -63.76 -25.92
N THR B 197 -64.26 -63.21 -26.56
CA THR B 197 -63.35 -63.99 -27.39
C THR B 197 -61.92 -63.88 -26.86
N HIS B 198 -61.36 -65.01 -26.44
CA HIS B 198 -59.94 -65.15 -26.12
C HIS B 198 -59.50 -66.54 -26.55
N GLN B 199 -58.32 -66.96 -26.11
CA GLN B 199 -57.80 -68.27 -26.51
C GLN B 199 -58.65 -69.40 -25.94
N GLY B 200 -59.15 -69.24 -24.71
CA GLY B 200 -59.88 -70.30 -24.05
C GLY B 200 -61.33 -70.45 -24.46
N LEU B 201 -61.84 -69.54 -25.29
CA LEU B 201 -63.22 -69.61 -25.78
C LEU B 201 -63.21 -69.70 -27.30
N SER B 202 -64.02 -70.60 -27.85
CA SER B 202 -64.08 -70.82 -29.28
C SER B 202 -65.24 -70.07 -29.95
N SER B 203 -66.46 -70.31 -29.49
CA SER B 203 -67.61 -69.68 -30.15
C SER B 203 -68.30 -68.68 -29.22
N PRO B 204 -68.82 -67.59 -29.76
CA PRO B 204 -69.61 -66.66 -28.96
C PRO B 204 -70.94 -67.29 -28.54
N VAL B 205 -71.49 -66.78 -27.44
CA VAL B 205 -72.77 -67.23 -26.93
C VAL B 205 -73.71 -66.04 -26.80
N THR B 206 -74.91 -66.17 -27.35
CA THR B 206 -75.92 -65.11 -27.36
C THR B 206 -77.23 -65.70 -26.87
N LYS B 207 -77.75 -65.17 -25.76
CA LYS B 207 -79.03 -65.61 -25.21
C LYS B 207 -79.89 -64.40 -24.90
N SER B 208 -81.21 -64.59 -25.00
CA SER B 208 -82.16 -63.50 -24.86
C SER B 208 -82.58 -63.33 -23.40
N PHE B 209 -83.18 -62.18 -23.11
CA PHE B 209 -83.69 -61.87 -21.78
C PHE B 209 -84.85 -60.90 -21.94
N ASN B 210 -85.32 -60.35 -20.82
CA ASN B 210 -86.39 -59.37 -20.81
C ASN B 210 -85.83 -57.99 -20.53
N ARG B 211 -86.22 -57.01 -21.36
CA ARG B 211 -85.73 -55.65 -21.21
C ARG B 211 -86.53 -54.88 -20.16
N GLU C 1 -36.19 -19.75 -1.34
CA GLU C 1 -36.04 -18.92 -2.53
C GLU C 1 -37.26 -18.03 -2.72
N VAL C 2 -37.86 -18.09 -3.91
CA VAL C 2 -39.05 -17.32 -4.25
C VAL C 2 -40.16 -18.30 -4.57
N GLN C 3 -41.28 -18.17 -3.85
CA GLN C 3 -42.42 -19.06 -4.07
C GLN C 3 -43.25 -18.57 -5.24
N LEU C 4 -43.80 -19.51 -6.00
CA LEU C 4 -44.69 -19.20 -7.11
C LEU C 4 -46.12 -19.54 -6.71
N VAL C 5 -47.03 -18.59 -6.94
CA VAL C 5 -48.45 -18.77 -6.66
C VAL C 5 -49.26 -18.38 -7.89
N GLU C 6 -50.23 -19.21 -8.24
CA GLU C 6 -51.09 -18.93 -9.38
C GLU C 6 -52.15 -17.89 -9.02
N SER C 7 -52.58 -17.13 -10.03
CA SER C 7 -53.64 -16.13 -9.89
C SER C 7 -54.52 -16.20 -11.15
N GLY C 8 -55.58 -16.98 -11.08
CA GLY C 8 -56.48 -17.09 -12.21
C GLY C 8 -57.46 -18.23 -12.02
N GLY C 9 -58.17 -18.52 -13.10
CA GLY C 9 -59.17 -19.58 -13.12
C GLY C 9 -58.87 -20.58 -14.22
N GLY C 10 -59.38 -21.80 -14.05
CA GLY C 10 -59.10 -22.86 -15.00
C GLY C 10 -60.31 -23.50 -15.64
N VAL C 11 -61.51 -23.23 -15.10
CA VAL C 11 -62.72 -23.79 -15.69
C VAL C 11 -62.98 -23.13 -17.04
N VAL C 12 -63.16 -23.95 -18.07
CA VAL C 12 -63.40 -23.46 -19.42
C VAL C 12 -64.88 -23.58 -19.75
N GLN C 13 -65.37 -22.65 -20.57
CA GLN C 13 -66.76 -22.69 -21.03
C GLN C 13 -66.88 -21.93 -22.35
N PRO C 14 -67.41 -22.57 -23.39
CA PRO C 14 -67.49 -21.89 -24.70
C PRO C 14 -68.42 -20.69 -24.65
N GLY C 15 -67.88 -19.53 -25.04
CA GLY C 15 -68.67 -18.31 -25.13
C GLY C 15 -67.94 -17.09 -24.61
N ARG C 16 -66.92 -17.30 -23.80
CA ARG C 16 -66.16 -16.21 -23.21
C ARG C 16 -64.73 -16.70 -22.97
N SER C 17 -63.81 -15.75 -22.82
CA SER C 17 -62.41 -16.04 -22.58
C SER C 17 -61.95 -15.30 -21.33
N LEU C 18 -60.99 -15.90 -20.64
CA LEU C 18 -60.39 -15.33 -19.44
C LEU C 18 -58.89 -15.17 -19.66
N ARG C 19 -58.21 -14.68 -18.62
CA ARG C 19 -56.78 -14.41 -18.67
C ARG C 19 -56.07 -15.29 -17.66
N LEU C 20 -54.93 -15.87 -18.07
CA LEU C 20 -54.13 -16.73 -17.22
C LEU C 20 -52.81 -16.04 -16.92
N SER C 21 -52.33 -16.21 -15.69
CA SER C 21 -51.05 -15.63 -15.28
C SER C 21 -50.47 -16.45 -14.13
N CYS C 22 -49.15 -16.37 -14.00
CA CYS C 22 -48.43 -16.91 -12.85
C CYS C 22 -47.44 -15.87 -12.37
N VAL C 23 -47.41 -15.63 -11.07
CA VAL C 23 -46.63 -14.55 -10.47
C VAL C 23 -45.78 -15.10 -9.34
N ASP C 24 -44.54 -14.62 -9.25
CA ASP C 24 -43.65 -14.95 -8.16
C ASP C 24 -43.85 -13.98 -7.01
N SER C 25 -42.99 -14.04 -6.00
CA SER C 25 -43.00 -13.10 -4.90
C SER C 25 -41.84 -12.12 -4.93
N GLY C 26 -40.68 -12.56 -5.38
CA GLY C 26 -39.53 -11.67 -5.55
C GLY C 26 -38.95 -11.82 -6.94
N LEU C 27 -38.72 -10.68 -7.59
CA LEU C 27 -38.34 -10.64 -9.00
C LEU C 27 -36.84 -10.91 -9.18
N THR C 28 -36.44 -12.12 -8.79
CA THR C 28 -35.06 -12.57 -9.03
C THR C 28 -34.98 -13.35 -10.34
N PHE C 29 -35.53 -12.74 -11.39
CA PHE C 29 -35.58 -13.33 -12.71
C PHE C 29 -34.78 -12.47 -13.68
N SER C 30 -34.51 -13.03 -14.86
CA SER C 30 -33.81 -12.33 -15.91
C SER C 30 -34.74 -12.15 -17.11
N SER C 31 -34.20 -11.59 -18.19
CA SER C 31 -34.99 -11.32 -19.39
C SER C 31 -35.26 -12.56 -20.22
N TYR C 32 -34.94 -13.77 -19.76
CA TYR C 32 -35.11 -14.98 -20.55
C TYR C 32 -35.91 -16.04 -19.78
N GLY C 33 -36.69 -15.61 -18.79
CA GLY C 33 -37.48 -16.52 -17.98
C GLY C 33 -38.88 -16.76 -18.51
N MET C 34 -39.00 -17.48 -19.62
CA MET C 34 -40.31 -17.76 -20.19
C MET C 34 -40.30 -19.12 -20.86
N HIS C 35 -41.17 -20.00 -20.37
CA HIS C 35 -41.41 -21.31 -20.97
C HIS C 35 -42.78 -21.81 -20.53
N TRP C 36 -43.30 -22.79 -21.25
CA TRP C 36 -44.59 -23.38 -20.93
C TRP C 36 -44.57 -24.86 -21.27
N VAL C 37 -45.18 -25.67 -20.40
CA VAL C 37 -45.16 -27.12 -20.54
C VAL C 37 -46.23 -27.68 -19.61
N ARG C 38 -46.74 -28.85 -19.95
CA ARG C 38 -47.70 -29.55 -19.10
C ARG C 38 -47.45 -31.06 -19.24
N GLN C 39 -48.41 -31.85 -18.76
CA GLN C 39 -48.22 -33.28 -18.64
C GLN C 39 -48.70 -34.03 -19.87
N ALA C 40 -47.99 -35.10 -20.20
CA ALA C 40 -48.39 -36.07 -21.22
C ALA C 40 -47.65 -37.39 -20.94
N PRO C 41 -48.24 -38.29 -20.16
CA PRO C 41 -47.53 -39.51 -19.77
C PRO C 41 -47.25 -40.41 -20.98
N GLY C 42 -46.04 -40.97 -21.01
CA GLY C 42 -45.64 -41.84 -22.10
C GLY C 42 -45.69 -41.18 -23.45
N ALA C 43 -45.57 -39.86 -23.51
CA ALA C 43 -45.75 -39.10 -24.74
C ALA C 43 -44.87 -37.86 -24.66
N GLY C 44 -45.17 -36.86 -25.50
CA GLY C 44 -44.43 -35.63 -25.48
C GLY C 44 -44.71 -34.77 -24.27
N LEU C 45 -44.62 -33.44 -24.42
CA LEU C 45 -44.87 -32.54 -23.30
C LEU C 45 -46.10 -31.67 -23.49
N GLU C 46 -46.74 -31.70 -24.66
CA GLU C 46 -48.08 -31.15 -24.83
C GLU C 46 -49.07 -32.27 -25.10
N TRP C 47 -48.91 -32.99 -26.23
CA TRP C 47 -49.34 -34.38 -26.34
C TRP C 47 -48.33 -35.26 -27.07
N VAL C 48 -47.51 -34.71 -27.96
CA VAL C 48 -46.50 -35.46 -28.67
C VAL C 48 -45.19 -34.66 -28.70
N ALA C 49 -45.26 -33.40 -28.26
CA ALA C 49 -44.13 -32.49 -28.38
C ALA C 49 -44.23 -31.42 -27.30
N VAL C 50 -43.20 -30.58 -27.24
CA VAL C 50 -43.10 -29.52 -26.24
C VAL C 50 -43.77 -28.27 -26.78
N ILE C 51 -44.32 -27.45 -25.88
CA ILE C 51 -44.98 -26.22 -26.29
C ILE C 51 -43.99 -25.27 -26.95
N SER C 52 -42.86 -25.01 -26.28
CA SER C 52 -41.90 -24.05 -26.82
C SER C 52 -40.52 -24.27 -26.20
N TYR C 53 -39.50 -23.91 -26.98
CA TYR C 53 -38.10 -23.83 -26.58
C TYR C 53 -37.54 -22.52 -27.11
N ASP C 54 -36.23 -22.52 -27.38
CA ASP C 54 -35.54 -21.35 -27.94
C ASP C 54 -35.56 -20.17 -26.98
N GLY C 55 -35.59 -20.47 -25.68
CA GLY C 55 -35.45 -19.43 -24.67
C GLY C 55 -36.63 -18.50 -24.56
N ASN C 56 -36.84 -17.67 -25.59
CA ASN C 56 -37.88 -16.66 -25.56
C ASN C 56 -38.66 -16.62 -26.88
N ASP C 57 -38.80 -17.77 -27.54
CA ASP C 57 -39.47 -17.86 -28.83
C ASP C 57 -40.57 -18.92 -28.77
N LYS C 58 -41.67 -18.64 -29.45
CA LYS C 58 -42.82 -19.56 -29.50
C LYS C 58 -42.78 -20.26 -30.86
N TYR C 59 -41.86 -21.21 -30.99
CA TYR C 59 -41.61 -21.85 -32.27
C TYR C 59 -40.66 -23.03 -32.05
N TYR C 60 -41.00 -24.18 -32.64
CA TYR C 60 -40.08 -25.32 -32.62
C TYR C 60 -39.61 -25.73 -34.02
N ALA C 61 -40.53 -26.13 -34.90
CA ALA C 61 -40.16 -26.42 -36.28
C ALA C 61 -41.12 -25.90 -37.33
N ASP C 62 -42.40 -25.72 -37.01
CA ASP C 62 -43.45 -25.24 -37.91
C ASP C 62 -44.54 -24.60 -37.05
N SER C 63 -45.54 -24.01 -37.71
CA SER C 63 -46.74 -23.48 -37.06
C SER C 63 -46.37 -22.47 -35.97
N VAL C 64 -45.73 -21.39 -36.41
CA VAL C 64 -45.31 -20.32 -35.50
C VAL C 64 -46.52 -19.79 -34.74
N LYS C 65 -46.50 -19.95 -33.43
CA LYS C 65 -47.62 -19.53 -32.58
C LYS C 65 -47.41 -18.12 -32.02
N GLY C 66 -47.22 -17.16 -32.94
CA GLY C 66 -47.11 -15.76 -32.54
C GLY C 66 -48.39 -15.19 -31.97
N ARG C 67 -49.52 -15.88 -32.12
CA ARG C 67 -50.76 -15.43 -31.53
C ARG C 67 -50.66 -15.33 -30.01
N PHE C 68 -49.72 -16.05 -29.41
CA PHE C 68 -49.52 -16.04 -27.96
C PHE C 68 -48.83 -14.73 -27.55
N ALA C 69 -49.59 -13.65 -27.69
CA ALA C 69 -49.07 -12.32 -27.37
C ALA C 69 -48.71 -12.23 -25.89
N ILE C 70 -47.62 -11.53 -25.60
CA ILE C 70 -47.08 -11.43 -24.25
C ILE C 70 -47.30 -10.00 -23.75
N SER C 71 -47.99 -9.88 -22.63
CA SER C 71 -48.21 -8.59 -21.98
C SER C 71 -47.18 -8.40 -20.88
N ARG C 72 -46.63 -7.17 -20.80
CA ARG C 72 -45.56 -6.82 -19.87
C ARG C 72 -44.31 -7.62 -20.23
N ASP C 73 -43.17 -7.33 -19.59
CA ASP C 73 -41.91 -7.94 -19.98
C ASP C 73 -41.02 -8.07 -18.74
N ASN C 74 -39.78 -8.51 -18.98
CA ASN C 74 -38.72 -8.59 -17.99
C ASN C 74 -38.98 -9.64 -16.90
N ALA C 75 -39.35 -9.18 -15.71
CA ALA C 75 -39.38 -10.05 -14.52
C ALA C 75 -40.74 -10.69 -14.29
N LYS C 76 -41.49 -11.00 -15.34
CA LYS C 76 -42.76 -11.67 -15.21
C LYS C 76 -42.99 -12.54 -16.43
N ASN C 77 -43.54 -13.74 -16.20
CA ASN C 77 -43.76 -14.73 -17.24
C ASN C 77 -45.26 -15.00 -17.33
N THR C 78 -45.81 -14.86 -18.53
CA THR C 78 -47.24 -15.01 -18.75
C THR C 78 -47.48 -15.23 -20.24
N LEU C 79 -48.47 -16.06 -20.54
CA LEU C 79 -48.95 -16.27 -21.90
C LEU C 79 -50.34 -16.89 -21.81
N TYR C 80 -51.21 -16.47 -22.72
CA TYR C 80 -52.63 -16.85 -22.63
C TYR C 80 -52.89 -18.08 -23.50
N LEU C 81 -53.57 -19.06 -22.93
CA LEU C 81 -53.99 -20.25 -23.64
C LEU C 81 -55.37 -20.01 -24.24
N GLN C 82 -55.49 -20.23 -25.54
CA GLN C 82 -56.75 -19.99 -26.25
C GLN C 82 -57.72 -21.10 -25.89
N MET C 83 -58.61 -20.82 -24.95
CA MET C 83 -59.57 -21.81 -24.49
C MET C 83 -60.77 -21.95 -25.43
N ASN C 84 -60.89 -21.07 -26.43
CA ASN C 84 -62.04 -21.11 -27.32
C ASN C 84 -61.95 -22.28 -28.30
N SER C 85 -60.74 -22.70 -28.66
CA SER C 85 -60.55 -23.74 -29.66
C SER C 85 -59.74 -24.93 -29.19
N LEU C 86 -58.72 -24.73 -28.36
CA LEU C 86 -57.89 -25.85 -27.91
C LEU C 86 -58.68 -26.82 -27.05
N THR C 87 -59.40 -26.31 -26.04
CA THR C 87 -60.25 -27.12 -25.18
C THR C 87 -59.49 -28.29 -24.57
N ILE C 88 -59.76 -29.50 -25.07
CA ILE C 88 -59.09 -30.70 -24.57
C ILE C 88 -57.57 -30.58 -24.72
N GLU C 89 -57.11 -29.77 -25.66
CA GLU C 89 -55.68 -29.49 -25.80
C GLU C 89 -55.11 -28.73 -24.61
N ASP C 90 -55.96 -28.20 -23.73
CA ASP C 90 -55.52 -27.44 -22.56
C ASP C 90 -56.00 -28.09 -21.27
N THR C 91 -55.91 -29.41 -21.19
CA THR C 91 -56.33 -30.15 -20.00
C THR C 91 -55.19 -31.08 -19.58
N ALA C 92 -54.59 -30.80 -18.43
CA ALA C 92 -53.52 -31.61 -17.88
C ALA C 92 -53.21 -31.19 -16.45
N VAL C 93 -52.18 -31.80 -15.84
CA VAL C 93 -51.70 -31.40 -14.52
C VAL C 93 -50.74 -30.23 -14.75
N TYR C 94 -51.24 -29.01 -14.62
CA TYR C 94 -50.46 -27.83 -14.90
C TYR C 94 -49.37 -27.61 -13.86
N TYR C 95 -48.23 -27.10 -14.32
CA TYR C 95 -47.14 -26.67 -13.46
C TYR C 95 -46.70 -25.27 -13.86
N CYS C 96 -46.48 -24.42 -12.86
CA CYS C 96 -45.76 -23.17 -13.05
C CYS C 96 -44.33 -23.37 -12.56
N ALA C 97 -43.40 -23.47 -13.50
CA ALA C 97 -42.02 -23.81 -13.16
C ALA C 97 -41.08 -23.09 -14.10
N LYS C 98 -39.83 -22.99 -13.66
CA LYS C 98 -38.76 -22.38 -14.45
C LYS C 98 -37.43 -22.89 -13.90
N ASP C 99 -36.51 -23.21 -14.79
CA ASP C 99 -35.20 -23.70 -14.37
C ASP C 99 -34.44 -22.61 -13.62
N LEU C 100 -34.31 -22.77 -12.30
CA LEU C 100 -33.65 -21.76 -11.50
C LEU C 100 -32.16 -21.69 -11.86
N ILE C 101 -31.49 -20.68 -11.32
CA ILE C 101 -30.10 -20.42 -11.66
C ILE C 101 -29.16 -20.55 -10.46
N GLU C 102 -29.63 -20.36 -9.23
CA GLU C 102 -28.74 -20.48 -8.09
C GLU C 102 -28.42 -21.93 -7.77
N SER C 103 -29.44 -22.80 -7.81
CA SER C 103 -29.27 -24.24 -7.62
C SER C 103 -28.58 -24.56 -6.30
N ASN C 104 -29.28 -24.25 -5.20
CA ASN C 104 -28.73 -24.53 -3.87
C ASN C 104 -29.70 -25.27 -2.97
N ILE C 105 -31.02 -25.20 -3.19
CA ILE C 105 -32.01 -25.93 -2.40
C ILE C 105 -32.72 -26.93 -3.29
N ALA C 106 -33.35 -26.44 -4.36
CA ALA C 106 -34.01 -27.29 -5.33
C ALA C 106 -34.04 -26.55 -6.66
N GLU C 107 -33.45 -27.14 -7.69
CA GLU C 107 -33.28 -26.45 -8.97
C GLU C 107 -34.61 -26.07 -9.61
N ALA C 108 -35.68 -26.82 -9.35
CA ALA C 108 -36.93 -26.58 -10.08
C ALA C 108 -38.09 -26.93 -9.15
N PHE C 109 -38.73 -25.89 -8.61
CA PHE C 109 -40.03 -26.08 -7.98
C PHE C 109 -41.07 -26.37 -9.05
N TRP C 110 -42.21 -26.94 -8.62
CA TRP C 110 -43.24 -27.34 -9.57
C TRP C 110 -44.62 -26.99 -9.02
N GLY C 111 -45.57 -26.80 -9.94
CA GLY C 111 -46.94 -26.55 -9.56
C GLY C 111 -47.63 -27.82 -9.11
N GLN C 112 -48.92 -27.68 -8.81
CA GLN C 112 -49.72 -28.79 -8.32
C GLN C 112 -50.83 -29.18 -9.28
N GLY C 113 -51.66 -28.22 -9.69
CA GLY C 113 -52.74 -28.51 -10.62
C GLY C 113 -53.87 -29.30 -9.96
N THR C 114 -54.85 -29.65 -10.78
CA THR C 114 -56.00 -30.41 -10.33
C THR C 114 -56.58 -31.16 -11.51
N LEU C 115 -57.55 -32.03 -11.22
CA LEU C 115 -58.24 -32.76 -12.28
C LEU C 115 -59.13 -31.79 -13.07
N VAL C 116 -58.98 -31.82 -14.39
CA VAL C 116 -59.72 -30.94 -15.28
C VAL C 116 -60.33 -31.76 -16.41
N THR C 117 -61.58 -31.46 -16.76
CA THR C 117 -62.28 -32.16 -17.83
C THR C 117 -63.10 -31.17 -18.62
N VAL C 118 -63.59 -31.64 -19.78
CA VAL C 118 -64.41 -30.80 -20.64
C VAL C 118 -65.79 -30.63 -20.03
N SER C 119 -66.47 -29.55 -20.41
CA SER C 119 -67.80 -29.23 -19.91
C SER C 119 -68.83 -29.89 -20.82
N SER C 120 -69.45 -30.96 -20.34
CA SER C 120 -70.43 -31.72 -21.09
C SER C 120 -71.84 -31.34 -20.64
N LYS C 121 -72.83 -32.07 -21.13
CA LYS C 121 -74.22 -31.82 -20.76
C LYS C 121 -74.47 -32.28 -19.33
N GLY C 122 -75.70 -32.09 -18.86
CA GLY C 122 -76.05 -32.42 -17.51
C GLY C 122 -75.87 -33.88 -17.18
N PRO C 123 -75.22 -34.16 -16.05
CA PRO C 123 -75.04 -35.54 -15.61
C PRO C 123 -76.14 -35.99 -14.65
N SER C 124 -76.17 -37.29 -14.41
CA SER C 124 -77.10 -37.90 -13.46
C SER C 124 -76.62 -39.32 -13.21
N VAL C 125 -77.26 -39.98 -12.25
CA VAL C 125 -76.95 -41.37 -11.90
C VAL C 125 -78.26 -42.15 -11.83
N PHE C 126 -78.22 -43.38 -12.33
CA PHE C 126 -79.41 -44.23 -12.34
C PHE C 126 -78.98 -45.68 -12.40
N PRO C 127 -78.66 -46.30 -11.26
CA PRO C 127 -78.27 -47.71 -11.26
C PRO C 127 -79.46 -48.65 -11.15
N LEU C 128 -79.26 -49.85 -11.68
CA LEU C 128 -80.23 -50.93 -11.59
C LEU C 128 -79.56 -52.14 -10.96
N ALA C 129 -80.25 -52.80 -10.04
CA ALA C 129 -79.66 -53.91 -9.32
C ALA C 129 -79.55 -55.12 -10.25
N PRO C 130 -78.35 -55.66 -10.46
CA PRO C 130 -78.22 -56.84 -11.33
C PRO C 130 -78.99 -58.02 -10.76
N CYS C 131 -79.57 -58.81 -11.66
CA CYS C 131 -80.36 -59.96 -11.25
C CYS C 131 -79.49 -61.02 -10.60
N SER C 132 -80.13 -61.91 -9.83
CA SER C 132 -79.42 -63.01 -9.20
C SER C 132 -78.77 -63.91 -10.24
N ARG C 133 -79.40 -64.06 -11.41
CA ARG C 133 -78.80 -64.84 -12.49
C ARG C 133 -77.48 -64.22 -12.94
N SER C 134 -77.43 -62.89 -13.02
CA SER C 134 -76.19 -62.22 -13.39
C SER C 134 -75.12 -62.43 -12.33
N THR C 135 -75.50 -62.41 -11.05
CA THR C 135 -74.54 -62.68 -9.98
C THR C 135 -74.07 -64.13 -9.98
N SER C 136 -74.90 -65.05 -10.49
CA SER C 136 -74.55 -66.47 -10.56
C SER C 136 -73.46 -66.76 -11.60
N GLU C 137 -72.89 -65.74 -12.24
CA GLU C 137 -71.87 -65.91 -13.26
C GLU C 137 -70.47 -66.10 -12.67
N SER C 138 -70.37 -66.44 -11.39
CA SER C 138 -69.12 -66.70 -10.68
C SER C 138 -68.25 -65.46 -10.55
N THR C 139 -68.83 -64.27 -10.70
CA THR C 139 -68.11 -63.03 -10.49
C THR C 139 -69.12 -61.92 -10.21
N ALA C 140 -68.63 -60.84 -9.61
CA ALA C 140 -69.47 -59.71 -9.24
C ALA C 140 -68.63 -58.43 -9.40
N ALA C 141 -68.80 -57.75 -10.53
CA ALA C 141 -68.04 -56.54 -10.83
C ALA C 141 -68.92 -55.34 -10.48
N LEU C 142 -68.84 -54.91 -9.22
CA LEU C 142 -69.60 -53.76 -8.75
C LEU C 142 -68.75 -52.51 -8.94
N GLY C 143 -69.17 -51.64 -9.86
CA GLY C 143 -68.48 -50.39 -10.09
C GLY C 143 -69.44 -49.22 -10.18
N CYS C 144 -69.28 -48.24 -9.29
CA CYS C 144 -70.15 -47.09 -9.30
C CYS C 144 -69.80 -46.19 -10.49
N LEU C 145 -70.81 -45.85 -11.29
CA LEU C 145 -70.57 -45.12 -12.54
C LEU C 145 -70.34 -43.65 -12.20
N VAL C 146 -69.08 -43.31 -11.98
CA VAL C 146 -68.66 -41.94 -11.69
C VAL C 146 -68.10 -41.36 -12.98
N LYS C 147 -68.76 -40.32 -13.50
CA LYS C 147 -68.34 -39.72 -14.77
C LYS C 147 -68.75 -38.26 -14.76
N ASP C 148 -67.76 -37.36 -14.79
CA ASP C 148 -67.99 -35.91 -14.90
C ASP C 148 -68.92 -35.41 -13.80
N TYR C 149 -68.63 -35.78 -12.56
CA TYR C 149 -69.41 -35.31 -11.43
C TYR C 149 -69.22 -33.80 -11.24
N PHE C 150 -70.31 -33.13 -10.87
CA PHE C 150 -70.29 -31.69 -10.59
C PHE C 150 -71.01 -31.47 -9.27
N PRO C 151 -70.39 -30.75 -8.32
CA PRO C 151 -69.08 -30.08 -8.41
C PRO C 151 -67.91 -31.07 -8.36
N GLU C 152 -66.70 -30.59 -8.65
CA GLU C 152 -65.53 -31.47 -8.68
C GLU C 152 -65.29 -32.19 -7.35
N PRO C 153 -65.30 -31.52 -6.18
CA PRO C 153 -65.06 -32.26 -4.93
C PRO C 153 -66.22 -33.15 -4.56
N VAL C 154 -66.02 -34.46 -4.71
CA VAL C 154 -67.03 -35.47 -4.40
C VAL C 154 -66.34 -36.62 -3.67
N THR C 155 -67.07 -37.30 -2.81
CA THR C 155 -66.55 -38.42 -2.03
C THR C 155 -67.31 -39.67 -2.38
N VAL C 156 -66.60 -40.75 -2.65
CA VAL C 156 -67.21 -42.02 -3.01
C VAL C 156 -67.48 -42.80 -1.72
N SER C 157 -68.72 -43.26 -1.57
CA SER C 157 -69.16 -43.98 -0.39
C SER C 157 -69.43 -45.43 -0.72
N TRP C 158 -68.90 -46.33 0.11
CA TRP C 158 -69.11 -47.76 -0.04
C TRP C 158 -69.84 -48.30 1.18
N ASN C 159 -70.94 -49.01 0.96
CA ASN C 159 -71.72 -49.60 2.05
C ASN C 159 -72.33 -50.90 1.54
N SER C 160 -71.65 -52.01 1.83
CA SER C 160 -72.10 -53.34 1.40
C SER C 160 -71.99 -54.36 2.53
N GLY C 161 -72.16 -53.93 3.78
CA GLY C 161 -72.07 -54.80 4.92
C GLY C 161 -70.67 -54.97 5.48
N ALA C 162 -69.66 -54.44 4.82
CA ALA C 162 -68.28 -54.52 5.29
C ALA C 162 -67.51 -53.31 4.76
N LEU C 163 -66.75 -52.67 5.64
CA LEU C 163 -66.01 -51.46 5.28
C LEU C 163 -64.63 -51.86 4.77
N THR C 164 -64.50 -51.98 3.45
CA THR C 164 -63.23 -52.30 2.84
C THR C 164 -62.25 -51.14 2.98
N SER C 165 -60.96 -51.46 2.93
CA SER C 165 -59.89 -50.49 3.10
C SER C 165 -58.87 -50.64 1.99
N GLY C 166 -58.35 -49.49 1.52
CA GLY C 166 -57.30 -49.47 0.53
C GLY C 166 -57.75 -49.50 -0.91
N VAL C 167 -59.06 -49.61 -1.18
CA VAL C 167 -59.56 -49.62 -2.54
C VAL C 167 -60.08 -48.23 -2.88
N HIS C 168 -60.39 -47.45 -1.85
CA HIS C 168 -60.91 -46.09 -2.04
C HIS C 168 -59.78 -45.08 -2.08
N THR C 169 -58.87 -45.28 -3.03
CA THR C 169 -57.72 -44.43 -3.22
C THR C 169 -58.00 -43.43 -4.35
N PHE C 170 -57.00 -42.62 -4.69
CA PHE C 170 -57.11 -41.59 -5.72
C PHE C 170 -56.00 -41.78 -6.74
N PRO C 171 -56.17 -42.70 -7.69
CA PRO C 171 -55.14 -42.92 -8.70
C PRO C 171 -55.17 -41.85 -9.78
N ALA C 172 -53.98 -41.47 -10.24
CA ALA C 172 -53.82 -40.44 -11.26
C ALA C 172 -54.00 -41.07 -12.65
N VAL C 173 -55.25 -41.48 -12.92
CA VAL C 173 -55.56 -42.06 -14.21
C VAL C 173 -55.45 -40.99 -15.29
N LEU C 174 -54.87 -41.37 -16.43
CA LEU C 174 -54.69 -40.43 -17.52
C LEU C 174 -56.05 -39.99 -18.07
N GLN C 175 -56.09 -38.75 -18.56
CA GLN C 175 -57.32 -38.22 -19.12
C GLN C 175 -57.60 -38.86 -20.48
N SER C 176 -58.86 -39.25 -20.69
CA SER C 176 -59.30 -39.73 -21.99
C SER C 176 -59.64 -38.54 -22.89
N SER C 177 -60.25 -38.81 -24.04
CA SER C 177 -60.65 -37.74 -24.95
C SER C 177 -61.88 -37.02 -24.44
N GLY C 178 -61.70 -36.17 -23.43
CA GLY C 178 -62.81 -35.47 -22.83
C GLY C 178 -63.48 -36.19 -21.68
N LEU C 179 -62.76 -37.08 -21.01
CA LEU C 179 -63.33 -37.83 -19.89
C LEU C 179 -62.19 -38.35 -19.04
N TYR C 180 -62.45 -38.50 -17.75
CA TYR C 180 -61.49 -39.07 -16.81
C TYR C 180 -61.96 -40.46 -16.40
N SER C 181 -61.14 -41.47 -16.67
CA SER C 181 -61.48 -42.82 -16.26
C SER C 181 -61.29 -42.99 -14.76
N LEU C 182 -62.26 -43.63 -14.12
CA LEU C 182 -62.18 -43.88 -12.68
C LEU C 182 -63.16 -45.00 -12.36
N SER C 183 -62.65 -46.10 -11.79
CA SER C 183 -63.50 -47.23 -11.45
C SER C 183 -62.87 -47.97 -10.27
N SER C 184 -63.72 -48.31 -9.30
CA SER C 184 -63.32 -49.11 -8.14
C SER C 184 -64.09 -50.42 -8.18
N VAL C 185 -63.37 -51.52 -8.39
CA VAL C 185 -63.96 -52.85 -8.43
C VAL C 185 -63.36 -53.66 -7.29
N VAL C 186 -64.22 -54.19 -6.42
CA VAL C 186 -63.79 -54.98 -5.27
C VAL C 186 -64.64 -56.24 -5.21
N THR C 187 -64.02 -57.36 -4.89
CA THR C 187 -64.71 -58.63 -4.82
C THR C 187 -65.41 -58.78 -3.48
N VAL C 188 -66.72 -58.99 -3.52
CA VAL C 188 -67.53 -59.11 -2.31
C VAL C 188 -68.35 -60.38 -2.40
N PRO C 189 -68.72 -60.99 -1.28
CA PRO C 189 -69.54 -62.21 -1.34
C PRO C 189 -70.94 -61.94 -1.86
N SER C 190 -71.52 -62.97 -2.48
CA SER C 190 -72.86 -62.84 -3.04
C SER C 190 -73.92 -62.69 -1.97
N SER C 191 -73.71 -63.29 -0.79
CA SER C 191 -74.70 -63.21 0.28
C SER C 191 -74.88 -61.78 0.77
N SER C 192 -73.76 -61.06 0.94
CA SER C 192 -73.85 -59.68 1.44
C SER C 192 -74.48 -58.74 0.42
N LEU C 193 -74.37 -59.07 -0.87
CA LEU C 193 -74.98 -58.24 -1.91
C LEU C 193 -76.50 -58.24 -1.80
N GLY C 194 -77.09 -59.41 -1.50
CA GLY C 194 -78.53 -59.51 -1.44
C GLY C 194 -79.18 -58.95 -0.19
N THR C 195 -78.38 -58.57 0.82
CA THR C 195 -78.95 -57.96 2.02
C THR C 195 -79.60 -56.63 1.69
N ALA C 196 -78.93 -55.78 0.92
CA ALA C 196 -79.47 -54.50 0.51
C ALA C 196 -78.74 -54.05 -0.76
N THR C 197 -79.42 -53.22 -1.55
CA THR C 197 -78.83 -52.70 -2.77
C THR C 197 -77.82 -51.60 -2.46
N TYR C 198 -76.70 -51.61 -3.17
CA TYR C 198 -75.68 -50.58 -3.01
C TYR C 198 -76.10 -49.33 -3.77
N THR C 199 -76.21 -48.21 -3.06
CA THR C 199 -76.68 -46.95 -3.62
C THR C 199 -75.57 -45.92 -3.58
N CYS C 200 -75.29 -45.31 -4.72
CA CYS C 200 -74.25 -44.28 -4.84
C CYS C 200 -74.85 -42.94 -4.41
N ASN C 201 -74.59 -42.57 -3.16
CA ASN C 201 -75.18 -41.38 -2.56
C ASN C 201 -74.55 -40.09 -3.06
N VAL C 202 -74.57 -39.88 -4.38
CA VAL C 202 -74.04 -38.65 -4.95
C VAL C 202 -74.88 -37.46 -4.50
N ASP C 203 -74.21 -36.32 -4.33
CA ASP C 203 -74.87 -35.08 -3.91
C ASP C 203 -75.64 -34.44 -5.06
N HIS C 204 -76.71 -35.10 -5.51
CA HIS C 204 -77.50 -34.60 -6.62
C HIS C 204 -78.98 -34.70 -6.26
N LYS C 205 -79.61 -33.55 -6.02
CA LYS C 205 -81.02 -33.54 -5.64
C LYS C 205 -81.96 -34.05 -6.72
N PRO C 206 -81.89 -33.61 -7.97
CA PRO C 206 -82.89 -34.03 -8.97
C PRO C 206 -82.75 -35.48 -9.43
N SER C 207 -81.69 -36.17 -9.03
CA SER C 207 -81.56 -37.57 -9.40
C SER C 207 -82.58 -38.43 -8.65
N ASN C 208 -83.22 -39.34 -9.37
CA ASN C 208 -84.22 -40.23 -8.79
C ASN C 208 -84.05 -41.62 -9.38
N THR C 209 -84.02 -42.63 -8.50
CA THR C 209 -83.83 -44.01 -8.91
C THR C 209 -84.88 -44.88 -8.25
N LYS C 210 -85.48 -45.77 -9.03
CA LYS C 210 -86.43 -46.74 -8.51
C LYS C 210 -85.70 -48.03 -8.13
N VAL C 211 -86.32 -48.79 -7.22
CA VAL C 211 -85.75 -50.04 -6.73
C VAL C 211 -86.59 -51.19 -7.28
N ASP C 212 -85.94 -52.11 -7.98
CA ASP C 212 -86.59 -53.28 -8.56
C ASP C 212 -86.11 -54.51 -7.80
N LYS C 213 -87.02 -55.17 -7.11
CA LYS C 213 -86.73 -56.39 -6.37
C LYS C 213 -87.10 -57.60 -7.22
N ARG C 214 -86.17 -58.55 -7.35
CA ARG C 214 -86.37 -59.75 -8.14
C ARG C 214 -86.08 -60.97 -7.27
N VAL C 215 -86.99 -61.93 -7.30
CA VAL C 215 -86.82 -63.16 -6.53
C VAL C 215 -86.92 -64.39 -7.44
C1 NAG D . 55.51 20.75 8.82
C2 NAG D . 54.70 20.09 9.95
C3 NAG D . 54.69 18.58 9.77
C4 NAG D . 53.95 18.25 8.49
C5 NAG D . 54.86 18.69 7.36
C6 NAG D . 54.25 18.48 5.99
C7 NAG D . 54.45 20.71 12.31
C8 NAG D . 55.16 21.06 13.58
N2 NAG D . 55.23 20.44 11.26
O3 NAG D . 54.06 17.98 10.89
O4 NAG D . 53.76 16.83 8.40
O5 NAG D . 55.18 20.09 7.47
O6 NAG D . 55.15 18.89 4.96
O7 NAG D . 53.23 20.66 12.24
C1 NAG D . 52.39 16.47 8.69
C2 NAG D . 52.42 15.25 9.59
C3 NAG D . 51.01 14.81 9.90
C4 NAG D . 50.21 15.95 10.49
C5 NAG D . 50.30 17.20 9.61
C6 NAG D . 49.68 18.42 10.25
C7 NAG D . 54.26 13.62 9.55
C8 NAG D . 54.92 12.53 8.77
N2 NAG D . 53.18 14.17 8.97
O3 NAG D . 51.04 13.71 10.81
O4 NAG D . 48.84 15.58 10.61
O5 NAG D . 51.68 17.53 9.34
O6 NAG D . 48.39 18.14 10.78
O7 NAG D . 54.69 14.01 10.63
C1 NAG E . -1.64 -13.49 30.56
C2 NAG E . -1.32 -13.04 29.14
C3 NAG E . -0.58 -14.14 28.39
C4 NAG E . 0.64 -14.60 29.19
C5 NAG E . 0.27 -14.94 30.62
C6 NAG E . 1.47 -15.22 31.50
C7 NAG E . -2.60 -11.55 27.66
C8 NAG E . -3.93 -11.30 27.01
N2 NAG E . -2.52 -12.65 28.43
O3 NAG E . -0.19 -13.67 27.11
O4 NAG E . 1.22 -15.75 28.57
O5 NAG E . -0.43 -13.84 31.23
O6 NAG E . 1.45 -14.43 32.68
O7 NAG E . -1.64 -10.81 27.50
C1 NAG E . 0.25 -16.81 28.47
C2 NAG E . 0.33 -17.43 27.07
C3 NAG E . -0.65 -18.58 26.95
C4 NAG E . -0.43 -19.60 28.07
C5 NAG E . -0.47 -18.89 29.42
C6 NAG E . -0.13 -19.81 30.58
C7 NAG E . 0.76 -16.37 24.89
C8 NAG E . 0.38 -15.27 23.96
N2 NAG E . 0.09 -16.43 26.05
O3 NAG E . -0.48 -19.22 25.69
O4 NAG E . -1.44 -20.60 28.02
O5 NAG E . 0.49 -17.83 29.46
O6 NAG E . -0.36 -21.18 30.25
O7 NAG E . 1.64 -17.17 24.63
#